data_2RN4
#
_entry.id   2RN4
#
_entity_poly.entity_id   1
_entity_poly.type   'polypeptide(L)'
_entity_poly.pdbx_seq_one_letter_code
;SSLILLSASDLAGQWTLQQDEAPAICHLELRDSEVAEASGYDLGGDTACLTRWLPSEPRAWRPTPAGIALLERGGLTLML
LGRQGEGDYRVQKGDGGQLVLRRATP
;
_entity_poly.pdbx_strand_id   A
#
# COMPACT_ATOMS: atom_id res chain seq x y z
N SER A 1 12.61 22.82 -13.41
CA SER A 1 11.50 23.37 -12.59
C SER A 1 10.17 22.94 -13.18
N SER A 2 10.18 22.41 -14.37
CA SER A 2 8.90 21.98 -15.01
C SER A 2 8.65 20.50 -14.70
N LEU A 3 9.44 19.93 -13.83
CA LEU A 3 9.24 18.49 -13.47
C LEU A 3 7.78 18.25 -13.10
N ILE A 4 7.22 17.16 -13.53
CA ILE A 4 5.80 16.87 -13.20
C ILE A 4 5.70 16.35 -11.76
N LEU A 5 5.11 17.11 -10.89
CA LEU A 5 4.99 16.65 -9.47
C LEU A 5 3.77 15.73 -9.33
N LEU A 6 2.60 16.29 -9.27
CA LEU A 6 1.37 15.45 -9.13
C LEU A 6 1.37 14.38 -10.23
N SER A 7 1.93 13.23 -9.95
CA SER A 7 1.97 12.15 -10.97
C SER A 7 0.77 11.23 -10.78
N ALA A 8 0.96 10.12 -10.11
CA ALA A 8 -0.18 9.18 -9.88
C ALA A 8 -1.34 9.93 -9.22
N SER A 9 -2.54 9.73 -9.70
CA SER A 9 -3.71 10.43 -9.10
C SER A 9 -4.93 9.51 -9.14
N ASP A 10 -5.18 8.89 -10.27
CA ASP A 10 -6.36 7.99 -10.37
C ASP A 10 -6.26 6.89 -9.31
N LEU A 11 -5.11 6.77 -8.68
CA LEU A 11 -4.96 5.73 -7.63
C LEU A 11 -5.61 6.21 -6.33
N ALA A 12 -5.72 7.50 -6.17
CA ALA A 12 -6.34 8.05 -4.93
C ALA A 12 -7.70 7.37 -4.71
N GLY A 13 -8.16 7.34 -3.49
CA GLY A 13 -9.48 6.70 -3.20
C GLY A 13 -9.42 6.00 -1.85
N GLN A 14 -10.30 5.06 -1.63
CA GLN A 14 -10.31 4.31 -0.34
C GLN A 14 -10.02 2.84 -0.65
N TRP A 15 -9.34 2.16 0.23
CA TRP A 15 -9.03 0.73 -0.03
C TRP A 15 -9.06 -0.04 1.28
N THR A 16 -8.97 -1.34 1.21
CA THR A 16 -8.99 -2.16 2.46
C THR A 16 -8.03 -3.34 2.29
N LEU A 17 -7.65 -3.96 3.38
CA LEU A 17 -6.72 -5.13 3.30
C LEU A 17 -7.45 -6.37 3.81
N GLN A 18 -7.11 -7.52 3.29
CA GLN A 18 -7.79 -8.78 3.75
C GLN A 18 -6.74 -9.86 4.00
N GLN A 19 -6.60 -10.29 5.22
CA GLN A 19 -5.59 -11.34 5.54
C GLN A 19 -6.30 -12.69 5.64
N ASP A 20 -6.02 -13.60 4.73
CA ASP A 20 -6.68 -14.93 4.80
C ASP A 20 -6.09 -15.74 5.96
N GLU A 21 -6.62 -16.89 6.24
CA GLU A 21 -6.09 -17.72 7.35
C GLU A 21 -6.07 -16.91 8.65
N ALA A 22 -6.55 -15.70 8.62
CA ALA A 22 -6.55 -14.87 9.86
C ALA A 22 -7.65 -13.80 9.76
N PRO A 23 -8.87 -14.13 10.09
CA PRO A 23 -10.01 -13.17 10.01
C PRO A 23 -9.65 -11.80 10.61
N ALA A 24 -9.45 -10.82 9.76
CA ALA A 24 -9.10 -9.46 10.27
C ALA A 24 -9.02 -8.49 9.08
N ILE A 25 -9.80 -7.45 9.10
CA ILE A 25 -9.78 -6.46 7.98
C ILE A 25 -9.18 -5.14 8.48
N CYS A 26 -8.73 -4.30 7.58
CA CYS A 26 -8.14 -3.01 8.00
C CYS A 26 -8.42 -1.93 6.95
N HIS A 27 -8.98 -0.83 7.35
CA HIS A 27 -9.27 0.26 6.38
C HIS A 27 -7.95 0.96 6.02
N LEU A 28 -7.68 1.14 4.76
CA LEU A 28 -6.42 1.80 4.34
C LEU A 28 -6.75 3.03 3.46
N GLU A 29 -5.92 4.03 3.50
CA GLU A 29 -6.18 5.26 2.68
C GLU A 29 -4.94 5.59 1.85
N LEU A 30 -5.06 5.50 0.56
CA LEU A 30 -3.90 5.80 -0.33
C LEU A 30 -3.90 7.31 -0.63
N ARG A 31 -3.03 8.05 0.00
CA ARG A 31 -3.00 9.52 -0.26
C ARG A 31 -2.36 9.79 -1.62
N ASP A 32 -2.63 10.94 -2.19
CA ASP A 32 -2.04 11.27 -3.53
C ASP A 32 -0.98 12.37 -3.36
N SER A 33 -0.57 12.61 -2.15
CA SER A 33 0.48 13.66 -1.92
C SER A 33 1.85 13.10 -2.31
N GLU A 34 2.76 13.94 -2.69
CA GLU A 34 4.11 13.44 -3.08
C GLU A 34 5.01 13.37 -1.84
N VAL A 35 5.89 12.40 -1.80
CA VAL A 35 6.79 12.26 -0.62
C VAL A 35 8.22 11.96 -1.10
N ALA A 36 9.12 12.89 -0.96
CA ALA A 36 10.52 12.66 -1.42
C ALA A 36 11.29 11.86 -0.36
N GLU A 37 10.92 11.97 0.89
CA GLU A 37 11.63 11.22 1.95
C GLU A 37 11.61 9.72 1.59
N ALA A 38 10.54 9.26 1.01
CA ALA A 38 10.44 7.83 0.63
C ALA A 38 10.27 7.71 -0.89
N SER A 39 10.23 8.82 -1.56
CA SER A 39 10.06 8.79 -3.03
C SER A 39 8.75 8.10 -3.38
N GLY A 40 7.69 8.45 -2.69
CA GLY A 40 6.38 7.81 -2.98
C GLY A 40 5.25 8.71 -2.48
N TYR A 41 4.15 8.13 -2.07
CA TYR A 41 3.00 8.93 -1.57
C TYR A 41 2.69 8.56 -0.13
N ASP A 42 2.13 9.47 0.62
CA ASP A 42 1.83 9.20 2.05
C ASP A 42 0.82 8.03 2.20
N LEU A 43 0.75 7.48 3.38
CA LEU A 43 -0.19 6.34 3.64
C LEU A 43 -0.98 6.60 4.93
N GLY A 44 -2.08 7.29 4.84
CA GLY A 44 -2.89 7.56 6.07
C GLY A 44 -3.76 6.33 6.38
N GLY A 45 -4.60 6.44 7.37
CA GLY A 45 -5.49 5.29 7.72
C GLY A 45 -4.86 4.48 8.86
N ASP A 46 -5.44 3.35 9.18
CA ASP A 46 -4.89 2.49 10.25
C ASP A 46 -3.75 1.67 9.66
N THR A 47 -2.56 2.12 9.81
CA THR A 47 -1.40 1.36 9.28
C THR A 47 -0.88 0.49 10.41
N ALA A 48 -1.35 0.77 11.59
CA ALA A 48 -0.90 -0.01 12.78
C ALA A 48 -1.25 -1.49 12.59
N CYS A 49 -2.45 -1.77 12.17
CA CYS A 49 -2.88 -3.19 11.99
C CYS A 49 -1.93 -3.92 11.06
N LEU A 50 -1.00 -3.23 10.47
CA LEU A 50 -0.05 -3.90 9.55
C LEU A 50 1.18 -4.38 10.34
N THR A 51 1.29 -3.95 11.57
CA THR A 51 2.46 -4.37 12.41
C THR A 51 2.44 -5.89 12.58
N ARG A 52 1.53 -6.56 11.94
CA ARG A 52 1.45 -8.05 12.05
C ARG A 52 1.77 -8.65 10.69
N TRP A 53 1.77 -7.85 9.65
CA TRP A 53 2.08 -8.36 8.29
C TRP A 53 3.32 -7.63 7.75
N LEU A 54 3.80 -6.65 8.49
CA LEU A 54 4.99 -5.88 8.04
C LEU A 54 5.91 -5.69 9.26
N PRO A 55 7.20 -5.48 9.05
CA PRO A 55 8.16 -5.29 10.19
C PRO A 55 8.08 -3.87 10.76
N SER A 56 7.43 -2.97 10.08
CA SER A 56 7.34 -1.57 10.58
C SER A 56 6.05 -0.94 10.04
N GLU A 57 5.55 0.07 10.70
CA GLU A 57 4.29 0.72 10.23
C GLU A 57 4.59 1.57 8.98
N PRO A 58 4.04 1.24 7.83
CA PRO A 58 4.30 2.01 6.58
C PRO A 58 3.67 3.41 6.60
N ARG A 59 4.49 4.41 6.48
CA ARG A 59 3.96 5.80 6.47
C ARG A 59 3.89 6.29 5.03
N ALA A 60 4.37 5.49 4.11
CA ALA A 60 4.33 5.90 2.68
C ALA A 60 4.33 4.67 1.77
N TRP A 61 4.03 4.85 0.52
CA TRP A 61 4.02 3.70 -0.44
C TRP A 61 4.49 4.22 -1.80
N ARG A 62 5.02 3.34 -2.63
CA ARG A 62 5.52 3.79 -3.97
C ARG A 62 5.01 2.85 -5.07
N PRO A 63 4.04 3.27 -5.87
CA PRO A 63 3.52 2.41 -6.97
C PRO A 63 4.62 2.02 -7.96
N THR A 64 4.84 0.75 -8.18
CA THR A 64 5.88 0.32 -9.14
C THR A 64 5.21 -0.10 -10.45
N PRO A 65 5.94 -0.10 -11.54
CA PRO A 65 5.38 -0.48 -12.87
C PRO A 65 5.03 -1.97 -12.94
N ALA A 66 4.73 -2.57 -11.83
CA ALA A 66 4.37 -4.03 -11.84
C ALA A 66 3.80 -4.42 -10.48
N GLY A 67 3.28 -3.47 -9.74
CA GLY A 67 2.70 -3.80 -8.40
C GLY A 67 2.88 -2.61 -7.46
N ILE A 68 2.33 -2.69 -6.28
CA ILE A 68 2.46 -1.57 -5.31
C ILE A 68 3.51 -1.91 -4.25
N ALA A 69 4.22 -0.93 -3.77
CA ALA A 69 5.27 -1.18 -2.73
C ALA A 69 4.99 -0.33 -1.50
N LEU A 70 5.24 -0.86 -0.32
CA LEU A 70 4.99 -0.09 0.92
C LEU A 70 6.34 0.34 1.52
N LEU A 71 6.48 1.59 1.87
CA LEU A 71 7.77 2.08 2.46
C LEU A 71 7.56 2.48 3.92
N GLU A 72 8.62 2.74 4.63
CA GLU A 72 8.49 3.14 6.06
C GLU A 72 9.00 4.57 6.26
N ARG A 73 9.05 5.35 5.22
CA ARG A 73 9.53 6.76 5.33
C ARG A 73 11.06 6.77 5.39
N GLY A 74 11.70 5.85 4.71
CA GLY A 74 13.19 5.81 4.74
C GLY A 74 13.69 5.20 3.43
N GLY A 75 12.80 4.70 2.62
CA GLY A 75 13.22 4.09 1.32
C GLY A 75 13.31 2.57 1.46
N LEU A 76 13.12 2.07 2.65
CA LEU A 76 13.20 0.60 2.86
C LEU A 76 11.87 -0.04 2.47
N THR A 77 11.78 -0.60 1.30
CA THR A 77 10.50 -1.24 0.88
C THR A 77 10.11 -2.34 1.87
N LEU A 78 8.92 -2.32 2.38
CA LEU A 78 8.49 -3.35 3.36
C LEU A 78 7.84 -4.53 2.62
N MET A 79 7.04 -4.26 1.62
CA MET A 79 6.38 -5.38 0.89
C MET A 79 6.01 -4.95 -0.52
N LEU A 80 6.14 -5.85 -1.47
CA LEU A 80 5.81 -5.52 -2.88
C LEU A 80 4.48 -6.20 -3.25
N LEU A 81 3.41 -5.47 -3.28
CA LEU A 81 2.10 -6.07 -3.64
C LEU A 81 2.04 -6.21 -5.17
N GLY A 82 1.83 -7.39 -5.66
CA GLY A 82 1.79 -7.57 -7.13
C GLY A 82 0.35 -7.47 -7.64
N ARG A 83 0.14 -6.73 -8.69
CA ARG A 83 -1.23 -6.59 -9.25
C ARG A 83 -1.65 -7.92 -9.86
N GLN A 84 -2.69 -8.52 -9.34
CA GLN A 84 -3.16 -9.82 -9.89
C GLN A 84 -4.28 -9.52 -10.90
N GLY A 85 -4.97 -8.43 -10.70
CA GLY A 85 -6.08 -8.06 -11.63
C GLY A 85 -6.50 -6.62 -11.33
N GLU A 86 -6.47 -5.75 -12.32
CA GLU A 86 -6.86 -4.32 -12.14
C GLU A 86 -7.79 -4.13 -10.93
N GLY A 87 -7.24 -3.78 -9.80
CA GLY A 87 -8.08 -3.57 -8.58
C GLY A 87 -8.01 -4.82 -7.69
N ASP A 88 -7.03 -5.65 -7.91
CA ASP A 88 -6.88 -6.87 -7.08
C ASP A 88 -5.41 -7.22 -6.98
N TYR A 89 -4.79 -6.85 -5.88
CA TYR A 89 -3.33 -7.13 -5.71
C TYR A 89 -3.19 -8.18 -4.60
N ARG A 90 -2.27 -9.09 -4.76
CA ARG A 90 -2.08 -10.13 -3.72
C ARG A 90 -0.58 -10.38 -3.54
N VAL A 91 -0.19 -10.80 -2.37
CA VAL A 91 1.25 -11.07 -2.12
C VAL A 91 1.39 -12.28 -1.19
N GLN A 92 2.41 -13.09 -1.40
CA GLN A 92 2.59 -14.28 -0.53
C GLN A 92 3.58 -13.93 0.60
N LYS A 93 3.21 -14.19 1.82
CA LYS A 93 4.11 -13.89 2.97
C LYS A 93 4.20 -15.10 3.89
N GLY A 94 5.29 -15.24 4.60
CA GLY A 94 5.43 -16.40 5.52
C GLY A 94 4.25 -16.45 6.48
N ASP A 95 4.28 -17.32 7.45
CA ASP A 95 3.14 -17.41 8.41
C ASP A 95 1.94 -18.07 7.71
N GLY A 96 1.78 -17.83 6.44
CA GLY A 96 0.63 -18.43 5.71
C GLY A 96 -0.55 -17.45 5.69
N GLY A 97 -0.28 -16.20 5.41
CA GLY A 97 -1.37 -15.17 5.38
C GLY A 97 -1.37 -14.47 4.02
N GLN A 98 -2.52 -14.40 3.40
CA GLN A 98 -2.60 -13.74 2.05
C GLN A 98 -3.22 -12.36 2.19
N LEU A 99 -2.51 -11.35 1.80
CA LEU A 99 -3.06 -9.97 1.89
C LEU A 99 -3.77 -9.66 0.58
N VAL A 100 -4.81 -8.88 0.63
CA VAL A 100 -5.55 -8.53 -0.61
C VAL A 100 -6.00 -7.06 -0.56
N LEU A 101 -5.46 -6.24 -1.42
CA LEU A 101 -5.86 -4.80 -1.42
C LEU A 101 -6.88 -4.56 -2.51
N ARG A 102 -8.08 -4.15 -2.16
CA ARG A 102 -9.12 -3.91 -3.20
C ARG A 102 -9.88 -2.63 -2.84
N ARG A 103 -10.11 -1.77 -3.79
CA ARG A 103 -10.82 -0.50 -3.51
C ARG A 103 -12.05 -0.77 -2.64
N ALA A 104 -12.17 -0.06 -1.55
CA ALA A 104 -13.34 -0.28 -0.65
C ALA A 104 -14.63 -0.22 -1.47
N THR A 105 -15.16 -1.35 -1.86
CA THR A 105 -16.41 -1.36 -2.65
C THR A 105 -17.59 -0.91 -1.78
N PRO A 106 -17.68 -1.39 -0.57
CA PRO A 106 -18.78 -1.04 0.36
C PRO A 106 -18.46 0.22 1.17
N SER A 1 6.59 28.22 -13.89
CA SER A 1 7.03 27.00 -14.62
C SER A 1 8.26 26.42 -13.92
N SER A 2 8.14 26.08 -12.67
CA SER A 2 9.30 25.51 -11.93
C SER A 2 9.27 23.98 -12.04
N LEU A 3 8.55 23.33 -11.17
CA LEU A 3 8.48 21.84 -11.22
C LEU A 3 7.31 21.42 -12.11
N ILE A 4 7.60 20.94 -13.30
CA ILE A 4 6.51 20.52 -14.22
C ILE A 4 6.26 19.01 -14.04
N LEU A 5 6.52 18.49 -12.87
CA LEU A 5 6.29 17.04 -12.63
C LEU A 5 4.89 16.83 -12.04
N LEU A 6 4.06 16.06 -12.69
CA LEU A 6 2.69 15.82 -12.16
C LEU A 6 2.68 14.54 -11.33
N SER A 7 1.87 14.49 -10.30
CA SER A 7 1.81 13.27 -9.45
C SER A 7 0.67 12.37 -9.93
N ALA A 8 0.28 11.41 -9.13
CA ALA A 8 -0.83 10.50 -9.53
C ALA A 8 -2.17 11.10 -9.10
N SER A 9 -3.26 10.61 -9.63
CA SER A 9 -4.59 11.15 -9.25
C SER A 9 -5.61 10.01 -9.23
N ASP A 10 -5.73 9.29 -10.31
CA ASP A 10 -6.72 8.16 -10.35
C ASP A 10 -6.44 7.19 -9.21
N LEU A 11 -5.27 7.27 -8.63
CA LEU A 11 -4.92 6.35 -7.51
C LEU A 11 -4.92 7.15 -6.19
N ALA A 12 -6.02 7.12 -5.48
CA ALA A 12 -6.09 7.87 -4.19
C ALA A 12 -6.21 6.89 -3.03
N GLY A 13 -7.19 7.06 -2.17
CA GLY A 13 -7.35 6.13 -1.02
C GLY A 13 -8.75 5.55 -1.06
N GLN A 14 -8.92 4.35 -0.52
CA GLN A 14 -10.25 3.66 -0.49
C GLN A 14 -9.96 2.17 -0.64
N TRP A 15 -9.30 1.56 0.31
CA TRP A 15 -9.00 0.10 0.19
C TRP A 15 -9.06 -0.56 1.56
N THR A 16 -8.95 -1.86 1.58
CA THR A 16 -8.98 -2.61 2.86
C THR A 16 -7.98 -3.77 2.76
N LEU A 17 -7.54 -4.30 3.87
CA LEU A 17 -6.59 -5.45 3.83
C LEU A 17 -7.33 -6.72 4.25
N GLN A 18 -7.05 -7.82 3.62
CA GLN A 18 -7.76 -9.08 3.99
C GLN A 18 -6.81 -10.26 3.89
N GLN A 19 -6.63 -10.97 4.97
CA GLN A 19 -5.72 -12.16 4.94
C GLN A 19 -6.58 -13.42 4.81
N ASP A 20 -6.45 -14.17 3.74
CA ASP A 20 -7.27 -15.40 3.57
C ASP A 20 -8.71 -15.11 4.01
N GLU A 21 -9.13 -15.59 5.15
CA GLU A 21 -10.53 -15.30 5.60
C GLU A 21 -10.57 -13.83 6.06
N ALA A 22 -9.52 -13.38 6.72
CA ALA A 22 -9.43 -11.97 7.21
C ALA A 22 -10.03 -11.84 8.62
N PRO A 23 -9.51 -12.56 9.58
CA PRO A 23 -9.99 -12.48 10.98
C PRO A 23 -10.09 -11.03 11.46
N ALA A 24 -9.16 -10.21 11.02
CA ALA A 24 -9.17 -8.77 11.42
C ALA A 24 -9.30 -7.91 10.16
N ILE A 25 -10.25 -7.00 10.14
CA ILE A 25 -10.42 -6.14 8.94
C ILE A 25 -9.79 -4.77 9.18
N CYS A 26 -8.67 -4.51 8.54
CA CYS A 26 -8.00 -3.19 8.72
C CYS A 26 -8.34 -2.29 7.54
N HIS A 27 -8.88 -1.13 7.81
CA HIS A 27 -9.22 -0.19 6.71
C HIS A 27 -7.96 0.55 6.29
N LEU A 28 -7.68 0.62 5.02
CA LEU A 28 -6.46 1.33 4.55
C LEU A 28 -6.85 2.48 3.61
N GLU A 29 -6.06 3.50 3.56
CA GLU A 29 -6.37 4.66 2.66
C GLU A 29 -5.08 5.13 2.01
N LEU A 30 -5.00 5.04 0.72
CA LEU A 30 -3.78 5.47 0.00
C LEU A 30 -3.87 6.97 -0.29
N ARG A 31 -2.93 7.75 0.18
CA ARG A 31 -2.99 9.21 -0.09
C ARG A 31 -2.24 9.53 -1.38
N ASP A 32 -2.70 10.50 -2.13
CA ASP A 32 -2.00 10.85 -3.39
C ASP A 32 -0.93 11.90 -3.11
N SER A 33 -0.55 12.06 -1.88
CA SER A 33 0.49 13.07 -1.54
C SER A 33 1.86 12.50 -1.90
N GLU A 34 2.58 13.17 -2.76
CA GLU A 34 3.94 12.66 -3.15
C GLU A 34 4.89 12.78 -1.96
N VAL A 35 5.90 11.95 -1.92
CA VAL A 35 6.88 11.99 -0.78
C VAL A 35 8.30 11.83 -1.34
N ALA A 36 9.09 12.87 -1.25
CA ALA A 36 10.49 12.78 -1.77
C ALA A 36 11.36 11.96 -0.80
N GLU A 37 11.03 11.95 0.46
CA GLU A 37 11.85 11.17 1.43
C GLU A 37 11.68 9.69 1.13
N ALA A 38 10.48 9.25 0.91
CA ALA A 38 10.26 7.81 0.60
C ALA A 38 10.26 7.62 -0.91
N SER A 39 10.24 8.69 -1.64
CA SER A 39 10.25 8.59 -3.12
C SER A 39 9.01 7.84 -3.58
N GLY A 40 7.85 8.22 -3.11
CA GLY A 40 6.60 7.52 -3.53
C GLY A 40 5.38 8.37 -3.15
N TYR A 41 4.44 7.78 -2.47
CA TYR A 41 3.20 8.52 -2.08
C TYR A 41 2.93 8.28 -0.59
N ASP A 42 2.30 9.23 0.06
CA ASP A 42 2.02 9.09 1.52
C ASP A 42 0.95 8.02 1.78
N LEU A 43 0.80 7.65 3.03
CA LEU A 43 -0.23 6.64 3.42
C LEU A 43 -1.09 7.20 4.55
N GLY A 44 -2.38 7.05 4.44
CA GLY A 44 -3.31 7.55 5.50
C GLY A 44 -4.29 6.43 5.85
N GLY A 45 -4.72 6.37 7.08
CA GLY A 45 -5.67 5.30 7.49
C GLY A 45 -5.13 4.60 8.74
N ASP A 46 -5.39 3.33 8.87
CA ASP A 46 -4.88 2.58 10.05
C ASP A 46 -3.55 1.92 9.69
N THR A 47 -2.48 2.63 9.89
CA THR A 47 -1.15 2.04 9.59
C THR A 47 -0.63 1.41 10.87
N ALA A 48 -1.36 1.60 11.94
CA ALA A 48 -0.96 1.02 13.25
C ALA A 48 -1.53 -0.40 13.38
N CYS A 49 -1.92 -0.99 12.28
CA CYS A 49 -2.48 -2.38 12.32
C CYS A 49 -1.57 -3.26 11.46
N LEU A 50 -1.08 -2.72 10.39
CA LEU A 50 -0.19 -3.50 9.48
C LEU A 50 1.05 -3.95 10.26
N THR A 51 1.14 -3.60 11.52
CA THR A 51 2.33 -4.00 12.33
C THR A 51 2.31 -5.52 12.50
N ARG A 52 1.24 -6.17 12.12
CA ARG A 52 1.16 -7.65 12.26
C ARG A 52 1.54 -8.31 10.94
N TRP A 53 1.39 -7.60 9.85
CA TRP A 53 1.73 -8.18 8.51
C TRP A 53 3.00 -7.51 7.98
N LEU A 54 3.36 -6.36 8.51
CA LEU A 54 4.58 -5.66 8.06
C LEU A 54 5.54 -5.52 9.26
N PRO A 55 6.84 -5.44 9.03
CA PRO A 55 7.83 -5.32 10.13
C PRO A 55 7.83 -3.92 10.75
N SER A 56 7.08 -3.01 10.19
CA SER A 56 7.04 -1.62 10.74
C SER A 56 5.81 -0.90 10.20
N GLU A 57 5.47 0.23 10.76
CA GLU A 57 4.28 0.99 10.27
C GLU A 57 4.64 1.71 8.95
N PRO A 58 3.93 1.45 7.87
CA PRO A 58 4.23 2.10 6.56
C PRO A 58 3.75 3.55 6.48
N ARG A 59 4.64 4.46 6.20
CA ARG A 59 4.25 5.89 6.10
C ARG A 59 4.15 6.27 4.62
N ALA A 60 4.74 5.50 3.74
CA ALA A 60 4.66 5.85 2.29
C ALA A 60 4.61 4.57 1.43
N TRP A 61 4.09 4.69 0.24
CA TRP A 61 3.99 3.53 -0.69
C TRP A 61 4.43 3.99 -2.09
N ARG A 62 5.08 3.13 -2.82
CA ARG A 62 5.57 3.51 -4.19
C ARG A 62 5.05 2.51 -5.25
N PRO A 63 4.01 2.86 -5.99
CA PRO A 63 3.45 1.96 -7.04
C PRO A 63 4.49 1.66 -8.13
N THR A 64 4.65 0.42 -8.49
CA THR A 64 5.62 0.05 -9.56
C THR A 64 4.85 -0.51 -10.76
N PRO A 65 5.43 -0.46 -11.93
CA PRO A 65 4.77 -0.97 -13.18
C PRO A 65 4.53 -2.49 -13.11
N ALA A 66 4.38 -3.05 -11.95
CA ALA A 66 4.14 -4.51 -11.86
C ALA A 66 3.81 -4.91 -10.41
N GLY A 67 3.35 -3.98 -9.61
CA GLY A 67 3.00 -4.32 -8.20
C GLY A 67 3.08 -3.07 -7.32
N ILE A 68 2.54 -3.16 -6.12
CA ILE A 68 2.56 -2.00 -5.18
C ILE A 68 3.54 -2.28 -4.04
N ALA A 69 4.44 -1.36 -3.76
CA ALA A 69 5.43 -1.58 -2.66
C ALA A 69 5.12 -0.66 -1.48
N LEU A 70 5.53 -1.05 -0.31
CA LEU A 70 5.30 -0.21 0.89
C LEU A 70 6.65 0.20 1.47
N LEU A 71 6.76 1.39 2.00
CA LEU A 71 8.06 1.85 2.56
C LEU A 71 7.90 2.22 4.03
N GLU A 72 8.99 2.31 4.76
CA GLU A 72 8.91 2.68 6.20
C GLU A 72 9.35 4.14 6.40
N ARG A 73 9.23 4.95 5.38
CA ARG A 73 9.65 6.38 5.49
C ARG A 73 11.17 6.48 5.34
N GLY A 74 11.77 5.60 4.60
CA GLY A 74 13.25 5.65 4.42
C GLY A 74 13.64 4.98 3.11
N GLY A 75 12.70 4.81 2.21
CA GLY A 75 13.05 4.16 0.91
C GLY A 75 13.26 2.66 1.10
N LEU A 76 13.15 2.18 2.31
CA LEU A 76 13.35 0.72 2.56
C LEU A 76 12.05 -0.02 2.26
N THR A 77 11.94 -0.58 1.09
CA THR A 77 10.69 -1.32 0.73
C THR A 77 10.41 -2.37 1.81
N LEU A 78 9.17 -2.53 2.19
CA LEU A 78 8.81 -3.54 3.23
C LEU A 78 8.15 -4.75 2.57
N MET A 79 7.17 -4.51 1.73
CA MET A 79 6.47 -5.65 1.07
C MET A 79 6.09 -5.28 -0.36
N LEU A 80 6.37 -6.15 -1.29
CA LEU A 80 6.03 -5.88 -2.72
C LEU A 80 4.71 -6.56 -3.07
N LEU A 81 3.63 -5.84 -3.04
CA LEU A 81 2.32 -6.46 -3.39
C LEU A 81 2.23 -6.59 -4.91
N GLY A 82 2.07 -7.78 -5.40
CA GLY A 82 2.00 -7.97 -6.88
C GLY A 82 0.56 -7.84 -7.38
N ARG A 83 0.35 -7.01 -8.36
CA ARG A 83 -1.03 -6.83 -8.90
C ARG A 83 -1.43 -8.11 -9.63
N GLN A 84 -2.41 -8.81 -9.14
CA GLN A 84 -2.87 -10.05 -9.81
C GLN A 84 -4.03 -9.72 -10.75
N GLY A 85 -4.69 -8.61 -10.52
CA GLY A 85 -5.83 -8.23 -11.39
C GLY A 85 -6.33 -6.84 -10.98
N GLU A 86 -6.47 -5.94 -11.93
CA GLU A 86 -6.94 -4.54 -11.64
C GLU A 86 -7.82 -4.49 -10.38
N GLY A 87 -7.24 -4.17 -9.25
CA GLY A 87 -8.02 -4.09 -8.00
C GLY A 87 -7.89 -5.38 -7.19
N ASP A 88 -6.89 -6.17 -7.50
CA ASP A 88 -6.70 -7.44 -6.76
C ASP A 88 -5.20 -7.74 -6.66
N TYR A 89 -4.58 -7.27 -5.62
CA TYR A 89 -3.11 -7.52 -5.45
C TYR A 89 -2.94 -8.62 -4.40
N ARG A 90 -2.00 -9.49 -4.62
CA ARG A 90 -1.79 -10.60 -3.65
C ARG A 90 -0.28 -10.85 -3.50
N VAL A 91 0.13 -11.35 -2.38
CA VAL A 91 1.58 -11.63 -2.18
C VAL A 91 1.74 -12.85 -1.28
N GLN A 92 2.80 -13.60 -1.47
CA GLN A 92 3.02 -14.80 -0.63
C GLN A 92 4.00 -14.48 0.50
N LYS A 93 3.67 -14.86 1.71
CA LYS A 93 4.60 -14.58 2.85
C LYS A 93 4.95 -15.89 3.55
N GLY A 94 4.16 -16.91 3.37
CA GLY A 94 4.45 -18.22 4.01
C GLY A 94 4.59 -18.02 5.52
N ASP A 95 3.70 -17.28 6.12
CA ASP A 95 3.77 -17.05 7.58
C ASP A 95 2.36 -16.81 8.14
N GLY A 96 1.75 -15.72 7.78
CA GLY A 96 0.38 -15.43 8.27
C GLY A 96 -0.64 -15.96 7.26
N GLY A 97 -0.30 -15.93 6.00
CA GLY A 97 -1.25 -16.44 4.96
C GLY A 97 -1.13 -15.58 3.69
N GLN A 98 -2.21 -15.41 2.99
CA GLN A 98 -2.18 -14.61 1.73
C GLN A 98 -2.80 -13.24 1.98
N LEU A 99 -2.07 -12.19 1.66
CA LEU A 99 -2.62 -10.82 1.86
C LEU A 99 -3.42 -10.43 0.62
N VAL A 100 -4.45 -9.63 0.79
CA VAL A 100 -5.28 -9.23 -0.39
C VAL A 100 -5.75 -7.78 -0.24
N LEU A 101 -5.26 -6.89 -1.06
CA LEU A 101 -5.70 -5.46 -0.98
C LEU A 101 -6.78 -5.23 -2.04
N ARG A 102 -7.96 -4.83 -1.64
CA ARG A 102 -9.05 -4.60 -2.64
C ARG A 102 -9.77 -3.29 -2.32
N ARG A 103 -10.06 -2.52 -3.34
CA ARG A 103 -10.77 -1.22 -3.14
C ARG A 103 -11.89 -1.38 -2.13
N ALA A 104 -12.01 -0.46 -1.21
CA ALA A 104 -13.08 -0.55 -0.18
C ALA A 104 -14.42 -0.86 -0.87
N THR A 105 -14.91 -2.05 -0.72
CA THR A 105 -16.21 -2.42 -1.36
C THR A 105 -17.28 -1.42 -0.92
N PRO A 106 -18.35 -1.29 -1.69
CA PRO A 106 -19.46 -0.36 -1.36
C PRO A 106 -19.77 -0.33 0.14
N SER A 1 16.53 17.99 -8.57
CA SER A 1 15.18 17.75 -9.15
C SER A 1 14.51 19.09 -9.45
N SER A 2 13.87 19.21 -10.59
CA SER A 2 13.20 20.49 -10.94
C SER A 2 11.76 20.47 -10.43
N LEU A 3 10.94 19.61 -10.97
CA LEU A 3 9.52 19.54 -10.51
C LEU A 3 8.85 18.33 -11.14
N ILE A 4 8.44 17.37 -10.34
CA ILE A 4 7.78 16.16 -10.89
C ILE A 4 6.26 16.37 -10.90
N LEU A 5 5.65 16.40 -12.05
CA LEU A 5 4.18 16.60 -12.12
C LEU A 5 3.49 15.24 -12.15
N LEU A 6 4.23 14.17 -12.08
CA LEU A 6 3.60 12.82 -12.11
C LEU A 6 2.66 12.67 -10.92
N SER A 7 1.44 13.10 -11.06
CA SER A 7 0.47 12.98 -9.93
C SER A 7 -0.35 11.70 -10.09
N ALA A 8 -0.33 10.85 -9.12
CA ALA A 8 -1.11 9.58 -9.20
C ALA A 8 -2.49 9.77 -8.58
N SER A 9 -3.26 10.66 -9.10
CA SER A 9 -4.63 10.89 -8.53
C SER A 9 -5.63 9.96 -9.19
N ASP A 10 -5.18 9.11 -10.07
CA ASP A 10 -6.10 8.16 -10.75
C ASP A 10 -6.16 6.86 -9.97
N LEU A 11 -5.12 6.54 -9.24
CA LEU A 11 -5.12 5.29 -8.44
C LEU A 11 -5.56 5.60 -7.01
N ALA A 12 -5.34 6.81 -6.57
CA ALA A 12 -5.74 7.19 -5.19
C ALA A 12 -7.14 6.65 -4.88
N GLY A 13 -7.53 6.67 -3.63
CA GLY A 13 -8.88 6.15 -3.27
C GLY A 13 -8.83 5.49 -1.90
N GLN A 14 -9.72 4.57 -1.64
CA GLN A 14 -9.74 3.86 -0.33
C GLN A 14 -9.52 2.38 -0.62
N TRP A 15 -8.90 1.68 0.29
CA TRP A 15 -8.66 0.22 0.06
C TRP A 15 -8.71 -0.52 1.39
N THR A 16 -8.59 -1.81 1.35
CA THR A 16 -8.62 -2.61 2.61
C THR A 16 -7.67 -3.80 2.46
N LEU A 17 -7.30 -4.40 3.54
CA LEU A 17 -6.41 -5.60 3.49
C LEU A 17 -7.23 -6.84 3.86
N GLN A 18 -7.11 -7.90 3.12
CA GLN A 18 -7.89 -9.13 3.42
C GLN A 18 -6.94 -10.33 3.47
N GLN A 19 -6.84 -10.95 4.62
CA GLN A 19 -5.96 -12.13 4.76
C GLN A 19 -6.79 -13.35 5.17
N ASP A 20 -7.17 -14.18 4.24
CA ASP A 20 -8.00 -15.37 4.61
C ASP A 20 -9.17 -14.93 5.48
N GLU A 21 -9.46 -13.65 5.49
CA GLU A 21 -10.59 -13.11 6.29
C GLU A 21 -10.68 -13.83 7.64
N ALA A 22 -9.63 -13.83 8.40
CA ALA A 22 -9.67 -14.51 9.73
C ALA A 22 -8.67 -13.85 10.68
N PRO A 23 -7.39 -13.98 10.44
CA PRO A 23 -6.35 -13.37 11.30
C PRO A 23 -6.76 -11.97 11.81
N ALA A 24 -7.07 -11.08 10.90
CA ALA A 24 -7.48 -9.71 11.32
C ALA A 24 -7.64 -8.82 10.09
N ILE A 25 -8.61 -7.95 10.08
CA ILE A 25 -8.82 -7.05 8.90
C ILE A 25 -8.32 -5.64 9.24
N CYS A 26 -8.11 -4.82 8.25
CA CYS A 26 -7.62 -3.44 8.53
C CYS A 26 -8.02 -2.51 7.37
N HIS A 27 -8.61 -1.39 7.68
CA HIS A 27 -9.03 -0.42 6.63
C HIS A 27 -7.81 0.41 6.23
N LEU A 28 -7.72 0.78 4.98
CA LEU A 28 -6.55 1.57 4.51
C LEU A 28 -7.01 2.81 3.74
N GLU A 29 -6.10 3.72 3.47
CA GLU A 29 -6.47 4.97 2.75
C GLU A 29 -5.29 5.42 1.88
N LEU A 30 -5.46 5.41 0.59
CA LEU A 30 -4.35 5.85 -0.31
C LEU A 30 -4.46 7.36 -0.52
N ARG A 31 -3.60 8.12 0.10
CA ARG A 31 -3.67 9.60 -0.06
C ARG A 31 -3.12 10.00 -1.43
N ASP A 32 -3.44 11.19 -1.89
CA ASP A 32 -2.96 11.66 -3.21
C ASP A 32 -1.96 12.80 -3.01
N SER A 33 -1.49 13.01 -1.81
CA SER A 33 -0.51 14.09 -1.56
C SER A 33 0.87 13.64 -2.01
N GLU A 34 1.75 14.57 -2.31
CA GLU A 34 3.11 14.18 -2.77
C GLU A 34 4.07 14.16 -1.58
N VAL A 35 5.05 13.29 -1.60
CA VAL A 35 6.03 13.22 -0.48
C VAL A 35 7.44 13.04 -1.05
N ALA A 36 8.30 14.00 -0.86
CA ALA A 36 9.68 13.88 -1.40
C ALA A 36 10.55 13.08 -0.44
N GLU A 37 10.25 13.12 0.83
CA GLU A 37 11.08 12.34 1.81
C GLU A 37 11.15 10.89 1.37
N ALA A 38 10.10 10.40 0.75
CA ALA A 38 10.09 8.97 0.28
C ALA A 38 9.85 8.94 -1.22
N SER A 39 9.71 10.09 -1.82
CA SER A 39 9.48 10.11 -3.29
C SER A 39 8.22 9.31 -3.61
N GLY A 40 7.16 9.53 -2.88
CA GLY A 40 5.90 8.77 -3.13
C GLY A 40 4.71 9.56 -2.59
N TYR A 41 3.64 8.89 -2.26
CA TYR A 41 2.43 9.58 -1.74
C TYR A 41 2.16 9.11 -0.30
N ASP A 42 1.56 9.95 0.49
CA ASP A 42 1.30 9.58 1.92
C ASP A 42 0.39 8.33 2.00
N LEU A 43 0.45 7.65 3.12
CA LEU A 43 -0.39 6.43 3.31
C LEU A 43 -1.08 6.48 4.68
N GLY A 44 -2.28 7.01 4.73
CA GLY A 44 -3.00 7.10 6.04
C GLY A 44 -3.92 5.88 6.20
N GLY A 45 -4.80 5.92 7.17
CA GLY A 45 -5.72 4.78 7.41
C GLY A 45 -5.21 3.94 8.57
N ASP A 46 -5.54 2.67 8.60
CA ASP A 46 -5.08 1.80 9.70
C ASP A 46 -3.65 1.31 9.39
N THR A 47 -2.70 2.19 9.51
CA THR A 47 -1.30 1.79 9.25
C THR A 47 -0.74 1.27 10.56
N ALA A 48 -1.38 1.63 11.63
CA ALA A 48 -0.93 1.18 12.98
C ALA A 48 -1.34 -0.28 13.20
N CYS A 49 -1.82 -0.94 12.18
CA CYS A 49 -2.23 -2.37 12.31
C CYS A 49 -1.29 -3.26 11.51
N LEU A 50 -0.71 -2.72 10.48
CA LEU A 50 0.22 -3.51 9.63
C LEU A 50 1.44 -3.94 10.46
N THR A 51 1.49 -3.56 11.70
CA THR A 51 2.65 -3.95 12.55
C THR A 51 2.67 -5.47 12.71
N ARG A 52 1.74 -6.14 12.10
CA ARG A 52 1.69 -7.64 12.19
C ARG A 52 2.11 -8.24 10.85
N TRP A 53 2.03 -7.47 9.80
CA TRP A 53 2.42 -7.98 8.45
C TRP A 53 3.64 -7.21 7.95
N LEU A 54 3.73 -5.95 8.30
CA LEU A 54 4.88 -5.12 7.86
C LEU A 54 5.85 -4.94 9.05
N PRO A 55 7.12 -4.71 8.78
CA PRO A 55 8.13 -4.53 9.87
C PRO A 55 8.05 -3.14 10.50
N SER A 56 7.36 -2.23 9.86
CA SER A 56 7.23 -0.85 10.41
C SER A 56 5.96 -0.20 9.86
N GLU A 57 5.48 0.82 10.49
CA GLU A 57 4.25 1.49 10.00
C GLU A 57 4.59 2.30 8.73
N PRO A 58 4.00 1.99 7.58
CA PRO A 58 4.30 2.72 6.32
C PRO A 58 3.67 4.12 6.26
N ARG A 59 4.48 5.11 6.07
CA ARG A 59 3.97 6.51 5.97
C ARG A 59 3.99 6.93 4.50
N ALA A 60 4.61 6.14 3.66
CA ALA A 60 4.69 6.50 2.21
C ALA A 60 4.43 5.25 1.35
N TRP A 61 3.82 5.44 0.22
CA TRP A 61 3.54 4.29 -0.71
C TRP A 61 3.59 4.84 -2.14
N ARG A 62 3.86 4.02 -3.11
CA ARG A 62 3.94 4.55 -4.50
C ARG A 62 3.70 3.42 -5.53
N PRO A 63 2.76 3.55 -6.45
CA PRO A 63 2.53 2.49 -7.47
C PRO A 63 3.81 2.18 -8.26
N THR A 64 3.98 0.97 -8.69
CA THR A 64 5.20 0.61 -9.47
C THR A 64 4.77 -0.01 -10.82
N PRO A 65 5.62 0.03 -11.81
CA PRO A 65 5.29 -0.52 -13.16
C PRO A 65 5.08 -2.04 -13.11
N ALA A 66 4.40 -2.53 -12.11
CA ALA A 66 4.16 -4.00 -12.01
C ALA A 66 3.53 -4.33 -10.67
N GLY A 67 3.00 -3.36 -9.98
CA GLY A 67 2.37 -3.64 -8.66
C GLY A 67 2.48 -2.43 -7.74
N ILE A 68 2.12 -2.58 -6.49
CA ILE A 68 2.20 -1.44 -5.53
C ILE A 68 3.31 -1.71 -4.52
N ALA A 69 3.99 -0.69 -4.06
CA ALA A 69 5.09 -0.88 -3.07
C ALA A 69 4.87 0.04 -1.88
N LEU A 70 5.29 -0.36 -0.70
CA LEU A 70 5.10 0.49 0.51
C LEU A 70 6.47 0.88 1.08
N LEU A 71 6.60 2.11 1.53
CA LEU A 71 7.90 2.58 2.10
C LEU A 71 7.73 2.86 3.59
N GLU A 72 8.81 3.14 4.28
CA GLU A 72 8.73 3.44 5.74
C GLU A 72 9.07 4.92 5.98
N ARG A 73 8.96 5.73 4.97
CA ARG A 73 9.26 7.20 5.12
C ARG A 73 10.78 7.41 4.98
N GLY A 74 11.41 6.66 4.13
CA GLY A 74 12.88 6.82 3.95
C GLY A 74 13.30 6.22 2.60
N GLY A 75 12.39 5.55 1.94
CA GLY A 75 12.73 4.92 0.62
C GLY A 75 12.97 3.42 0.79
N LEU A 76 12.82 2.93 1.99
CA LEU A 76 13.04 1.47 2.22
C LEU A 76 11.76 0.69 1.87
N THR A 77 11.72 0.11 0.70
CA THR A 77 10.51 -0.66 0.31
C THR A 77 10.21 -1.72 1.37
N LEU A 78 9.01 -1.73 1.88
CA LEU A 78 8.66 -2.74 2.93
C LEU A 78 8.00 -3.96 2.29
N MET A 79 7.10 -3.75 1.36
CA MET A 79 6.41 -4.91 0.73
C MET A 79 6.03 -4.58 -0.71
N LEU A 80 6.24 -5.51 -1.61
CA LEU A 80 5.90 -5.29 -3.04
C LEU A 80 4.64 -6.09 -3.39
N LEU A 81 3.50 -5.46 -3.37
CA LEU A 81 2.24 -6.17 -3.72
C LEU A 81 2.14 -6.25 -5.24
N GLY A 82 1.98 -7.43 -5.79
CA GLY A 82 1.90 -7.55 -7.28
C GLY A 82 0.44 -7.62 -7.74
N ARG A 83 0.11 -6.92 -8.78
CA ARG A 83 -1.29 -6.95 -9.29
C ARG A 83 -1.57 -8.33 -9.85
N GLN A 84 -2.47 -9.06 -9.27
CA GLN A 84 -2.79 -10.43 -9.75
C GLN A 84 -4.11 -10.38 -10.54
N GLY A 85 -5.01 -9.53 -10.13
CA GLY A 85 -6.32 -9.43 -10.85
C GLY A 85 -6.77 -7.97 -10.85
N GLU A 86 -6.50 -7.26 -11.94
CA GLU A 86 -6.89 -5.81 -12.08
C GLU A 86 -7.60 -5.27 -10.83
N GLY A 87 -6.84 -4.78 -9.88
CA GLY A 87 -7.46 -4.23 -8.63
C GLY A 87 -7.22 -5.20 -7.47
N ASP A 88 -6.96 -6.44 -7.77
CA ASP A 88 -6.70 -7.43 -6.69
C ASP A 88 -5.21 -7.78 -6.70
N TYR A 89 -4.49 -7.31 -5.72
CA TYR A 89 -3.03 -7.60 -5.66
C TYR A 89 -2.80 -8.67 -4.60
N ARG A 90 -1.86 -9.53 -4.82
CA ARG A 90 -1.57 -10.60 -3.84
C ARG A 90 -0.06 -10.74 -3.66
N VAL A 91 0.38 -11.16 -2.52
CA VAL A 91 1.85 -11.31 -2.29
C VAL A 91 2.11 -12.52 -1.38
N GLN A 92 3.20 -13.21 -1.59
CA GLN A 92 3.50 -14.39 -0.75
C GLN A 92 4.11 -13.92 0.57
N LYS A 93 3.41 -14.07 1.65
CA LYS A 93 3.95 -13.63 2.96
C LYS A 93 4.78 -14.76 3.58
N GLY A 94 6.07 -14.73 3.38
CA GLY A 94 6.94 -15.80 3.95
C GLY A 94 6.34 -17.17 3.63
N ASP A 95 5.54 -17.69 4.52
CA ASP A 95 4.93 -19.03 4.27
C ASP A 95 3.84 -19.29 5.32
N GLY A 96 2.73 -18.62 5.22
CA GLY A 96 1.64 -18.83 6.22
C GLY A 96 0.89 -17.51 6.45
N GLY A 97 0.13 -17.07 5.49
CA GLY A 97 -0.62 -15.80 5.65
C GLY A 97 -0.81 -15.12 4.30
N GLN A 98 -1.99 -15.16 3.78
CA GLN A 98 -2.25 -14.52 2.46
C GLN A 98 -2.69 -13.07 2.66
N LEU A 99 -2.54 -12.27 1.65
CA LEU A 99 -2.95 -10.84 1.76
C LEU A 99 -3.68 -10.45 0.47
N VAL A 100 -4.70 -9.66 0.57
CA VAL A 100 -5.46 -9.25 -0.65
C VAL A 100 -5.88 -7.78 -0.54
N LEU A 101 -5.28 -6.91 -1.32
CA LEU A 101 -5.65 -5.47 -1.28
C LEU A 101 -6.76 -5.21 -2.31
N ARG A 102 -7.95 -4.85 -1.87
CA ARG A 102 -9.04 -4.59 -2.86
C ARG A 102 -9.71 -3.25 -2.55
N ARG A 103 -9.89 -2.44 -3.56
CA ARG A 103 -10.52 -1.11 -3.35
C ARG A 103 -11.77 -1.26 -2.47
N ALA A 104 -11.95 -0.39 -1.53
CA ALA A 104 -13.15 -0.47 -0.65
C ALA A 104 -14.41 -0.26 -1.48
N THR A 105 -15.43 -1.04 -1.24
CA THR A 105 -16.70 -0.90 -2.01
C THR A 105 -17.88 -0.91 -1.04
N PRO A 106 -18.08 0.16 -0.34
CA PRO A 106 -19.20 0.29 0.65
C PRO A 106 -20.55 -0.08 0.04
N SER A 1 2.48 23.29 -6.97
CA SER A 1 2.41 23.81 -8.37
C SER A 1 3.72 23.49 -9.10
N SER A 2 4.60 24.44 -9.23
CA SER A 2 5.88 24.19 -9.93
C SER A 2 5.61 23.49 -11.26
N LEU A 3 6.39 22.50 -11.60
CA LEU A 3 6.16 21.78 -12.89
C LEU A 3 5.16 20.66 -12.68
N ILE A 4 4.38 20.35 -13.68
CA ILE A 4 3.36 19.26 -13.53
C ILE A 4 4.07 17.90 -13.60
N LEU A 5 3.74 17.01 -12.71
CA LEU A 5 4.38 15.67 -12.73
C LEU A 5 3.61 14.71 -11.83
N LEU A 6 2.46 15.12 -11.37
CA LEU A 6 1.65 14.23 -10.48
C LEU A 6 0.67 13.42 -11.32
N SER A 7 1.12 12.31 -11.86
CA SER A 7 0.21 11.47 -12.70
C SER A 7 -0.32 10.31 -11.86
N ALA A 8 -0.20 10.38 -10.56
CA ALA A 8 -0.69 9.28 -9.69
C ALA A 8 -2.13 9.58 -9.25
N SER A 9 -2.80 10.45 -9.96
CA SER A 9 -4.21 10.78 -9.57
C SER A 9 -5.12 9.60 -9.90
N ASP A 10 -4.58 8.58 -10.51
CA ASP A 10 -5.42 7.39 -10.86
C ASP A 10 -5.33 6.35 -9.74
N LEU A 11 -4.21 6.28 -9.07
CA LEU A 11 -4.06 5.29 -7.98
C LEU A 11 -4.73 5.81 -6.71
N ALA A 12 -4.74 7.10 -6.53
CA ALA A 12 -5.39 7.68 -5.31
C ALA A 12 -6.76 7.05 -5.13
N GLY A 13 -7.28 7.07 -3.93
CA GLY A 13 -8.63 6.46 -3.69
C GLY A 13 -8.66 5.80 -2.31
N GLN A 14 -9.56 4.87 -2.11
CA GLN A 14 -9.66 4.16 -0.81
C GLN A 14 -9.43 2.67 -1.07
N TRP A 15 -8.85 1.98 -0.14
CA TRP A 15 -8.60 0.53 -0.34
C TRP A 15 -8.76 -0.21 0.99
N THR A 16 -8.69 -1.51 0.96
CA THR A 16 -8.84 -2.29 2.23
C THR A 16 -7.87 -3.48 2.21
N LEU A 17 -7.57 -4.02 3.35
CA LEU A 17 -6.64 -5.19 3.42
C LEU A 17 -7.42 -6.42 3.91
N GLN A 18 -6.97 -7.59 3.55
CA GLN A 18 -7.69 -8.81 4.00
C GLN A 18 -6.68 -9.95 4.20
N GLN A 19 -6.55 -10.43 5.39
CA GLN A 19 -5.60 -11.55 5.65
C GLN A 19 -6.35 -12.87 5.53
N ASP A 20 -5.87 -13.78 4.72
CA ASP A 20 -6.56 -15.10 4.55
C ASP A 20 -8.07 -14.89 4.52
N GLU A 21 -8.77 -15.54 5.40
CA GLU A 21 -10.25 -15.39 5.45
C GLU A 21 -10.69 -15.36 6.91
N ALA A 22 -9.90 -14.74 7.75
CA ALA A 22 -10.26 -14.66 9.20
C ALA A 22 -10.47 -13.20 9.60
N PRO A 23 -11.30 -12.93 10.59
CA PRO A 23 -11.58 -11.54 11.05
C PRO A 23 -10.30 -10.70 11.14
N ALA A 24 -10.10 -9.80 10.21
CA ALA A 24 -8.87 -8.96 10.26
C ALA A 24 -8.79 -8.11 8.98
N ILE A 25 -9.53 -7.04 8.91
CA ILE A 25 -9.49 -6.16 7.71
C ILE A 25 -9.06 -4.74 8.13
N CYS A 26 -7.92 -4.31 7.68
CA CYS A 26 -7.45 -2.94 8.06
C CYS A 26 -7.80 -1.95 6.96
N HIS A 27 -8.70 -1.03 7.23
CA HIS A 27 -9.05 -0.04 6.18
C HIS A 27 -7.78 0.72 5.82
N LEU A 28 -7.53 0.92 4.55
CA LEU A 28 -6.29 1.65 4.13
C LEU A 28 -6.68 2.83 3.25
N GLU A 29 -5.83 3.82 3.17
CA GLU A 29 -6.12 5.02 2.33
C GLU A 29 -4.86 5.47 1.62
N LEU A 30 -4.87 5.46 0.32
CA LEU A 30 -3.67 5.88 -0.45
C LEU A 30 -3.69 7.40 -0.62
N ARG A 31 -2.86 8.10 0.08
CA ARG A 31 -2.83 9.59 -0.04
C ARG A 31 -2.26 9.98 -1.39
N ASP A 32 -2.42 11.23 -1.78
CA ASP A 32 -1.88 11.70 -3.09
C ASP A 32 -0.68 12.62 -2.84
N SER A 33 -0.26 12.75 -1.61
CA SER A 33 0.89 13.63 -1.31
C SER A 33 2.19 12.93 -1.71
N GLU A 34 3.01 13.57 -2.49
CA GLU A 34 4.29 12.94 -2.92
C GLU A 34 5.26 12.92 -1.74
N VAL A 35 6.21 12.03 -1.75
CA VAL A 35 7.19 11.97 -0.62
C VAL A 35 8.60 11.67 -1.18
N ALA A 36 9.50 12.61 -1.06
CA ALA A 36 10.88 12.38 -1.58
C ALA A 36 11.70 11.58 -0.55
N GLU A 37 11.42 11.77 0.71
CA GLU A 37 12.19 11.01 1.75
C GLU A 37 12.08 9.51 1.44
N ALA A 38 10.99 9.10 0.88
CA ALA A 38 10.79 7.66 0.54
C ALA A 38 10.66 7.50 -0.98
N SER A 39 10.61 8.60 -1.68
CA SER A 39 10.48 8.54 -3.15
C SER A 39 9.15 7.88 -3.52
N GLY A 40 8.09 8.24 -2.85
CA GLY A 40 6.76 7.63 -3.16
C GLY A 40 5.65 8.57 -2.70
N TYR A 41 4.48 8.03 -2.43
CA TYR A 41 3.34 8.88 -1.98
C TYR A 41 3.02 8.57 -0.51
N ASP A 42 2.48 9.53 0.19
CA ASP A 42 2.16 9.32 1.63
C ASP A 42 1.08 8.25 1.82
N LEU A 43 0.95 7.77 3.02
CA LEU A 43 -0.09 6.72 3.33
C LEU A 43 -0.96 7.22 4.50
N GLY A 44 -2.25 7.09 4.35
CA GLY A 44 -3.18 7.51 5.43
C GLY A 44 -4.16 6.37 5.70
N GLY A 45 -4.62 6.23 6.92
CA GLY A 45 -5.57 5.14 7.25
C GLY A 45 -5.23 4.55 8.62
N ASP A 46 -5.41 3.27 8.78
CA ASP A 46 -5.10 2.63 10.10
C ASP A 46 -3.69 2.04 10.06
N THR A 47 -2.83 2.61 9.26
CA THR A 47 -1.42 2.11 9.15
C THR A 47 -0.91 1.67 10.52
N ALA A 48 -1.43 2.24 11.57
CA ALA A 48 -0.96 1.85 12.94
C ALA A 48 -1.44 0.44 13.26
N CYS A 49 -1.88 -0.30 12.26
CA CYS A 49 -2.36 -1.70 12.51
C CYS A 49 -1.50 -2.68 11.71
N LEU A 50 -0.90 -2.22 10.64
CA LEU A 50 -0.05 -3.12 9.80
C LEU A 50 1.15 -3.59 10.61
N THR A 51 1.28 -3.14 11.84
CA THR A 51 2.45 -3.58 12.66
C THR A 51 2.33 -5.08 12.95
N ARG A 52 1.38 -5.73 12.33
CA ARG A 52 1.21 -7.20 12.54
C ARG A 52 1.69 -7.95 11.30
N TRP A 53 1.72 -7.28 10.16
CA TRP A 53 2.20 -7.93 8.91
C TRP A 53 3.49 -7.26 8.46
N LEU A 54 3.61 -5.99 8.70
CA LEU A 54 4.84 -5.24 8.30
C LEU A 54 5.73 -5.07 9.54
N PRO A 55 7.03 -4.89 9.38
CA PRO A 55 7.94 -4.71 10.54
C PRO A 55 7.90 -3.30 11.10
N SER A 56 7.29 -2.39 10.38
CA SER A 56 7.22 -0.98 10.87
C SER A 56 6.00 -0.30 10.25
N GLU A 57 5.53 0.76 10.87
CA GLU A 57 4.33 1.46 10.32
C GLU A 57 4.70 2.14 8.98
N PRO A 58 4.01 1.85 7.89
CA PRO A 58 4.32 2.47 6.57
C PRO A 58 3.82 3.90 6.47
N ARG A 59 4.72 4.83 6.40
CA ARG A 59 4.30 6.25 6.28
C ARG A 59 4.26 6.64 4.80
N ALA A 60 4.71 5.78 3.93
CA ALA A 60 4.70 6.11 2.48
C ALA A 60 4.67 4.83 1.65
N TRP A 61 4.35 4.95 0.39
CA TRP A 61 4.30 3.77 -0.50
C TRP A 61 4.74 4.21 -1.91
N ARG A 62 5.23 3.31 -2.71
CA ARG A 62 5.71 3.69 -4.07
C ARG A 62 5.26 2.66 -5.12
N PRO A 63 4.29 2.98 -5.96
CA PRO A 63 3.82 2.03 -7.01
C PRO A 63 4.97 1.64 -7.95
N THR A 64 5.24 0.37 -8.09
CA THR A 64 6.34 -0.08 -9.01
C THR A 64 5.73 -0.61 -10.30
N PRO A 65 6.48 -0.62 -11.38
CA PRO A 65 5.98 -1.11 -12.69
C PRO A 65 5.66 -2.61 -12.67
N ALA A 66 5.34 -3.14 -11.52
CA ALA A 66 5.02 -4.60 -11.44
C ALA A 66 4.40 -4.92 -10.09
N GLY A 67 3.88 -3.94 -9.40
CA GLY A 67 3.26 -4.20 -8.07
C GLY A 67 3.38 -2.96 -7.18
N ILE A 68 2.78 -3.01 -6.01
CA ILE A 68 2.83 -1.84 -5.09
C ILE A 68 3.84 -2.11 -3.98
N ALA A 69 4.57 -1.10 -3.55
CA ALA A 69 5.59 -1.29 -2.48
C ALA A 69 5.27 -0.37 -1.30
N LEU A 70 5.52 -0.81 -0.10
CA LEU A 70 5.25 0.05 1.11
C LEU A 70 6.58 0.48 1.72
N LEU A 71 6.73 1.75 2.01
CA LEU A 71 8.01 2.24 2.62
C LEU A 71 7.73 2.75 4.03
N GLU A 72 8.78 2.98 4.80
CA GLU A 72 8.59 3.48 6.20
C GLU A 72 9.17 4.89 6.35
N ARG A 73 9.36 5.59 5.26
CA ARG A 73 9.94 6.97 5.34
C ARG A 73 11.46 6.88 5.45
N GLY A 74 12.05 5.89 4.84
CA GLY A 74 13.53 5.74 4.92
C GLY A 74 14.04 5.14 3.60
N GLY A 75 13.16 4.61 2.80
CA GLY A 75 13.59 4.01 1.51
C GLY A 75 13.66 2.48 1.64
N LEU A 76 13.45 1.97 2.83
CA LEU A 76 13.50 0.50 3.02
C LEU A 76 12.13 -0.10 2.73
N THR A 77 11.94 -0.63 1.55
CA THR A 77 10.61 -1.22 1.20
C THR A 77 10.19 -2.20 2.29
N LEU A 78 8.97 -2.08 2.76
CA LEU A 78 8.48 -3.00 3.82
C LEU A 78 7.87 -4.25 3.18
N MET A 79 7.15 -4.08 2.10
CA MET A 79 6.54 -5.27 1.44
C MET A 79 6.22 -4.95 -0.02
N LEU A 80 6.41 -5.91 -0.89
CA LEU A 80 6.12 -5.69 -2.34
C LEU A 80 4.84 -6.43 -2.72
N LEU A 81 3.75 -5.72 -2.81
CA LEU A 81 2.46 -6.37 -3.19
C LEU A 81 2.40 -6.51 -4.71
N GLY A 82 2.34 -7.72 -5.22
CA GLY A 82 2.30 -7.91 -6.69
C GLY A 82 0.86 -7.81 -7.19
N ARG A 83 0.65 -7.06 -8.24
CA ARG A 83 -0.73 -6.93 -8.80
C ARG A 83 -1.16 -8.26 -9.39
N GLN A 84 -2.26 -8.80 -8.94
CA GLN A 84 -2.77 -10.09 -9.46
C GLN A 84 -4.15 -9.83 -10.04
N GLY A 85 -4.23 -8.98 -11.03
CA GLY A 85 -5.55 -8.65 -11.65
C GLY A 85 -5.94 -7.23 -11.25
N GLU A 86 -5.81 -6.30 -12.17
CA GLU A 86 -6.15 -4.85 -11.91
C GLU A 86 -7.07 -4.68 -10.69
N GLY A 87 -6.55 -4.14 -9.63
CA GLY A 87 -7.38 -3.94 -8.40
C GLY A 87 -7.32 -5.18 -7.53
N ASP A 88 -6.37 -6.04 -7.74
CA ASP A 88 -6.26 -7.26 -6.92
C ASP A 88 -4.78 -7.61 -6.74
N TYR A 89 -4.20 -7.20 -5.66
CA TYR A 89 -2.76 -7.48 -5.41
C TYR A 89 -2.65 -8.46 -4.23
N ARG A 90 -1.71 -9.34 -4.28
CA ARG A 90 -1.55 -10.30 -3.15
C ARG A 90 -0.07 -10.68 -3.04
N VAL A 91 0.34 -11.16 -1.89
CA VAL A 91 1.77 -11.54 -1.71
C VAL A 91 1.82 -12.84 -0.91
N GLN A 92 2.44 -13.85 -1.46
CA GLN A 92 2.52 -15.16 -0.74
C GLN A 92 3.07 -14.95 0.67
N LYS A 93 2.29 -15.23 1.68
CA LYS A 93 2.76 -15.06 3.08
C LYS A 93 2.33 -16.26 3.91
N GLY A 94 3.25 -16.90 4.58
CA GLY A 94 2.89 -18.09 5.41
C GLY A 94 2.39 -19.21 4.49
N ASP A 95 1.90 -20.27 5.06
CA ASP A 95 1.40 -21.41 4.22
C ASP A 95 -0.10 -21.23 3.96
N GLY A 96 -0.72 -20.28 4.62
CA GLY A 96 -2.18 -20.06 4.41
C GLY A 96 -2.44 -18.55 4.24
N GLY A 97 -1.57 -17.73 4.78
CA GLY A 97 -1.75 -16.25 4.66
C GLY A 97 -2.22 -15.89 3.26
N GLN A 98 -2.67 -14.68 3.08
CA GLN A 98 -3.12 -14.21 1.73
C GLN A 98 -3.61 -12.77 1.85
N LEU A 99 -2.75 -11.83 1.60
CA LEU A 99 -3.16 -10.42 1.68
C LEU A 99 -3.89 -10.05 0.40
N VAL A 100 -4.97 -9.32 0.51
CA VAL A 100 -5.74 -8.93 -0.71
C VAL A 100 -6.07 -7.44 -0.68
N LEU A 101 -5.33 -6.63 -1.38
CA LEU A 101 -5.61 -5.17 -1.39
C LEU A 101 -6.55 -4.86 -2.56
N ARG A 102 -7.74 -4.39 -2.31
CA ARG A 102 -8.67 -4.08 -3.42
C ARG A 102 -9.40 -2.78 -3.12
N ARG A 103 -9.52 -1.92 -4.09
CA ARG A 103 -10.21 -0.61 -3.89
C ARG A 103 -11.46 -0.80 -3.01
N ALA A 104 -11.61 -0.01 -1.99
CA ALA A 104 -12.80 -0.15 -1.11
C ALA A 104 -14.08 -0.05 -1.95
N THR A 105 -15.06 -0.86 -1.65
CA THR A 105 -16.32 -0.82 -2.42
C THR A 105 -17.31 0.15 -1.76
N PRO A 106 -17.43 0.11 -0.46
CA PRO A 106 -18.37 1.01 0.28
C PRO A 106 -18.04 2.49 0.08
N SER A 1 14.64 21.08 -8.45
CA SER A 1 14.05 21.10 -9.82
C SER A 1 12.93 20.06 -9.91
N SER A 2 12.61 19.43 -8.80
CA SER A 2 11.53 18.42 -8.82
C SER A 2 10.17 19.10 -8.70
N LEU A 3 10.06 20.09 -7.85
CA LEU A 3 8.77 20.80 -7.70
C LEU A 3 7.66 19.80 -7.39
N ILE A 4 6.42 20.20 -7.49
CA ILE A 4 5.30 19.26 -7.21
C ILE A 4 5.02 18.40 -8.44
N LEU A 5 4.36 17.30 -8.27
CA LEU A 5 4.06 16.42 -9.43
C LEU A 5 3.07 15.32 -9.01
N LEU A 6 1.82 15.49 -9.29
CA LEU A 6 0.82 14.46 -8.90
C LEU A 6 0.56 13.52 -10.09
N SER A 7 0.73 12.24 -9.89
CA SER A 7 0.50 11.27 -10.99
C SER A 7 -0.34 10.11 -10.48
N ALA A 8 -0.64 10.10 -9.20
CA ALA A 8 -1.47 8.99 -8.64
C ALA A 8 -2.94 9.40 -8.64
N SER A 9 -3.30 10.37 -9.43
CA SER A 9 -4.72 10.81 -9.48
C SER A 9 -5.61 9.65 -9.94
N ASP A 10 -5.05 8.71 -10.65
CA ASP A 10 -5.86 7.56 -11.13
C ASP A 10 -5.78 6.42 -10.12
N LEU A 11 -4.67 6.28 -9.45
CA LEU A 11 -4.53 5.18 -8.45
C LEU A 11 -5.06 5.65 -7.10
N ALA A 12 -5.56 6.86 -7.03
CA ALA A 12 -6.10 7.36 -5.74
C ALA A 12 -7.47 6.75 -5.49
N GLY A 13 -7.91 6.75 -4.26
CA GLY A 13 -9.25 6.15 -3.96
C GLY A 13 -9.23 5.53 -2.58
N GLN A 14 -10.10 4.58 -2.33
CA GLN A 14 -10.14 3.89 -1.01
C GLN A 14 -9.78 2.43 -1.23
N TRP A 15 -9.17 1.80 -0.25
CA TRP A 15 -8.80 0.36 -0.42
C TRP A 15 -8.88 -0.33 0.94
N THR A 16 -8.68 -1.62 0.95
CA THR A 16 -8.74 -2.37 2.23
C THR A 16 -7.73 -3.51 2.18
N LEU A 17 -7.43 -4.11 3.30
CA LEU A 17 -6.44 -5.24 3.31
C LEU A 17 -7.02 -6.38 4.14
N GLN A 18 -6.71 -7.60 3.79
CA GLN A 18 -7.25 -8.76 4.55
C GLN A 18 -6.15 -9.81 4.70
N GLN A 19 -6.02 -10.38 5.85
CA GLN A 19 -4.97 -11.42 6.05
C GLN A 19 -5.42 -12.71 5.37
N ASP A 20 -6.69 -12.91 5.24
CA ASP A 20 -7.21 -14.14 4.59
C ASP A 20 -8.74 -14.08 4.58
N GLU A 21 -9.38 -14.83 5.44
CA GLU A 21 -10.88 -14.81 5.49
C GLU A 21 -11.32 -14.85 6.95
N ALA A 22 -10.55 -14.27 7.84
CA ALA A 22 -10.92 -14.26 9.28
C ALA A 22 -10.88 -12.82 9.82
N PRO A 23 -11.60 -12.56 10.90
CA PRO A 23 -11.64 -11.20 11.52
C PRO A 23 -10.29 -10.49 11.50
N ALA A 24 -10.03 -9.68 10.52
CA ALA A 24 -8.73 -8.95 10.47
C ALA A 24 -8.65 -8.09 9.20
N ILE A 25 -9.40 -7.02 9.13
CA ILE A 25 -9.38 -6.15 7.92
C ILE A 25 -8.94 -4.73 8.31
N CYS A 26 -7.89 -4.23 7.69
CA CYS A 26 -7.40 -2.86 8.01
C CYS A 26 -7.79 -1.91 6.88
N HIS A 27 -8.59 -0.92 7.16
CA HIS A 27 -8.97 0.05 6.08
C HIS A 27 -7.71 0.79 5.66
N LEU A 28 -7.51 0.96 4.38
CA LEU A 28 -6.28 1.66 3.89
C LEU A 28 -6.69 2.84 3.00
N GLU A 29 -5.85 3.84 2.90
CA GLU A 29 -6.19 5.02 2.05
C GLU A 29 -4.97 5.42 1.23
N LEU A 30 -5.06 5.28 -0.07
CA LEU A 30 -3.92 5.66 -0.94
C LEU A 30 -3.99 7.16 -1.23
N ARG A 31 -3.21 7.95 -0.53
CA ARG A 31 -3.25 9.41 -0.76
C ARG A 31 -2.73 9.73 -2.17
N ASP A 32 -3.00 10.91 -2.66
CA ASP A 32 -2.53 11.31 -4.02
C ASP A 32 -1.47 12.40 -3.89
N SER A 33 -1.04 12.69 -2.69
CA SER A 33 -0.01 13.75 -2.50
C SER A 33 1.36 13.17 -2.91
N GLU A 34 2.28 14.03 -3.27
CA GLU A 34 3.63 13.52 -3.68
C GLU A 34 4.53 13.44 -2.44
N VAL A 35 5.45 12.51 -2.43
CA VAL A 35 6.37 12.36 -1.26
C VAL A 35 7.79 12.10 -1.77
N ALA A 36 8.66 13.07 -1.66
CA ALA A 36 10.05 12.88 -2.14
C ALA A 36 10.85 12.12 -1.08
N GLU A 37 10.55 12.31 0.17
CA GLU A 37 11.29 11.59 1.24
C GLU A 37 11.33 10.09 0.89
N ALA A 38 10.31 9.62 0.22
CA ALA A 38 10.26 8.17 -0.16
C ALA A 38 10.11 8.05 -1.67
N SER A 39 10.06 9.16 -2.36
CA SER A 39 9.92 9.10 -3.84
C SER A 39 8.61 8.41 -4.21
N GLY A 40 7.54 8.72 -3.50
CA GLY A 40 6.24 8.07 -3.80
C GLY A 40 5.10 8.97 -3.32
N TYR A 41 4.01 8.38 -2.90
CA TYR A 41 2.85 9.16 -2.41
C TYR A 41 2.55 8.80 -0.96
N ASP A 42 1.97 9.71 -0.21
CA ASP A 42 1.69 9.43 1.23
C ASP A 42 0.72 8.25 1.39
N LEU A 43 0.66 7.71 2.58
CA LEU A 43 -0.25 6.55 2.86
C LEU A 43 -1.04 6.81 4.15
N GLY A 44 -2.20 7.39 4.05
CA GLY A 44 -3.02 7.65 5.27
C GLY A 44 -3.86 6.41 5.58
N GLY A 45 -4.79 6.53 6.49
CA GLY A 45 -5.65 5.37 6.84
C GLY A 45 -5.14 4.70 8.12
N ASP A 46 -5.23 3.40 8.20
CA ASP A 46 -4.75 2.67 9.39
C ASP A 46 -3.40 2.03 9.06
N THR A 47 -2.36 2.77 9.17
CA THR A 47 -1.00 2.21 8.91
C THR A 47 -0.47 1.74 10.26
N ALA A 48 -1.05 2.25 11.31
CA ALA A 48 -0.61 1.87 12.67
C ALA A 48 -1.16 0.48 13.03
N CYS A 49 -1.63 -0.25 12.05
CA CYS A 49 -2.18 -1.62 12.31
C CYS A 49 -1.35 -2.65 11.54
N LEU A 50 -0.81 -2.25 10.42
CA LEU A 50 0.01 -3.21 9.61
C LEU A 50 1.23 -3.66 10.41
N THR A 51 1.37 -3.20 11.63
CA THR A 51 2.54 -3.61 12.44
C THR A 51 2.47 -5.12 12.73
N ARG A 52 1.56 -5.81 12.10
CA ARG A 52 1.44 -7.29 12.32
C ARG A 52 1.88 -8.03 11.06
N TRP A 53 1.88 -7.36 9.93
CA TRP A 53 2.31 -8.01 8.66
C TRP A 53 3.60 -7.35 8.18
N LEU A 54 3.75 -6.08 8.46
CA LEU A 54 4.97 -5.35 8.04
C LEU A 54 5.87 -5.15 9.27
N PRO A 55 7.17 -5.00 9.09
CA PRO A 55 8.11 -4.83 10.22
C PRO A 55 8.00 -3.46 10.90
N SER A 56 7.31 -2.52 10.31
CA SER A 56 7.20 -1.18 10.94
C SER A 56 5.84 -0.54 10.60
N GLU A 57 5.85 0.59 9.98
CA GLU A 57 4.58 1.28 9.62
C GLU A 57 4.78 2.04 8.29
N PRO A 58 4.10 1.68 7.22
CA PRO A 58 4.27 2.37 5.92
C PRO A 58 3.63 3.75 5.85
N ARG A 59 4.44 4.76 5.80
CA ARG A 59 3.90 6.15 5.72
C ARG A 59 3.86 6.58 4.25
N ALA A 60 4.37 5.77 3.38
CA ALA A 60 4.37 6.14 1.93
C ALA A 60 4.32 4.88 1.07
N TRP A 61 3.97 5.03 -0.18
CA TRP A 61 3.91 3.86 -1.10
C TRP A 61 4.31 4.33 -2.50
N ARG A 62 4.81 3.45 -3.33
CA ARG A 62 5.25 3.87 -4.70
C ARG A 62 4.74 2.86 -5.76
N PRO A 63 3.75 3.21 -6.55
CA PRO A 63 3.22 2.30 -7.59
C PRO A 63 4.30 1.90 -8.62
N THR A 64 4.50 0.63 -8.83
CA THR A 64 5.52 0.19 -9.82
C THR A 64 4.82 -0.17 -11.14
N PRO A 65 5.53 -0.14 -12.23
CA PRO A 65 4.94 -0.47 -13.57
C PRO A 65 4.52 -1.94 -13.68
N ALA A 66 4.16 -2.54 -12.57
CA ALA A 66 3.74 -3.98 -12.62
C ALA A 66 3.00 -4.33 -11.31
N GLY A 67 3.12 -3.52 -10.31
CA GLY A 67 2.43 -3.82 -9.02
C GLY A 67 2.49 -2.61 -8.10
N ILE A 68 2.63 -2.82 -6.82
CA ILE A 68 2.69 -1.68 -5.86
C ILE A 68 3.72 -1.99 -4.76
N ALA A 69 4.38 -0.99 -4.25
CA ALA A 69 5.39 -1.21 -3.18
C ALA A 69 5.11 -0.28 -1.99
N LEU A 70 5.38 -0.73 -0.79
CA LEU A 70 5.12 0.12 0.42
C LEU A 70 6.47 0.57 1.00
N LEU A 71 6.61 1.85 1.30
CA LEU A 71 7.90 2.35 1.85
C LEU A 71 7.73 2.70 3.34
N GLU A 72 8.83 2.85 4.04
CA GLU A 72 8.74 3.19 5.50
C GLU A 72 9.07 4.67 5.72
N ARG A 73 9.04 5.46 4.68
CA ARG A 73 9.36 6.91 4.82
C ARG A 73 10.88 7.09 4.87
N GLY A 74 11.61 6.26 4.18
CA GLY A 74 13.09 6.38 4.18
C GLY A 74 13.64 5.88 2.84
N GLY A 75 12.78 5.36 2.00
CA GLY A 75 13.24 4.85 0.68
C GLY A 75 13.36 3.33 0.72
N LEU A 76 13.23 2.74 1.87
CA LEU A 76 13.33 1.26 1.97
C LEU A 76 11.99 0.65 1.62
N THR A 77 11.99 -0.49 0.97
CA THR A 77 10.70 -1.14 0.59
C THR A 77 10.33 -2.20 1.63
N LEU A 78 9.17 -2.10 2.22
CA LEU A 78 8.77 -3.10 3.23
C LEU A 78 8.12 -4.30 2.54
N MET A 79 7.30 -4.06 1.55
CA MET A 79 6.65 -5.20 0.84
C MET A 79 6.33 -4.84 -0.61
N LEU A 80 6.53 -5.76 -1.51
CA LEU A 80 6.24 -5.51 -2.95
C LEU A 80 4.92 -6.19 -3.32
N LEU A 81 3.84 -5.45 -3.36
CA LEU A 81 2.54 -6.05 -3.72
C LEU A 81 2.46 -6.23 -5.24
N GLY A 82 2.20 -7.43 -5.69
CA GLY A 82 2.13 -7.67 -7.18
C GLY A 82 0.67 -7.83 -7.59
N ARG A 83 0.30 -7.29 -8.72
CA ARG A 83 -1.11 -7.42 -9.19
C ARG A 83 -1.35 -8.86 -9.67
N GLN A 84 -2.37 -9.51 -9.19
CA GLN A 84 -2.63 -10.90 -9.64
C GLN A 84 -3.63 -10.86 -10.81
N GLY A 85 -4.47 -9.86 -10.83
CA GLY A 85 -5.47 -9.75 -11.93
C GLY A 85 -6.42 -8.58 -11.61
N GLU A 86 -6.41 -7.56 -12.43
CA GLU A 86 -7.30 -6.40 -12.17
C GLU A 86 -6.97 -5.80 -10.80
N GLY A 87 -7.93 -5.22 -10.14
CA GLY A 87 -7.67 -4.63 -8.80
C GLY A 87 -7.55 -5.76 -7.77
N ASP A 88 -6.48 -6.50 -7.83
CA ASP A 88 -6.30 -7.61 -6.85
C ASP A 88 -4.81 -7.89 -6.70
N TYR A 89 -4.22 -7.41 -5.63
CA TYR A 89 -2.76 -7.62 -5.40
C TYR A 89 -2.58 -8.58 -4.23
N ARG A 90 -1.63 -9.48 -4.34
CA ARG A 90 -1.40 -10.44 -3.24
C ARG A 90 0.11 -10.64 -3.08
N VAL A 91 0.55 -10.98 -1.90
CA VAL A 91 2.01 -11.17 -1.68
C VAL A 91 2.22 -12.34 -0.71
N GLN A 92 2.72 -13.45 -1.21
CA GLN A 92 2.96 -14.61 -0.32
C GLN A 92 3.82 -14.15 0.87
N LYS A 93 3.34 -14.34 2.07
CA LYS A 93 4.13 -13.90 3.26
C LYS A 93 4.93 -15.09 3.82
N GLY A 94 5.98 -14.82 4.52
CA GLY A 94 6.80 -15.93 5.10
C GLY A 94 6.03 -16.58 6.24
N ASP A 95 4.97 -17.28 5.93
CA ASP A 95 4.17 -17.94 7.01
C ASP A 95 3.36 -16.88 7.76
N GLY A 96 2.08 -16.80 7.50
CA GLY A 96 1.23 -15.79 8.20
C GLY A 96 -0.22 -15.96 7.77
N GLY A 97 -0.56 -15.60 6.57
CA GLY A 97 -1.97 -15.74 6.11
C GLY A 97 -2.10 -15.43 4.62
N GLN A 98 -2.39 -14.19 4.30
CA GLN A 98 -2.50 -13.77 2.86
C GLN A 98 -2.95 -12.32 2.80
N LEU A 99 -2.06 -11.43 2.49
CA LEU A 99 -2.44 -10.00 2.40
C LEU A 99 -3.09 -9.73 1.05
N VAL A 100 -4.19 -9.03 1.04
CA VAL A 100 -4.88 -8.75 -0.26
C VAL A 100 -5.37 -7.29 -0.31
N LEU A 101 -4.77 -6.48 -1.13
CA LEU A 101 -5.21 -5.05 -1.24
C LEU A 101 -6.19 -4.94 -2.40
N ARG A 102 -7.43 -4.59 -2.16
CA ARG A 102 -8.41 -4.47 -3.26
C ARG A 102 -9.33 -3.28 -2.99
N ARG A 103 -9.61 -2.50 -4.00
CA ARG A 103 -10.49 -1.30 -3.83
C ARG A 103 -11.68 -1.65 -2.92
N ALA A 104 -11.83 -0.94 -1.84
CA ALA A 104 -12.97 -1.23 -0.91
C ALA A 104 -14.27 -1.26 -1.69
N THR A 105 -15.16 -2.17 -1.36
CA THR A 105 -16.47 -2.26 -2.08
C THR A 105 -17.60 -2.42 -1.06
N PRO A 106 -17.71 -1.51 -0.14
CA PRO A 106 -18.76 -1.54 0.92
C PRO A 106 -20.16 -1.31 0.34
N SER A 1 15.14 21.90 -11.10
CA SER A 1 15.39 21.50 -12.50
C SER A 1 14.80 20.11 -12.76
N SER A 2 14.98 19.21 -11.83
CA SER A 2 14.44 17.83 -12.02
C SER A 2 13.01 17.77 -11.45
N LEU A 3 12.09 17.22 -12.20
CA LEU A 3 10.68 17.14 -11.71
C LEU A 3 10.53 15.91 -10.82
N ILE A 4 9.89 16.05 -9.69
CA ILE A 4 9.71 14.90 -8.77
C ILE A 4 8.38 14.20 -9.10
N LEU A 5 8.35 13.39 -10.11
CA LEU A 5 7.09 12.68 -10.47
C LEU A 5 5.96 13.70 -10.58
N LEU A 6 4.73 13.24 -10.59
CA LEU A 6 3.57 14.17 -10.70
C LEU A 6 2.44 13.69 -9.78
N SER A 7 1.29 14.29 -9.87
CA SER A 7 0.16 13.86 -8.99
C SER A 7 -0.66 12.78 -9.71
N ALA A 8 -1.22 11.87 -8.96
CA ALA A 8 -2.03 10.79 -9.59
C ALA A 8 -3.49 11.22 -9.67
N SER A 9 -4.31 10.49 -10.37
CA SER A 9 -5.75 10.87 -10.48
C SER A 9 -6.61 9.59 -10.55
N ASP A 10 -6.31 8.72 -11.48
CA ASP A 10 -7.11 7.46 -11.60
C ASP A 10 -6.90 6.60 -10.35
N LEU A 11 -5.80 6.76 -9.68
CA LEU A 11 -5.54 5.95 -8.46
C LEU A 11 -5.98 6.73 -7.22
N ALA A 12 -5.71 6.22 -6.05
CA ALA A 12 -6.11 6.92 -4.79
C ALA A 12 -7.59 6.63 -4.49
N GLY A 13 -8.00 6.80 -3.27
CA GLY A 13 -9.42 6.53 -2.89
C GLY A 13 -9.45 5.78 -1.56
N GLN A 14 -10.27 4.77 -1.45
CA GLN A 14 -10.36 3.97 -0.19
C GLN A 14 -10.05 2.53 -0.53
N TRP A 15 -9.42 1.82 0.36
CA TRP A 15 -9.09 0.39 0.07
C TRP A 15 -9.15 -0.41 1.38
N THR A 16 -8.99 -1.70 1.29
CA THR A 16 -9.03 -2.54 2.52
C THR A 16 -8.04 -3.69 2.37
N LEU A 17 -7.70 -4.35 3.45
CA LEU A 17 -6.75 -5.50 3.38
C LEU A 17 -7.47 -6.77 3.82
N GLN A 18 -7.01 -7.91 3.37
CA GLN A 18 -7.68 -9.20 3.77
C GLN A 18 -6.61 -10.26 3.99
N GLN A 19 -6.51 -10.76 5.19
CA GLN A 19 -5.47 -11.81 5.48
C GLN A 19 -6.15 -13.19 5.53
N ASP A 20 -5.84 -14.05 4.60
CA ASP A 20 -6.44 -15.41 4.60
C ASP A 20 -7.95 -15.32 4.87
N GLU A 21 -8.58 -16.44 5.11
CA GLU A 21 -10.06 -16.43 5.36
C GLU A 21 -10.33 -16.29 6.87
N ALA A 22 -9.55 -15.47 7.56
CA ALA A 22 -9.77 -15.29 9.03
C ALA A 22 -9.84 -13.78 9.35
N PRO A 23 -10.02 -13.42 10.60
CA PRO A 23 -10.11 -11.99 11.01
C PRO A 23 -8.81 -11.23 10.70
N ALA A 24 -8.43 -10.32 11.55
CA ALA A 24 -7.17 -9.55 11.33
C ALA A 24 -7.28 -8.73 10.03
N ILE A 25 -8.23 -7.84 9.96
CA ILE A 25 -8.39 -7.00 8.74
C ILE A 25 -7.95 -5.57 9.06
N CYS A 26 -7.68 -4.77 8.07
CA CYS A 26 -7.24 -3.38 8.34
C CYS A 26 -7.72 -2.44 7.23
N HIS A 27 -8.54 -1.49 7.57
CA HIS A 27 -9.01 -0.52 6.54
C HIS A 27 -7.80 0.29 6.10
N LEU A 28 -7.69 0.58 4.82
CA LEU A 28 -6.51 1.36 4.33
C LEU A 28 -6.99 2.56 3.55
N GLU A 29 -6.22 3.61 3.51
CA GLU A 29 -6.63 4.84 2.77
C GLU A 29 -5.43 5.40 2.02
N LEU A 30 -5.51 5.45 0.72
CA LEU A 30 -4.38 5.97 -0.08
C LEU A 30 -4.51 7.49 -0.21
N ARG A 31 -3.72 8.23 0.52
CA ARG A 31 -3.82 9.71 0.46
C ARG A 31 -3.41 10.18 -0.93
N ASP A 32 -3.69 11.42 -1.26
CA ASP A 32 -3.33 11.96 -2.61
C ASP A 32 -2.22 13.00 -2.45
N SER A 33 -1.70 13.15 -1.27
CA SER A 33 -0.61 14.14 -1.05
C SER A 33 0.72 13.52 -1.49
N GLU A 34 1.50 14.25 -2.23
CA GLU A 34 2.81 13.70 -2.69
C GLU A 34 3.82 13.78 -1.56
N VAL A 35 4.87 13.01 -1.63
CA VAL A 35 5.90 13.04 -0.55
C VAL A 35 7.29 12.82 -1.16
N ALA A 36 8.16 13.79 -1.03
CA ALA A 36 9.53 13.64 -1.61
C ALA A 36 10.41 12.84 -0.65
N GLU A 37 10.17 12.95 0.63
CA GLU A 37 10.99 12.18 1.61
C GLU A 37 10.96 10.69 1.23
N ALA A 38 9.87 10.24 0.67
CA ALA A 38 9.75 8.81 0.28
C ALA A 38 9.59 8.70 -1.24
N SER A 39 9.44 9.82 -1.90
CA SER A 39 9.28 9.77 -3.37
C SER A 39 7.98 9.06 -3.72
N GLY A 40 6.93 9.30 -2.97
CA GLY A 40 5.64 8.63 -3.26
C GLY A 40 4.48 9.46 -2.68
N TYR A 41 3.41 8.82 -2.29
CA TYR A 41 2.25 9.56 -1.72
C TYR A 41 2.04 9.12 -0.26
N ASP A 42 1.52 9.99 0.55
CA ASP A 42 1.31 9.65 1.99
C ASP A 42 0.31 8.50 2.14
N LEU A 43 0.26 7.92 3.31
CA LEU A 43 -0.69 6.81 3.59
C LEU A 43 -1.50 7.15 4.84
N GLY A 44 -2.80 7.01 4.75
CA GLY A 44 -3.68 7.30 5.92
C GLY A 44 -4.57 6.09 6.17
N GLY A 45 -4.98 5.85 7.38
CA GLY A 45 -5.85 4.68 7.68
C GLY A 45 -5.42 4.04 9.01
N ASP A 46 -5.45 2.73 9.08
CA ASP A 46 -5.05 2.04 10.34
C ASP A 46 -3.61 1.53 10.20
N THR A 47 -2.82 2.20 9.39
CA THR A 47 -1.40 1.78 9.20
C THR A 47 -0.79 1.35 10.53
N ALA A 48 -1.26 1.88 11.62
CA ALA A 48 -0.70 1.51 12.95
C ALA A 48 -1.08 0.06 13.27
N CYS A 49 -1.63 -0.65 12.31
CA CYS A 49 -2.03 -2.07 12.55
C CYS A 49 -1.18 -3.00 11.67
N LEU A 50 -0.65 -2.48 10.59
CA LEU A 50 0.18 -3.34 9.70
C LEU A 50 1.43 -3.79 10.44
N THR A 51 1.60 -3.38 11.66
CA THR A 51 2.80 -3.80 12.44
C THR A 51 2.77 -5.33 12.64
N ARG A 52 1.85 -6.00 12.01
CA ARG A 52 1.75 -7.48 12.15
C ARG A 52 2.20 -8.12 10.83
N TRP A 53 2.18 -7.38 9.75
CA TRP A 53 2.62 -7.93 8.43
C TRP A 53 3.85 -7.15 7.96
N LEU A 54 3.88 -5.88 8.22
CA LEU A 54 5.04 -5.05 7.79
C LEU A 54 6.00 -4.87 8.98
N PRO A 55 7.27 -4.66 8.75
CA PRO A 55 8.26 -4.47 9.84
C PRO A 55 8.16 -3.09 10.48
N SER A 56 7.50 -2.17 9.81
CA SER A 56 7.35 -0.80 10.38
C SER A 56 6.07 -0.16 9.83
N GLU A 57 5.55 0.82 10.52
CA GLU A 57 4.30 1.47 10.04
C GLU A 57 4.59 2.25 8.73
N PRO A 58 3.90 1.96 7.64
CA PRO A 58 4.13 2.68 6.35
C PRO A 58 3.52 4.07 6.35
N ARG A 59 4.34 5.08 6.29
CA ARG A 59 3.80 6.47 6.27
C ARG A 59 3.71 6.96 4.82
N ALA A 60 4.16 6.17 3.89
CA ALA A 60 4.09 6.59 2.47
C ALA A 60 4.07 5.36 1.56
N TRP A 61 3.72 5.56 0.31
CA TRP A 61 3.68 4.42 -0.65
C TRP A 61 4.01 4.98 -2.04
N ARG A 62 4.45 4.15 -2.95
CA ARG A 62 4.81 4.65 -4.31
C ARG A 62 4.27 3.69 -5.40
N PRO A 63 3.25 4.07 -6.13
CA PRO A 63 2.70 3.19 -7.21
C PRO A 63 3.76 2.87 -8.27
N THR A 64 4.01 1.62 -8.53
CA THR A 64 5.03 1.25 -9.55
C THR A 64 4.31 0.82 -10.84
N PRO A 65 4.97 0.88 -11.96
CA PRO A 65 4.37 0.48 -13.27
C PRO A 65 4.07 -1.02 -13.35
N ALA A 66 3.83 -1.64 -12.24
CA ALA A 66 3.54 -3.10 -12.25
C ALA A 66 3.07 -3.55 -10.87
N GLY A 67 2.59 -2.63 -10.07
CA GLY A 67 2.12 -2.99 -8.70
C GLY A 67 2.32 -1.81 -7.76
N ILE A 68 1.94 -1.94 -6.52
CA ILE A 68 2.09 -0.82 -5.55
C ILE A 68 3.16 -1.18 -4.50
N ALA A 69 3.85 -0.19 -3.98
CA ALA A 69 4.91 -0.47 -2.97
C ALA A 69 4.67 0.41 -1.73
N LEU A 70 5.02 -0.09 -0.57
CA LEU A 70 4.83 0.70 0.68
C LEU A 70 6.20 1.11 1.23
N LEU A 71 6.36 2.37 1.59
CA LEU A 71 7.68 2.83 2.11
C LEU A 71 7.59 3.07 3.62
N GLU A 72 8.71 3.31 4.26
CA GLU A 72 8.71 3.55 5.73
C GLU A 72 9.02 5.03 6.03
N ARG A 73 8.94 5.89 5.04
CA ARG A 73 9.25 7.33 5.26
C ARG A 73 10.77 7.55 5.23
N GLY A 74 11.46 6.79 4.42
CA GLY A 74 12.94 6.94 4.34
C GLY A 74 13.42 6.49 2.97
N GLY A 75 12.53 5.97 2.16
CA GLY A 75 12.93 5.50 0.80
C GLY A 75 13.10 3.99 0.80
N LEU A 76 13.00 3.37 1.95
CA LEU A 76 13.14 1.89 2.01
C LEU A 76 11.82 1.24 1.62
N THR A 77 11.86 0.16 0.87
CA THR A 77 10.59 -0.51 0.46
C THR A 77 10.24 -1.60 1.48
N LEU A 78 9.03 -1.60 1.95
CA LEU A 78 8.62 -2.62 2.97
C LEU A 78 7.92 -3.79 2.25
N MET A 79 7.05 -3.51 1.34
CA MET A 79 6.34 -4.61 0.64
C MET A 79 5.94 -4.19 -0.78
N LEU A 80 6.08 -5.07 -1.73
CA LEU A 80 5.71 -4.74 -3.13
C LEU A 80 4.41 -5.48 -3.49
N LEU A 81 3.30 -4.78 -3.45
CA LEU A 81 2.01 -5.43 -3.81
C LEU A 81 1.95 -5.55 -5.33
N GLY A 82 1.82 -6.75 -5.85
CA GLY A 82 1.77 -6.91 -7.33
C GLY A 82 0.33 -7.02 -7.80
N ARG A 83 0.00 -6.38 -8.89
CA ARG A 83 -1.38 -6.46 -9.41
C ARG A 83 -1.61 -7.88 -9.93
N GLN A 84 -2.64 -8.54 -9.48
CA GLN A 84 -2.90 -9.94 -9.93
C GLN A 84 -4.16 -9.99 -10.80
N GLY A 85 -5.14 -9.18 -10.50
CA GLY A 85 -6.39 -9.19 -11.31
C GLY A 85 -7.01 -7.80 -11.37
N GLU A 86 -6.22 -6.80 -11.69
CA GLU A 86 -6.77 -5.41 -11.79
C GLU A 86 -7.58 -5.08 -10.52
N GLY A 87 -7.00 -4.33 -9.63
CA GLY A 87 -7.75 -3.96 -8.38
C GLY A 87 -7.46 -5.00 -7.29
N ASP A 88 -7.07 -6.19 -7.68
CA ASP A 88 -6.78 -7.25 -6.67
C ASP A 88 -5.27 -7.52 -6.66
N TYR A 89 -4.58 -6.96 -5.69
CA TYR A 89 -3.11 -7.18 -5.60
C TYR A 89 -2.84 -8.22 -4.52
N ARG A 90 -1.87 -9.08 -4.72
CA ARG A 90 -1.57 -10.11 -3.70
C ARG A 90 -0.06 -10.16 -3.48
N VAL A 91 0.36 -10.47 -2.28
CA VAL A 91 1.82 -10.53 -1.98
C VAL A 91 2.13 -11.81 -1.21
N GLN A 92 2.79 -12.75 -1.82
CA GLN A 92 3.13 -14.02 -1.11
C GLN A 92 3.85 -13.69 0.19
N LYS A 93 3.25 -14.00 1.31
CA LYS A 93 3.91 -13.70 2.61
C LYS A 93 4.87 -14.84 2.96
N GLY A 94 4.77 -15.95 2.27
CA GLY A 94 5.68 -17.09 2.57
C GLY A 94 5.02 -18.03 3.57
N ASP A 95 4.81 -17.60 4.78
CA ASP A 95 4.17 -18.48 5.79
C ASP A 95 2.88 -19.06 5.21
N GLY A 96 1.76 -18.45 5.51
CA GLY A 96 0.47 -18.96 4.98
C GLY A 96 -0.57 -17.84 4.98
N GLY A 97 -0.17 -16.65 5.32
CA GLY A 97 -1.13 -15.51 5.35
C GLY A 97 -1.07 -14.76 4.02
N GLN A 98 -2.19 -14.69 3.33
CA GLN A 98 -2.22 -13.98 2.02
C GLN A 98 -2.92 -12.64 2.17
N LEU A 99 -2.24 -11.59 1.84
CA LEU A 99 -2.86 -10.23 1.96
C LEU A 99 -3.54 -9.88 0.63
N VAL A 100 -4.60 -9.13 0.68
CA VAL A 100 -5.31 -8.75 -0.59
C VAL A 100 -5.79 -7.30 -0.50
N LEU A 101 -5.23 -6.44 -1.30
CA LEU A 101 -5.67 -5.00 -1.28
C LEU A 101 -6.68 -4.77 -2.40
N ARG A 102 -7.89 -4.41 -2.08
CA ARG A 102 -8.90 -4.17 -3.16
C ARG A 102 -9.80 -3.01 -2.75
N ARG A 103 -10.12 -2.15 -3.68
CA ARG A 103 -11.00 -0.98 -3.37
C ARG A 103 -12.15 -1.42 -2.46
N ALA A 104 -12.27 -0.82 -1.32
CA ALA A 104 -13.37 -1.21 -0.39
C ALA A 104 -14.68 -1.28 -1.17
N THR A 105 -15.21 -2.46 -1.34
CA THR A 105 -16.49 -2.61 -2.08
C THR A 105 -17.43 -3.55 -1.31
N PRO A 106 -17.74 -3.21 -0.09
CA PRO A 106 -18.63 -4.03 0.79
C PRO A 106 -20.08 -4.00 0.31
N SER A 1 18.97 13.99 -10.77
CA SER A 1 18.34 13.35 -9.58
C SER A 1 16.83 13.62 -9.58
N SER A 2 16.26 13.82 -10.74
CA SER A 2 14.79 14.09 -10.80
C SER A 2 14.46 15.28 -9.88
N LEU A 3 13.21 15.64 -9.81
CA LEU A 3 12.81 16.79 -8.94
C LEU A 3 11.29 16.92 -8.92
N ILE A 4 10.68 16.96 -10.08
CA ILE A 4 9.19 17.10 -10.13
C ILE A 4 8.55 15.72 -9.90
N LEU A 5 7.48 15.68 -9.15
CA LEU A 5 6.80 14.37 -8.89
C LEU A 5 5.69 14.16 -9.93
N LEU A 6 5.14 12.98 -9.96
CA LEU A 6 4.04 12.70 -10.95
C LEU A 6 2.69 12.93 -10.28
N SER A 7 1.73 13.41 -11.02
CA SER A 7 0.38 13.66 -10.43
C SER A 7 -0.51 12.44 -10.68
N ALA A 8 -0.48 11.48 -9.79
CA ALA A 8 -1.33 10.27 -9.98
C ALA A 8 -2.64 10.45 -9.22
N SER A 9 -3.53 11.25 -9.73
CA SER A 9 -4.83 11.46 -9.05
C SER A 9 -5.81 10.34 -9.41
N ASP A 10 -5.53 9.62 -10.46
CA ASP A 10 -6.43 8.51 -10.87
C ASP A 10 -6.32 7.35 -9.86
N LEU A 11 -5.20 7.27 -9.18
CA LEU A 11 -5.03 6.16 -8.19
C LEU A 11 -5.35 6.68 -6.78
N ALA A 12 -6.54 6.42 -6.31
CA ALA A 12 -6.92 6.89 -4.95
C ALA A 12 -8.34 6.42 -4.63
N GLY A 13 -8.75 6.51 -3.40
CA GLY A 13 -10.12 6.07 -3.02
C GLY A 13 -10.09 5.38 -1.66
N GLN A 14 -10.90 4.36 -1.49
CA GLN A 14 -10.92 3.61 -0.20
C GLN A 14 -10.49 2.18 -0.47
N TRP A 15 -9.82 1.55 0.46
CA TRP A 15 -9.38 0.15 0.24
C TRP A 15 -9.37 -0.58 1.57
N THR A 16 -9.10 -1.86 1.53
CA THR A 16 -9.07 -2.64 2.81
C THR A 16 -8.04 -3.78 2.68
N LEU A 17 -7.71 -4.41 3.77
CA LEU A 17 -6.72 -5.53 3.72
C LEU A 17 -7.41 -6.83 4.15
N GLN A 18 -6.89 -7.96 3.77
CA GLN A 18 -7.52 -9.25 4.18
C GLN A 18 -6.45 -10.34 4.30
N GLN A 19 -6.34 -10.95 5.46
CA GLN A 19 -5.32 -12.01 5.65
C GLN A 19 -6.00 -13.39 5.58
N ASP A 20 -5.55 -14.24 4.71
CA ASP A 20 -6.18 -15.59 4.60
C ASP A 20 -6.12 -16.33 5.95
N GLU A 21 -5.05 -16.19 6.69
CA GLU A 21 -4.96 -16.91 8.00
C GLU A 21 -6.13 -16.54 8.90
N ALA A 22 -6.89 -15.55 8.55
CA ALA A 22 -8.06 -15.15 9.39
C ALA A 22 -8.56 -13.77 8.97
N PRO A 23 -9.81 -13.45 9.24
CA PRO A 23 -10.39 -12.14 8.89
C PRO A 23 -9.39 -10.99 9.02
N ALA A 24 -9.24 -10.43 10.19
CA ALA A 24 -8.27 -9.32 10.39
C ALA A 24 -8.28 -8.40 9.18
N ILE A 25 -9.20 -7.47 9.12
CA ILE A 25 -9.27 -6.54 7.96
C ILE A 25 -8.86 -5.13 8.42
N CYS A 26 -7.76 -4.63 7.93
CA CYS A 26 -7.31 -3.27 8.33
C CYS A 26 -7.77 -2.25 7.30
N HIS A 27 -8.61 -1.33 7.68
CA HIS A 27 -9.07 -0.31 6.70
C HIS A 27 -7.85 0.49 6.23
N LEU A 28 -7.73 0.69 4.94
CA LEU A 28 -6.57 1.44 4.40
C LEU A 28 -7.07 2.61 3.56
N GLU A 29 -6.34 3.70 3.53
CA GLU A 29 -6.79 4.90 2.74
C GLU A 29 -5.64 5.40 1.87
N LEU A 30 -5.80 5.32 0.58
CA LEU A 30 -4.74 5.81 -0.34
C LEU A 30 -4.91 7.31 -0.55
N ARG A 31 -4.15 8.10 0.15
CA ARG A 31 -4.28 9.58 0.00
C ARG A 31 -3.83 10.01 -1.39
N ASP A 32 -4.17 11.20 -1.80
CA ASP A 32 -3.78 11.69 -3.15
C ASP A 32 -2.73 12.80 -3.01
N SER A 33 -2.25 13.02 -1.82
CA SER A 33 -1.23 14.10 -1.62
C SER A 33 0.13 13.60 -2.12
N GLU A 34 1.01 14.50 -2.45
CA GLU A 34 2.35 14.08 -2.95
C GLU A 34 3.33 14.00 -1.78
N VAL A 35 4.31 13.15 -1.87
CA VAL A 35 5.31 13.02 -0.77
C VAL A 35 6.70 12.84 -1.36
N ALA A 36 7.55 13.81 -1.20
CA ALA A 36 8.93 13.69 -1.77
C ALA A 36 9.82 12.90 -0.79
N GLU A 37 9.57 13.01 0.48
CA GLU A 37 10.41 12.27 1.46
C GLU A 37 10.45 10.80 1.08
N ALA A 38 9.40 10.30 0.48
CA ALA A 38 9.35 8.87 0.06
C ALA A 38 9.14 8.79 -1.45
N SER A 39 8.97 9.91 -2.09
CA SER A 39 8.77 9.90 -3.56
C SER A 39 7.47 9.16 -3.89
N GLY A 40 6.45 9.38 -3.12
CA GLY A 40 5.15 8.70 -3.40
C GLY A 40 4.00 9.52 -2.83
N TYR A 41 2.91 8.88 -2.47
CA TYR A 41 1.73 9.60 -1.91
C TYR A 41 1.53 9.17 -0.46
N ASP A 42 0.96 10.02 0.35
CA ASP A 42 0.76 9.68 1.79
C ASP A 42 -0.13 8.42 1.95
N LEU A 43 -0.06 7.81 3.10
CA LEU A 43 -0.89 6.59 3.38
C LEU A 43 -1.63 6.75 4.70
N GLY A 44 -2.81 7.29 4.68
CA GLY A 44 -3.58 7.48 5.95
C GLY A 44 -4.47 6.25 6.19
N GLY A 45 -4.90 6.04 7.41
CA GLY A 45 -5.77 4.88 7.72
C GLY A 45 -5.33 4.25 9.05
N ASP A 46 -5.38 2.95 9.15
CA ASP A 46 -4.97 2.27 10.41
C ASP A 46 -3.51 1.83 10.29
N THR A 47 -2.74 2.56 9.50
CA THR A 47 -1.30 2.21 9.30
C THR A 47 -0.70 1.69 10.61
N ALA A 48 -1.20 2.13 11.73
CA ALA A 48 -0.67 1.65 13.03
C ALA A 48 -1.11 0.20 13.27
N CYS A 49 -1.49 -0.50 12.23
CA CYS A 49 -1.93 -1.92 12.38
C CYS A 49 -1.08 -2.80 11.47
N LEU A 50 -0.59 -2.27 10.39
CA LEU A 50 0.23 -3.08 9.45
C LEU A 50 1.52 -3.53 10.14
N THR A 51 1.72 -3.13 11.37
CA THR A 51 2.95 -3.55 12.09
C THR A 51 2.94 -5.07 12.29
N ARG A 52 1.98 -5.74 11.71
CA ARG A 52 1.89 -7.23 11.86
C ARG A 52 2.31 -7.89 10.54
N TRP A 53 2.21 -7.16 9.45
CA TRP A 53 2.60 -7.74 8.12
C TRP A 53 3.85 -7.00 7.62
N LEU A 54 3.95 -5.75 7.95
CA LEU A 54 5.14 -4.96 7.50
C LEU A 54 6.13 -4.88 8.68
N PRO A 55 7.41 -4.73 8.42
CA PRO A 55 8.43 -4.66 9.51
C PRO A 55 8.42 -3.29 10.19
N SER A 56 7.79 -2.32 9.60
CA SER A 56 7.73 -0.97 10.21
C SER A 56 6.41 -0.30 9.82
N GLU A 57 5.97 0.66 10.59
CA GLU A 57 4.69 1.34 10.25
C GLU A 57 4.91 2.18 8.97
N PRO A 58 4.09 2.03 7.95
CA PRO A 58 4.25 2.82 6.69
C PRO A 58 3.83 4.28 6.86
N ARG A 59 3.91 5.02 5.80
CA ARG A 59 3.51 6.45 5.84
C ARG A 59 3.30 6.96 4.41
N ALA A 60 3.72 6.20 3.44
CA ALA A 60 3.52 6.62 2.03
C ALA A 60 3.50 5.39 1.14
N TRP A 61 3.06 5.54 -0.09
CA TRP A 61 3.02 4.38 -1.03
C TRP A 61 3.36 4.90 -2.43
N ARG A 62 3.87 4.04 -3.29
CA ARG A 62 4.25 4.50 -4.66
C ARG A 62 3.78 3.47 -5.71
N PRO A 63 2.73 3.76 -6.47
CA PRO A 63 2.24 2.82 -7.51
C PRO A 63 3.32 2.54 -8.58
N THR A 64 3.66 1.30 -8.80
CA THR A 64 4.68 0.98 -9.82
C THR A 64 3.98 0.47 -11.09
N PRO A 65 4.64 0.55 -12.22
CA PRO A 65 4.05 0.09 -13.51
C PRO A 65 3.84 -1.43 -13.55
N ALA A 66 3.62 -2.04 -12.43
CA ALA A 66 3.41 -3.51 -12.41
C ALA A 66 2.98 -3.95 -11.00
N GLY A 67 2.49 -3.04 -10.21
CA GLY A 67 2.04 -3.41 -8.84
C GLY A 67 2.18 -2.19 -7.92
N ILE A 68 1.80 -2.32 -6.67
CA ILE A 68 1.89 -1.17 -5.72
C ILE A 68 2.97 -1.45 -4.68
N ALA A 69 3.62 -0.43 -4.19
CA ALA A 69 4.68 -0.61 -3.17
C ALA A 69 4.42 0.30 -1.96
N LEU A 70 4.79 -0.14 -0.78
CA LEU A 70 4.58 0.69 0.43
C LEU A 70 5.94 1.16 0.97
N LEU A 71 6.06 2.43 1.30
CA LEU A 71 7.36 2.96 1.80
C LEU A 71 7.30 3.19 3.30
N GLU A 72 8.44 3.38 3.93
CA GLU A 72 8.46 3.60 5.41
C GLU A 72 8.79 5.07 5.70
N ARG A 73 8.71 5.93 4.72
CA ARG A 73 9.03 7.38 4.94
C ARG A 73 10.54 7.61 4.86
N GLY A 74 11.21 6.84 4.04
CA GLY A 74 12.68 7.01 3.91
C GLY A 74 13.11 6.64 2.48
N GLY A 75 12.20 6.12 1.70
CA GLY A 75 12.55 5.73 0.30
C GLY A 75 12.74 4.21 0.24
N LEU A 76 12.67 3.55 1.35
CA LEU A 76 12.85 2.07 1.34
C LEU A 76 11.50 1.41 1.06
N THR A 77 11.50 0.30 0.39
CA THR A 77 10.20 -0.39 0.08
C THR A 77 9.94 -1.47 1.13
N LEU A 78 8.79 -1.44 1.74
CA LEU A 78 8.47 -2.46 2.78
C LEU A 78 7.81 -3.67 2.13
N MET A 79 6.90 -3.44 1.21
CA MET A 79 6.22 -4.60 0.56
C MET A 79 5.81 -4.24 -0.87
N LEU A 80 6.00 -5.15 -1.78
CA LEU A 80 5.62 -4.88 -3.20
C LEU A 80 4.33 -5.63 -3.52
N LEU A 81 3.21 -4.97 -3.44
CA LEU A 81 1.91 -5.63 -3.73
C LEU A 81 1.75 -5.74 -5.25
N GLY A 82 1.53 -6.93 -5.76
CA GLY A 82 1.40 -7.10 -7.23
C GLY A 82 -0.07 -7.16 -7.64
N ARG A 83 -0.43 -6.45 -8.67
CA ARG A 83 -1.85 -6.48 -9.15
C ARG A 83 -2.13 -7.81 -9.82
N GLN A 84 -3.18 -8.50 -9.45
CA GLN A 84 -3.47 -9.81 -10.10
C GLN A 84 -4.44 -9.59 -11.26
N GLY A 85 -5.21 -8.54 -11.23
CA GLY A 85 -6.17 -8.27 -12.33
C GLY A 85 -7.11 -7.14 -11.91
N GLU A 86 -7.03 -6.02 -12.58
CA GLU A 86 -7.92 -4.88 -12.22
C GLU A 86 -7.59 -4.42 -10.80
N GLY A 87 -8.58 -3.97 -10.07
CA GLY A 87 -8.31 -3.51 -8.67
C GLY A 87 -8.19 -4.73 -7.76
N ASP A 88 -7.11 -5.44 -7.87
CA ASP A 88 -6.92 -6.64 -7.00
C ASP A 88 -5.43 -6.91 -6.81
N TYR A 89 -4.91 -6.62 -5.66
CA TYR A 89 -3.46 -6.84 -5.39
C TYR A 89 -3.31 -7.75 -4.17
N ARG A 90 -2.21 -8.45 -4.07
CA ARG A 90 -2.01 -9.35 -2.91
C ARG A 90 -0.52 -9.69 -2.81
N VAL A 91 -0.10 -10.25 -1.71
CA VAL A 91 1.33 -10.60 -1.57
C VAL A 91 1.48 -11.79 -0.63
N GLN A 92 2.57 -12.52 -0.75
CA GLN A 92 2.80 -13.70 0.13
C GLN A 92 3.94 -13.38 1.09
N LYS A 93 3.84 -13.84 2.32
CA LYS A 93 4.93 -13.57 3.31
C LYS A 93 5.36 -14.89 3.95
N GLY A 94 6.57 -15.31 3.71
CA GLY A 94 7.07 -16.58 4.30
C GLY A 94 6.07 -17.71 4.00
N ASP A 95 5.33 -17.58 2.94
CA ASP A 95 4.34 -18.64 2.59
C ASP A 95 3.48 -18.95 3.81
N GLY A 96 2.31 -18.37 3.90
CA GLY A 96 1.42 -18.63 5.06
C GLY A 96 0.30 -17.59 5.10
N GLY A 97 0.62 -16.36 5.39
CA GLY A 97 -0.44 -15.31 5.45
C GLY A 97 -0.51 -14.58 4.11
N GLN A 98 -1.66 -14.56 3.50
CA GLN A 98 -1.83 -13.88 2.19
C GLN A 98 -2.61 -12.58 2.38
N LEU A 99 -2.00 -11.48 2.07
CA LEU A 99 -2.70 -10.19 2.22
C LEU A 99 -3.38 -9.84 0.88
N VAL A 100 -4.48 -9.14 0.93
CA VAL A 100 -5.19 -8.80 -0.33
C VAL A 100 -5.75 -7.37 -0.24
N LEU A 101 -5.24 -6.47 -1.02
CA LEU A 101 -5.74 -5.06 -1.00
C LEU A 101 -6.76 -4.88 -2.12
N ARG A 102 -7.99 -4.56 -1.81
CA ARG A 102 -9.00 -4.37 -2.89
C ARG A 102 -9.94 -3.22 -2.51
N ARG A 103 -10.25 -2.37 -3.45
CA ARG A 103 -11.14 -1.21 -3.18
C ARG A 103 -12.27 -1.62 -2.24
N ALA A 104 -12.42 -0.95 -1.13
CA ALA A 104 -13.50 -1.31 -0.18
C ALA A 104 -14.86 -1.19 -0.88
N THR A 105 -15.40 -2.29 -1.34
CA THR A 105 -16.71 -2.23 -2.03
C THR A 105 -17.82 -1.89 -1.03
N PRO A 106 -17.80 -2.48 0.14
CA PRO A 106 -18.83 -2.22 1.19
C PRO A 106 -18.84 -0.75 1.62
N SER A 1 13.45 23.66 -13.02
CA SER A 1 13.01 23.52 -11.60
C SER A 1 11.72 22.71 -11.54
N SER A 2 11.82 21.41 -11.60
CA SER A 2 10.59 20.58 -11.54
C SER A 2 10.94 19.18 -11.01
N LEU A 3 11.10 19.05 -9.71
CA LEU A 3 11.44 17.72 -9.14
C LEU A 3 10.15 16.99 -8.75
N ILE A 4 9.02 17.51 -9.15
CA ILE A 4 7.74 16.83 -8.81
C ILE A 4 7.51 15.66 -9.76
N LEU A 5 6.95 14.59 -9.28
CA LEU A 5 6.70 13.41 -10.16
C LEU A 5 5.31 13.52 -10.78
N LEU A 6 4.77 12.44 -11.27
CA LEU A 6 3.42 12.48 -11.88
C LEU A 6 2.36 12.29 -10.80
N SER A 7 1.11 12.54 -11.11
CA SER A 7 0.03 12.38 -10.11
C SER A 7 -0.71 11.06 -10.36
N ALA A 8 -1.65 10.72 -9.52
CA ALA A 8 -2.41 9.46 -9.72
C ALA A 8 -3.63 9.72 -10.61
N SER A 9 -3.83 8.91 -11.61
CA SER A 9 -5.00 9.11 -12.50
C SER A 9 -6.25 8.49 -11.89
N ASP A 10 -6.45 7.20 -12.06
CA ASP A 10 -7.65 6.54 -11.49
C ASP A 10 -7.27 5.82 -10.19
N LEU A 11 -6.16 6.19 -9.60
CA LEU A 11 -5.73 5.53 -8.33
C LEU A 11 -6.21 6.34 -7.14
N ALA A 12 -5.85 5.93 -5.95
CA ALA A 12 -6.29 6.67 -4.72
C ALA A 12 -7.73 6.28 -4.39
N GLY A 13 -8.14 6.49 -3.16
CA GLY A 13 -9.53 6.13 -2.76
C GLY A 13 -9.50 5.46 -1.39
N GLN A 14 -10.28 4.44 -1.21
CA GLN A 14 -10.29 3.71 0.09
C GLN A 14 -9.94 2.25 -0.19
N TRP A 15 -9.26 1.59 0.71
CA TRP A 15 -8.89 0.17 0.47
C TRP A 15 -8.90 -0.58 1.79
N THR A 16 -8.68 -1.87 1.74
CA THR A 16 -8.66 -2.69 2.99
C THR A 16 -7.66 -3.82 2.82
N LEU A 17 -7.28 -4.46 3.90
CA LEU A 17 -6.31 -5.59 3.82
C LEU A 17 -7.01 -6.87 4.25
N GLN A 18 -6.71 -7.98 3.63
CA GLN A 18 -7.38 -9.25 3.99
C GLN A 18 -6.38 -10.40 3.96
N GLN A 19 -6.24 -11.10 5.06
CA GLN A 19 -5.30 -12.26 5.11
C GLN A 19 -6.12 -13.54 4.98
N ASP A 20 -5.99 -14.24 3.87
CA ASP A 20 -6.78 -15.49 3.69
C ASP A 20 -8.23 -15.21 4.07
N GLU A 21 -8.70 -15.70 5.19
CA GLU A 21 -10.10 -15.41 5.60
C GLU A 21 -10.14 -13.96 6.11
N ALA A 22 -9.11 -13.55 6.82
CA ALA A 22 -9.02 -12.17 7.36
C ALA A 22 -9.71 -12.07 8.73
N PRO A 23 -9.18 -12.74 9.72
CA PRO A 23 -9.75 -12.68 11.09
C PRO A 23 -9.87 -11.24 11.58
N ALA A 24 -9.24 -10.33 10.89
CA ALA A 24 -9.30 -8.89 11.29
C ALA A 24 -9.25 -8.03 10.02
N ILE A 25 -10.08 -7.03 9.93
CA ILE A 25 -10.09 -6.16 8.72
C ILE A 25 -9.45 -4.80 9.05
N CYS A 26 -8.32 -4.51 8.46
CA CYS A 26 -7.66 -3.20 8.71
C CYS A 26 -8.05 -2.20 7.62
N HIS A 27 -8.71 -1.14 7.98
CA HIS A 27 -9.11 -0.13 6.96
C HIS A 27 -7.86 0.63 6.52
N LEU A 28 -7.68 0.77 5.23
CA LEU A 28 -6.47 1.50 4.71
C LEU A 28 -6.95 2.70 3.90
N GLU A 29 -6.10 3.69 3.74
CA GLU A 29 -6.50 4.90 2.98
C GLU A 29 -5.32 5.38 2.14
N LEU A 30 -5.42 5.26 0.84
CA LEU A 30 -4.31 5.69 -0.05
C LEU A 30 -4.43 7.20 -0.28
N ARG A 31 -3.53 7.97 0.28
CA ARG A 31 -3.60 9.45 0.09
C ARG A 31 -3.17 9.80 -1.34
N ASP A 32 -3.67 10.88 -1.87
CA ASP A 32 -3.30 11.29 -3.25
C ASP A 32 -2.28 12.42 -3.18
N SER A 33 -1.69 12.63 -2.03
CA SER A 33 -0.69 13.72 -1.89
C SER A 33 0.68 13.23 -2.40
N GLU A 34 1.62 14.12 -2.52
CA GLU A 34 2.98 13.72 -3.01
C GLU A 34 3.94 13.64 -1.82
N VAL A 35 4.91 12.77 -1.88
CA VAL A 35 5.89 12.64 -0.76
C VAL A 35 7.31 12.50 -1.32
N ALA A 36 8.12 13.50 -1.13
CA ALA A 36 9.51 13.42 -1.66
C ALA A 36 10.41 12.66 -0.69
N GLU A 37 10.09 12.69 0.58
CA GLU A 37 10.92 11.96 1.57
C GLU A 37 10.96 10.48 1.18
N ALA A 38 9.86 9.96 0.70
CA ALA A 38 9.81 8.53 0.29
C ALA A 38 9.70 8.43 -1.23
N SER A 39 9.54 9.55 -1.87
CA SER A 39 9.42 9.56 -3.36
C SER A 39 8.15 8.82 -3.77
N GLY A 40 7.05 9.10 -3.12
CA GLY A 40 5.77 8.43 -3.47
C GLY A 40 4.59 9.20 -2.90
N TYR A 41 3.50 8.53 -2.61
CA TYR A 41 2.31 9.21 -2.06
C TYR A 41 2.16 8.86 -0.57
N ASP A 42 1.58 9.74 0.20
CA ASP A 42 1.42 9.48 1.65
C ASP A 42 0.43 8.34 1.89
N LEU A 43 0.31 7.91 3.12
CA LEU A 43 -0.65 6.82 3.46
C LEU A 43 -1.37 7.17 4.76
N GLY A 44 -2.67 7.02 4.78
CA GLY A 44 -3.46 7.32 6.00
C GLY A 44 -4.42 6.15 6.26
N GLY A 45 -4.85 5.98 7.48
CA GLY A 45 -5.78 4.86 7.78
C GLY A 45 -5.38 4.17 9.09
N ASP A 46 -5.67 2.90 9.21
CA ASP A 46 -5.31 2.17 10.46
C ASP A 46 -3.87 1.64 10.32
N THR A 47 -3.11 2.21 9.43
CA THR A 47 -1.70 1.76 9.21
C THR A 47 -1.03 1.40 10.54
N ALA A 48 -1.53 1.90 11.64
CA ALA A 48 -0.92 1.55 12.95
C ALA A 48 -1.28 0.11 13.31
N CYS A 49 -1.81 -0.63 12.37
CA CYS A 49 -2.19 -2.06 12.62
C CYS A 49 -1.30 -2.96 11.77
N LEU A 50 -0.85 -2.47 10.64
CA LEU A 50 0.01 -3.31 9.76
C LEU A 50 1.31 -3.67 10.49
N THR A 51 1.44 -3.26 11.73
CA THR A 51 2.68 -3.58 12.48
C THR A 51 2.79 -5.10 12.68
N ARG A 52 1.91 -5.85 12.07
CA ARG A 52 1.95 -7.34 12.22
C ARG A 52 2.31 -7.99 10.87
N TRP A 53 2.08 -7.29 9.78
CA TRP A 53 2.40 -7.86 8.43
C TRP A 53 3.57 -7.08 7.83
N LEU A 54 3.86 -5.93 8.37
CA LEU A 54 5.00 -5.11 7.84
C LEU A 54 6.00 -4.87 8.98
N PRO A 55 7.25 -4.65 8.67
CA PRO A 55 8.29 -4.41 9.72
C PRO A 55 8.17 -3.02 10.35
N SER A 56 7.43 -2.15 9.73
CA SER A 56 7.27 -0.78 10.28
C SER A 56 5.97 -0.18 9.74
N GLU A 57 5.46 0.84 10.38
CA GLU A 57 4.20 1.45 9.89
C GLU A 57 4.47 2.21 8.58
N PRO A 58 3.82 1.89 7.48
CA PRO A 58 4.06 2.59 6.19
C PRO A 58 3.49 4.01 6.18
N ARG A 59 4.33 4.98 6.11
CA ARG A 59 3.85 6.38 6.08
C ARG A 59 3.71 6.83 4.62
N ALA A 60 4.27 6.09 3.71
CA ALA A 60 4.18 6.48 2.28
C ALA A 60 4.15 5.22 1.39
N TRP A 61 3.64 5.37 0.20
CA TRP A 61 3.58 4.21 -0.75
C TRP A 61 3.87 4.72 -2.15
N ARG A 62 4.41 3.89 -3.01
CA ARG A 62 4.73 4.35 -4.40
C ARG A 62 4.21 3.34 -5.43
N PRO A 63 3.17 3.66 -6.18
CA PRO A 63 2.64 2.73 -7.21
C PRO A 63 3.65 2.52 -8.34
N THR A 64 4.04 1.30 -8.59
CA THR A 64 5.02 1.04 -9.69
C THR A 64 4.28 0.58 -10.95
N PRO A 65 4.88 0.74 -12.10
CA PRO A 65 4.25 0.33 -13.39
C PRO A 65 4.06 -1.19 -13.50
N ALA A 66 3.84 -1.85 -12.40
CA ALA A 66 3.64 -3.32 -12.44
C ALA A 66 3.01 -3.80 -11.14
N GLY A 67 3.07 -3.00 -10.11
CA GLY A 67 2.48 -3.41 -8.81
C GLY A 67 2.57 -2.25 -7.82
N ILE A 68 2.14 -2.45 -6.60
CA ILE A 68 2.18 -1.36 -5.59
C ILE A 68 3.32 -1.61 -4.60
N ALA A 69 3.92 -0.57 -4.08
CA ALA A 69 5.03 -0.74 -3.11
C ALA A 69 4.75 0.13 -1.88
N LEU A 70 5.19 -0.32 -0.73
CA LEU A 70 4.97 0.47 0.52
C LEU A 70 6.33 0.94 1.05
N LEU A 71 6.42 2.17 1.48
CA LEU A 71 7.72 2.69 2.01
C LEU A 71 7.55 3.06 3.48
N GLU A 72 8.64 3.28 4.18
CA GLU A 72 8.57 3.64 5.63
C GLU A 72 8.97 5.10 5.82
N ARG A 73 8.96 5.88 4.76
CA ARG A 73 9.35 7.32 4.87
C ARG A 73 10.88 7.44 4.83
N GLY A 74 11.53 6.58 4.11
CA GLY A 74 13.01 6.64 4.04
C GLY A 74 13.48 6.17 2.65
N GLY A 75 12.61 5.53 1.91
CA GLY A 75 12.98 5.05 0.55
C GLY A 75 13.19 3.53 0.58
N LEU A 76 13.08 2.93 1.74
CA LEU A 76 13.27 1.46 1.83
C LEU A 76 11.94 0.75 1.59
N THR A 77 11.70 0.30 0.40
CA THR A 77 10.42 -0.40 0.10
C THR A 77 10.20 -1.50 1.13
N LEU A 78 9.01 -1.58 1.69
CA LEU A 78 8.74 -2.63 2.71
C LEU A 78 8.14 -3.86 2.03
N MET A 79 7.19 -3.66 1.16
CA MET A 79 6.55 -4.83 0.48
C MET A 79 6.14 -4.46 -0.94
N LEU A 80 6.41 -5.33 -1.89
CA LEU A 80 6.04 -5.06 -3.30
C LEU A 80 4.73 -5.79 -3.61
N LEU A 81 3.62 -5.13 -3.44
CA LEU A 81 2.32 -5.77 -3.74
C LEU A 81 2.14 -5.88 -5.25
N GLY A 82 2.02 -7.07 -5.78
CA GLY A 82 1.88 -7.24 -7.25
C GLY A 82 0.40 -7.33 -7.65
N ARG A 83 0.02 -6.58 -8.64
CA ARG A 83 -1.41 -6.60 -9.11
C ARG A 83 -1.72 -7.97 -9.73
N GLN A 84 -2.71 -8.68 -9.23
CA GLN A 84 -3.07 -10.01 -9.79
C GLN A 84 -4.54 -9.95 -10.23
N GLY A 85 -4.84 -9.11 -11.16
CA GLY A 85 -6.24 -8.98 -11.66
C GLY A 85 -6.35 -7.65 -12.41
N GLU A 86 -7.15 -6.73 -11.94
CA GLU A 86 -7.27 -5.41 -12.61
C GLU A 86 -7.28 -4.37 -11.50
N GLY A 87 -7.27 -4.84 -10.28
CA GLY A 87 -7.27 -3.95 -9.09
C GLY A 87 -7.07 -4.79 -7.83
N ASP A 88 -6.69 -6.03 -7.98
CA ASP A 88 -6.46 -6.91 -6.80
C ASP A 88 -4.97 -7.20 -6.68
N TYR A 89 -4.38 -6.88 -5.56
CA TYR A 89 -2.92 -7.12 -5.38
C TYR A 89 -2.70 -8.17 -4.30
N ARG A 90 -1.67 -8.95 -4.43
CA ARG A 90 -1.39 -10.01 -3.43
C ARG A 90 0.12 -10.21 -3.29
N VAL A 91 0.55 -10.73 -2.19
CA VAL A 91 2.01 -10.96 -1.98
C VAL A 91 2.22 -12.21 -1.12
N GLN A 92 3.33 -12.90 -1.31
CA GLN A 92 3.58 -14.12 -0.50
C GLN A 92 4.14 -13.73 0.87
N LYS A 93 3.42 -14.02 1.91
CA LYS A 93 3.89 -13.67 3.28
C LYS A 93 4.47 -14.92 3.96
N GLY A 94 3.75 -16.00 3.96
CA GLY A 94 4.25 -17.25 4.61
C GLY A 94 3.82 -18.47 3.79
N ASP A 95 3.22 -19.44 4.44
CA ASP A 95 2.77 -20.65 3.71
C ASP A 95 1.29 -20.54 3.36
N GLY A 96 0.60 -19.59 3.94
CA GLY A 96 -0.85 -19.44 3.64
C GLY A 96 -1.29 -17.99 3.89
N GLY A 97 -0.51 -17.24 4.61
CA GLY A 97 -0.88 -15.83 4.89
C GLY A 97 -0.89 -15.03 3.60
N GLN A 98 -1.99 -15.02 2.91
CA GLN A 98 -2.09 -14.27 1.64
C GLN A 98 -2.73 -12.91 1.87
N LEU A 99 -1.97 -11.86 1.67
CA LEU A 99 -2.53 -10.51 1.86
C LEU A 99 -3.26 -10.11 0.58
N VAL A 100 -4.34 -9.37 0.70
CA VAL A 100 -5.10 -8.96 -0.51
C VAL A 100 -5.60 -7.52 -0.36
N LEU A 101 -5.00 -6.59 -1.05
CA LEU A 101 -5.44 -5.17 -0.96
C LEU A 101 -6.46 -4.90 -2.06
N ARG A 102 -7.67 -4.54 -1.72
CA ARG A 102 -8.70 -4.28 -2.77
C ARG A 102 -9.50 -3.04 -2.37
N ARG A 103 -9.74 -2.17 -3.32
CA ARG A 103 -10.52 -0.93 -3.03
C ARG A 103 -11.72 -1.26 -2.15
N ALA A 104 -11.95 -0.47 -1.12
CA ALA A 104 -13.10 -0.74 -0.22
C ALA A 104 -14.29 0.12 -0.64
N THR A 105 -15.05 -0.33 -1.60
CA THR A 105 -16.24 0.45 -2.06
C THR A 105 -17.44 -0.48 -2.19
N PRO A 106 -17.81 -1.13 -1.11
CA PRO A 106 -18.97 -2.07 -1.09
C PRO A 106 -20.30 -1.34 -1.24
N SER A 1 12.66 22.17 -9.19
CA SER A 1 12.00 21.73 -10.45
C SER A 1 11.55 20.27 -10.31
N SER A 2 10.33 20.05 -9.91
CA SER A 2 9.84 18.66 -9.75
C SER A 2 8.31 18.65 -9.74
N LEU A 3 7.71 19.60 -9.06
CA LEU A 3 6.23 19.65 -9.01
C LEU A 3 5.69 18.27 -8.66
N ILE A 4 4.39 18.08 -8.76
CA ILE A 4 3.80 16.76 -8.43
C ILE A 4 3.97 15.81 -9.62
N LEU A 5 4.19 14.55 -9.37
CA LEU A 5 4.37 13.59 -10.49
C LEU A 5 3.00 13.21 -11.06
N LEU A 6 1.96 13.33 -10.28
CA LEU A 6 0.60 12.99 -10.78
C LEU A 6 0.57 11.52 -11.21
N SER A 7 1.29 10.68 -10.51
CA SER A 7 1.30 9.23 -10.88
C SER A 7 0.26 8.48 -10.04
N ALA A 8 0.04 8.92 -8.83
CA ALA A 8 -0.95 8.23 -7.95
C ALA A 8 -2.31 8.92 -8.07
N SER A 9 -2.33 10.13 -8.56
CA SER A 9 -3.62 10.85 -8.71
C SER A 9 -4.65 9.93 -9.37
N ASP A 10 -4.19 8.93 -10.07
CA ASP A 10 -5.14 8.00 -10.75
C ASP A 10 -5.32 6.75 -9.88
N LEU A 11 -4.41 6.48 -8.99
CA LEU A 11 -4.52 5.29 -8.11
C LEU A 11 -5.02 5.72 -6.73
N ALA A 12 -5.40 6.96 -6.58
CA ALA A 12 -5.90 7.44 -5.26
C ALA A 12 -7.28 6.83 -4.99
N GLY A 13 -7.71 6.85 -3.76
CA GLY A 13 -9.04 6.28 -3.41
C GLY A 13 -9.00 5.63 -2.04
N GLN A 14 -9.88 4.71 -1.78
CA GLN A 14 -9.90 4.01 -0.46
C GLN A 14 -9.63 2.53 -0.71
N TRP A 15 -9.00 1.86 0.22
CA TRP A 15 -8.71 0.42 0.01
C TRP A 15 -8.75 -0.29 1.36
N THR A 16 -8.56 -1.59 1.35
CA THR A 16 -8.58 -2.34 2.63
C THR A 16 -7.62 -3.53 2.52
N LEU A 17 -7.28 -4.13 3.64
CA LEU A 17 -6.37 -5.30 3.62
C LEU A 17 -7.13 -6.54 4.09
N GLN A 18 -6.72 -7.70 3.67
CA GLN A 18 -7.44 -8.93 4.09
C GLN A 18 -6.47 -10.10 4.15
N GLN A 19 -6.37 -10.74 5.30
CA GLN A 19 -5.47 -11.91 5.44
C GLN A 19 -6.29 -13.19 5.30
N ASP A 20 -6.02 -13.98 4.30
CA ASP A 20 -6.81 -15.26 4.11
C ASP A 20 -8.29 -14.95 4.30
N GLU A 21 -8.90 -15.47 5.33
CA GLU A 21 -10.34 -15.17 5.56
C GLU A 21 -10.45 -13.69 5.94
N ALA A 22 -9.50 -13.21 6.72
CA ALA A 22 -9.48 -11.79 7.16
C ALA A 22 -10.29 -11.59 8.45
N PRO A 23 -9.84 -12.13 9.54
CA PRO A 23 -10.54 -11.97 10.85
C PRO A 23 -10.54 -10.51 11.28
N ALA A 24 -9.95 -9.66 10.48
CA ALA A 24 -9.89 -8.21 10.82
C ALA A 24 -9.56 -7.42 9.55
N ILE A 25 -10.39 -6.49 9.17
CA ILE A 25 -10.12 -5.69 7.95
C ILE A 25 -9.50 -4.34 8.34
N CYS A 26 -8.37 -4.01 7.79
CA CYS A 26 -7.72 -2.71 8.13
C CYS A 26 -8.06 -1.66 7.06
N HIS A 27 -8.67 -0.59 7.47
CA HIS A 27 -9.00 0.48 6.47
C HIS A 27 -7.72 1.15 6.02
N LEU A 28 -7.53 1.29 4.74
CA LEU A 28 -6.30 1.95 4.21
C LEU A 28 -6.70 3.17 3.37
N GLU A 29 -5.80 4.10 3.19
CA GLU A 29 -6.13 5.31 2.39
C GLU A 29 -4.93 5.71 1.53
N LEU A 30 -5.05 5.58 0.25
CA LEU A 30 -3.92 5.96 -0.66
C LEU A 30 -3.98 7.45 -0.93
N ARG A 31 -3.11 8.22 -0.33
CA ARG A 31 -3.14 9.70 -0.56
C ARG A 31 -2.49 10.01 -1.91
N ASP A 32 -2.78 11.16 -2.46
CA ASP A 32 -2.20 11.55 -3.77
C ASP A 32 -1.10 12.58 -3.53
N SER A 33 -0.67 12.75 -2.31
CA SER A 33 0.39 13.75 -2.02
C SER A 33 1.73 13.20 -2.50
N GLU A 34 2.69 14.07 -2.74
CA GLU A 34 4.02 13.58 -3.21
C GLU A 34 4.99 13.50 -2.02
N VAL A 35 5.91 12.58 -2.07
CA VAL A 35 6.88 12.43 -0.94
C VAL A 35 8.28 12.13 -1.52
N ALA A 36 9.21 13.03 -1.32
CA ALA A 36 10.58 12.80 -1.86
C ALA A 36 11.43 12.01 -0.85
N GLU A 37 11.10 12.09 0.41
CA GLU A 37 11.90 11.34 1.42
C GLU A 37 11.75 9.85 1.17
N ALA A 38 10.56 9.41 0.85
CA ALA A 38 10.34 7.96 0.56
C ALA A 38 10.31 7.74 -0.94
N SER A 39 10.20 8.80 -1.69
CA SER A 39 10.17 8.66 -3.17
C SER A 39 8.83 8.05 -3.60
N GLY A 40 7.76 8.45 -2.98
CA GLY A 40 6.43 7.90 -3.37
C GLY A 40 5.32 8.82 -2.86
N TYR A 41 4.15 8.27 -2.62
CA TYR A 41 3.01 9.10 -2.13
C TYR A 41 2.72 8.76 -0.67
N ASP A 42 2.10 9.67 0.04
CA ASP A 42 1.81 9.42 1.48
C ASP A 42 0.84 8.24 1.64
N LEU A 43 0.75 7.72 2.84
CA LEU A 43 -0.18 6.57 3.09
C LEU A 43 -0.90 6.78 4.43
N GLY A 44 -2.04 7.42 4.40
CA GLY A 44 -2.80 7.63 5.67
C GLY A 44 -3.71 6.43 5.90
N GLY A 45 -4.59 6.52 6.86
CA GLY A 45 -5.51 5.38 7.14
C GLY A 45 -5.02 4.60 8.37
N ASP A 46 -5.30 3.34 8.43
CA ASP A 46 -4.86 2.52 9.59
C ASP A 46 -3.51 1.89 9.27
N THR A 47 -2.47 2.64 9.45
CA THR A 47 -1.10 2.10 9.18
C THR A 47 -0.59 1.55 10.51
N ALA A 48 -1.26 1.92 11.58
CA ALA A 48 -0.84 1.45 12.92
C ALA A 48 -1.41 0.05 13.18
N CYS A 49 -1.92 -0.58 12.15
CA CYS A 49 -2.49 -1.96 12.31
C CYS A 49 -1.80 -2.90 11.31
N LEU A 50 -0.63 -2.54 10.86
CA LEU A 50 0.11 -3.42 9.89
C LEU A 50 1.41 -3.90 10.54
N THR A 51 1.65 -3.49 11.76
CA THR A 51 2.90 -3.94 12.45
C THR A 51 2.85 -5.45 12.65
N ARG A 52 1.82 -6.09 12.16
CA ARG A 52 1.70 -7.56 12.30
C ARG A 52 2.03 -8.23 10.97
N TRP A 53 1.91 -7.50 9.89
CA TRP A 53 2.21 -8.06 8.55
C TRP A 53 3.43 -7.35 7.95
N LEU A 54 3.71 -6.16 8.41
CA LEU A 54 4.90 -5.40 7.90
C LEU A 54 5.87 -5.19 9.07
N PRO A 55 7.15 -5.01 8.81
CA PRO A 55 8.15 -4.81 9.89
C PRO A 55 8.13 -3.37 10.44
N SER A 56 7.51 -2.47 9.74
CA SER A 56 7.45 -1.07 10.22
C SER A 56 6.16 -0.41 9.71
N GLU A 57 5.68 0.60 10.39
CA GLU A 57 4.43 1.26 9.94
C GLU A 57 4.69 2.02 8.62
N PRO A 58 4.00 1.69 7.55
CA PRO A 58 4.21 2.36 6.24
C PRO A 58 3.69 3.80 6.20
N ARG A 59 4.57 4.74 6.09
CA ARG A 59 4.14 6.16 6.03
C ARG A 59 4.00 6.58 4.56
N ALA A 60 4.47 5.77 3.66
CA ALA A 60 4.37 6.13 2.22
C ALA A 60 4.37 4.86 1.34
N TRP A 61 4.00 5.00 0.10
CA TRP A 61 3.98 3.83 -0.82
C TRP A 61 4.34 4.34 -2.23
N ARG A 62 4.84 3.49 -3.09
CA ARG A 62 5.23 3.95 -4.46
C ARG A 62 4.73 2.94 -5.51
N PRO A 63 3.72 3.29 -6.30
CA PRO A 63 3.21 2.38 -7.35
C PRO A 63 4.31 2.05 -8.37
N THR A 64 4.60 0.79 -8.57
CA THR A 64 5.66 0.41 -9.55
C THR A 64 5.00 0.07 -10.88
N PRO A 65 5.74 0.15 -11.96
CA PRO A 65 5.21 -0.17 -13.33
C PRO A 65 4.84 -1.64 -13.47
N ALA A 66 4.54 -2.29 -12.37
CA ALA A 66 4.17 -3.74 -12.46
C ALA A 66 3.64 -4.21 -11.09
N GLY A 67 3.08 -3.31 -10.32
CA GLY A 67 2.54 -3.72 -8.98
C GLY A 67 2.56 -2.53 -8.02
N ILE A 68 2.72 -2.78 -6.75
CA ILE A 68 2.74 -1.67 -5.76
C ILE A 68 3.76 -1.98 -4.66
N ALA A 69 4.36 -0.97 -4.08
CA ALA A 69 5.36 -1.20 -2.99
C ALA A 69 5.03 -0.30 -1.80
N LEU A 70 5.34 -0.73 -0.60
CA LEU A 70 5.05 0.11 0.60
C LEU A 70 6.38 0.60 1.20
N LEU A 71 6.44 1.86 1.56
CA LEU A 71 7.70 2.42 2.13
C LEU A 71 7.40 3.06 3.48
N GLU A 72 8.37 3.16 4.35
CA GLU A 72 8.13 3.80 5.68
C GLU A 72 8.54 5.28 5.64
N ARG A 73 9.75 5.54 5.25
CA ARG A 73 10.23 6.96 5.18
C ARG A 73 11.64 7.02 4.59
N GLY A 74 12.49 6.08 4.92
CA GLY A 74 13.87 6.11 4.36
C GLY A 74 13.90 5.31 3.07
N GLY A 75 12.84 5.35 2.32
CA GLY A 75 12.80 4.59 1.04
C GLY A 75 13.01 3.11 1.31
N LEU A 76 12.78 2.67 2.53
CA LEU A 76 12.97 1.24 2.86
C LEU A 76 11.71 0.47 2.45
N THR A 77 11.74 -0.16 1.30
CA THR A 77 10.55 -0.92 0.85
C THR A 77 10.15 -1.93 1.93
N LEU A 78 8.89 -2.00 2.24
CA LEU A 78 8.43 -2.96 3.29
C LEU A 78 7.86 -4.20 2.61
N MET A 79 7.06 -4.02 1.59
CA MET A 79 6.46 -5.19 0.90
C MET A 79 6.18 -4.85 -0.57
N LEU A 80 6.47 -5.76 -1.45
CA LEU A 80 6.22 -5.52 -2.90
C LEU A 80 4.88 -6.17 -3.27
N LEU A 81 3.81 -5.42 -3.23
CA LEU A 81 2.49 -6.00 -3.58
C LEU A 81 2.36 -6.06 -5.11
N GLY A 82 2.11 -7.24 -5.65
CA GLY A 82 2.01 -7.39 -7.13
C GLY A 82 0.54 -7.52 -7.57
N ARG A 83 0.20 -6.90 -8.66
CA ARG A 83 -1.20 -6.99 -9.17
C ARG A 83 -1.44 -8.40 -9.72
N GLN A 84 -2.45 -9.08 -9.24
CA GLN A 84 -2.74 -10.46 -9.72
C GLN A 84 -3.98 -10.46 -10.63
N GLY A 85 -4.92 -9.58 -10.36
CA GLY A 85 -6.15 -9.51 -11.19
C GLY A 85 -6.13 -8.23 -12.02
N GLU A 86 -6.87 -7.23 -11.64
CA GLU A 86 -6.87 -5.95 -12.38
C GLU A 86 -6.96 -4.82 -11.36
N GLY A 87 -7.15 -5.18 -10.13
CA GLY A 87 -7.24 -4.19 -9.03
C GLY A 87 -7.03 -4.90 -7.69
N ASP A 88 -6.60 -6.13 -7.72
CA ASP A 88 -6.36 -6.89 -6.47
C ASP A 88 -4.88 -7.23 -6.38
N TYR A 89 -4.16 -6.64 -5.47
CA TYR A 89 -2.72 -6.92 -5.33
C TYR A 89 -2.51 -7.84 -4.13
N ARG A 90 -1.80 -8.91 -4.33
CA ARG A 90 -1.56 -9.88 -3.22
C ARG A 90 -0.07 -10.23 -3.16
N VAL A 91 0.36 -10.78 -2.06
CA VAL A 91 1.80 -11.15 -1.92
C VAL A 91 1.93 -12.41 -1.06
N GLN A 92 2.95 -13.19 -1.28
CA GLN A 92 3.12 -14.42 -0.47
C GLN A 92 3.70 -14.05 0.90
N LYS A 93 2.96 -14.28 1.94
CA LYS A 93 3.48 -13.93 3.30
C LYS A 93 4.19 -15.15 3.90
N GLY A 94 5.25 -15.59 3.27
CA GLY A 94 5.98 -16.78 3.80
C GLY A 94 5.18 -18.04 3.50
N ASP A 95 4.31 -18.43 4.38
CA ASP A 95 3.49 -19.66 4.15
C ASP A 95 2.40 -19.75 5.22
N GLY A 96 1.35 -18.97 5.09
CA GLY A 96 0.26 -19.03 6.10
C GLY A 96 -0.37 -17.64 6.26
N GLY A 97 -1.00 -17.14 5.23
CA GLY A 97 -1.65 -15.79 5.34
C GLY A 97 -1.53 -15.06 4.00
N GLN A 98 -2.61 -14.99 3.28
CA GLN A 98 -2.59 -14.30 1.96
C GLN A 98 -3.15 -12.89 2.11
N LEU A 99 -2.35 -11.91 1.79
CA LEU A 99 -2.82 -10.51 1.89
C LEU A 99 -3.51 -10.12 0.59
N VAL A 100 -4.55 -9.34 0.67
CA VAL A 100 -5.28 -8.94 -0.57
C VAL A 100 -5.72 -7.46 -0.46
N LEU A 101 -5.15 -6.61 -1.27
CA LEU A 101 -5.52 -5.17 -1.23
C LEU A 101 -6.56 -4.88 -2.32
N ARG A 102 -7.74 -4.47 -1.97
CA ARG A 102 -8.77 -4.19 -3.01
C ARG A 102 -9.51 -2.90 -2.65
N ARG A 103 -9.73 -2.07 -3.63
CA ARG A 103 -10.45 -0.78 -3.39
C ARG A 103 -11.64 -1.01 -2.46
N ALA A 104 -11.78 -0.21 -1.44
CA ALA A 104 -12.92 -0.38 -0.50
C ALA A 104 -14.23 -0.42 -1.28
N THR A 105 -15.08 -1.36 -0.98
CA THR A 105 -16.38 -1.45 -1.71
C THR A 105 -17.43 -0.61 -0.96
N PRO A 106 -18.51 -0.28 -1.61
CA PRO A 106 -19.62 0.52 -1.01
C PRO A 106 -20.36 -0.26 0.08
N SER A 1 14.33 16.94 -11.45
CA SER A 1 15.82 16.82 -11.45
C SER A 1 16.24 15.49 -12.08
N SER A 2 15.34 14.55 -12.14
CA SER A 2 15.67 13.23 -12.75
C SER A 2 14.42 12.59 -13.32
N LEU A 3 13.84 13.19 -14.33
CA LEU A 3 12.61 12.61 -14.94
C LEU A 3 11.58 12.34 -13.85
N ILE A 4 10.66 13.25 -13.65
CA ILE A 4 9.63 13.04 -12.59
C ILE A 4 8.47 12.20 -13.17
N LEU A 5 7.88 11.36 -12.36
CA LEU A 5 6.75 10.53 -12.86
C LEU A 5 5.50 11.39 -12.99
N LEU A 6 4.37 10.78 -13.25
CA LEU A 6 3.11 11.56 -13.39
C LEU A 6 2.46 11.72 -12.01
N SER A 7 1.33 12.37 -11.96
CA SER A 7 0.64 12.57 -10.65
C SER A 7 -0.37 11.44 -10.44
N ALA A 8 -0.92 11.34 -9.25
CA ALA A 8 -1.91 10.26 -8.97
C ALA A 8 -3.33 10.81 -9.19
N SER A 9 -4.04 10.27 -10.15
CA SER A 9 -5.42 10.75 -10.43
C SER A 9 -6.36 9.55 -10.60
N ASP A 10 -5.80 8.37 -10.72
CA ASP A 10 -6.65 7.16 -10.89
C ASP A 10 -6.78 6.45 -9.55
N LEU A 11 -6.00 6.85 -8.57
CA LEU A 11 -6.05 6.21 -7.22
C LEU A 11 -6.40 7.27 -6.18
N ALA A 12 -5.90 7.11 -4.98
CA ALA A 12 -6.21 8.11 -3.91
C ALA A 12 -7.70 8.03 -3.54
N GLY A 13 -8.06 7.09 -2.71
CA GLY A 13 -9.48 6.95 -2.31
C GLY A 13 -9.55 6.16 -1.00
N GLN A 14 -10.27 5.07 -0.99
CA GLN A 14 -10.37 4.24 0.24
C GLN A 14 -10.08 2.80 -0.15
N TRP A 15 -9.43 2.05 0.71
CA TRP A 15 -9.12 0.64 0.35
C TRP A 15 -9.20 -0.23 1.61
N THR A 16 -8.95 -1.50 1.48
CA THR A 16 -9.01 -2.39 2.68
C THR A 16 -8.00 -3.52 2.50
N LEU A 17 -7.72 -4.24 3.55
CA LEU A 17 -6.75 -5.38 3.46
C LEU A 17 -7.48 -6.69 3.73
N GLN A 18 -6.92 -7.80 3.30
CA GLN A 18 -7.59 -9.11 3.53
C GLN A 18 -6.54 -10.20 3.76
N GLN A 19 -6.55 -10.80 4.92
CA GLN A 19 -5.57 -11.88 5.22
C GLN A 19 -6.12 -13.22 4.69
N ASP A 20 -5.28 -14.07 4.15
CA ASP A 20 -5.79 -15.36 3.62
C ASP A 20 -6.70 -16.06 4.62
N GLU A 21 -6.38 -16.00 5.89
CA GLU A 21 -7.26 -16.70 6.87
C GLU A 21 -8.59 -15.92 6.98
N ALA A 22 -8.55 -14.65 7.35
CA ALA A 22 -9.82 -13.84 7.45
C ALA A 22 -9.68 -12.71 8.50
N PRO A 23 -9.51 -13.04 9.77
CA PRO A 23 -9.41 -12.02 10.85
C PRO A 23 -8.34 -10.98 10.57
N ALA A 24 -8.07 -10.13 11.52
CA ALA A 24 -7.04 -9.09 11.32
C ALA A 24 -7.31 -8.34 10.02
N ILE A 25 -8.43 -7.67 9.92
CA ILE A 25 -8.74 -6.91 8.67
C ILE A 25 -8.39 -5.44 8.91
N CYS A 26 -7.33 -4.97 8.31
CA CYS A 26 -6.92 -3.55 8.53
C CYS A 26 -7.46 -2.66 7.42
N HIS A 27 -8.36 -1.78 7.74
CA HIS A 27 -8.88 -0.85 6.70
C HIS A 27 -7.74 0.08 6.32
N LEU A 28 -7.57 0.38 5.06
CA LEU A 28 -6.45 1.27 4.63
C LEU A 28 -7.01 2.48 3.91
N GLU A 29 -6.35 3.61 4.03
CA GLU A 29 -6.84 4.85 3.37
C GLU A 29 -5.72 5.48 2.54
N LEU A 30 -5.85 5.44 1.24
CA LEU A 30 -4.81 6.04 0.36
C LEU A 30 -5.07 7.54 0.25
N ARG A 31 -4.36 8.35 1.00
CA ARG A 31 -4.61 9.82 0.94
C ARG A 31 -3.93 10.41 -0.29
N ASP A 32 -4.20 11.65 -0.60
CA ASP A 32 -3.59 12.31 -1.78
C ASP A 32 -2.55 13.34 -1.33
N SER A 33 -2.26 13.38 -0.06
CA SER A 33 -1.26 14.36 0.43
C SER A 33 0.13 13.92 -0.05
N GLU A 34 0.81 14.77 -0.77
CA GLU A 34 2.17 14.38 -1.27
C GLU A 34 3.16 14.32 -0.11
N VAL A 35 4.20 13.55 -0.26
CA VAL A 35 5.22 13.43 0.84
C VAL A 35 6.62 13.41 0.22
N ALA A 36 7.37 14.46 0.40
CA ALA A 36 8.75 14.51 -0.18
C ALA A 36 9.70 13.65 0.67
N GLU A 37 9.48 13.60 1.96
CA GLU A 37 10.38 12.78 2.82
C GLU A 37 10.29 11.32 2.38
N ALA A 38 9.13 10.89 1.96
CA ALA A 38 8.97 9.47 1.51
C ALA A 38 8.95 9.43 -0.01
N SER A 39 8.77 10.56 -0.63
CA SER A 39 8.75 10.60 -2.11
C SER A 39 7.48 9.90 -2.62
N GLY A 40 6.36 10.13 -1.98
CA GLY A 40 5.10 9.48 -2.42
C GLY A 40 3.90 10.22 -1.83
N TYR A 41 2.82 9.52 -1.61
CA TYR A 41 1.59 10.16 -1.03
C TYR A 41 1.38 9.65 0.39
N ASP A 42 0.71 10.42 1.22
CA ASP A 42 0.48 10.00 2.63
C ASP A 42 -0.31 8.69 2.71
N LEU A 43 -0.24 8.03 3.83
CA LEU A 43 -0.97 6.75 4.04
C LEU A 43 -1.70 6.78 5.39
N GLY A 44 -2.92 7.22 5.41
CA GLY A 44 -3.67 7.28 6.70
C GLY A 44 -4.46 5.98 6.89
N GLY A 45 -4.79 5.65 8.11
CA GLY A 45 -5.56 4.40 8.38
C GLY A 45 -4.97 3.68 9.59
N ASP A 46 -5.40 2.47 9.83
CA ASP A 46 -4.88 1.70 10.99
C ASP A 46 -3.42 1.30 10.74
N THR A 47 -2.73 2.05 9.91
CA THR A 47 -1.30 1.74 9.58
C THR A 47 -0.59 1.18 10.81
N ALA A 48 -1.02 1.56 11.98
CA ALA A 48 -0.38 1.04 13.22
C ALA A 48 -0.82 -0.40 13.45
N CYS A 49 -1.25 -1.07 12.41
CA CYS A 49 -1.70 -2.48 12.53
C CYS A 49 -1.07 -3.28 11.39
N LEU A 50 0.02 -2.80 10.85
CA LEU A 50 0.71 -3.52 9.74
C LEU A 50 2.05 -4.05 10.27
N THR A 51 2.33 -3.84 11.52
CA THR A 51 3.61 -4.34 12.09
C THR A 51 3.60 -5.87 12.08
N ARG A 52 2.56 -6.46 11.53
CA ARG A 52 2.49 -7.94 11.49
C ARG A 52 2.85 -8.43 10.09
N TRP A 53 2.66 -7.60 9.09
CA TRP A 53 3.01 -8.00 7.69
C TRP A 53 4.20 -7.17 7.21
N LEU A 54 4.32 -5.97 7.72
CA LEU A 54 5.46 -5.08 7.33
C LEU A 54 6.47 -5.04 8.47
N PRO A 55 7.74 -4.79 8.19
CA PRO A 55 8.79 -4.74 9.25
C PRO A 55 8.75 -3.43 10.04
N SER A 56 8.06 -2.44 9.53
CA SER A 56 7.98 -1.14 10.24
C SER A 56 6.65 -0.46 9.92
N GLU A 57 6.22 0.46 10.74
CA GLU A 57 4.93 1.14 10.47
C GLU A 57 5.09 2.07 9.25
N PRO A 58 4.24 1.96 8.23
CA PRO A 58 4.35 2.82 7.03
C PRO A 58 3.96 4.28 7.31
N ARG A 59 4.08 5.11 6.32
CA ARG A 59 3.70 6.54 6.48
C ARG A 59 3.36 7.13 5.10
N ALA A 60 3.73 6.45 4.05
CA ALA A 60 3.43 6.95 2.69
C ALA A 60 3.40 5.77 1.72
N TRP A 61 2.88 5.99 0.54
CA TRP A 61 2.82 4.90 -0.49
C TRP A 61 3.15 5.52 -1.85
N ARG A 62 3.76 4.76 -2.73
CA ARG A 62 4.12 5.30 -4.07
C ARG A 62 3.68 4.32 -5.18
N PRO A 63 2.64 4.63 -5.91
CA PRO A 63 2.17 3.72 -7.01
C PRO A 63 3.22 3.58 -8.12
N THR A 64 3.62 2.38 -8.42
CA THR A 64 4.64 2.18 -9.50
C THR A 64 3.93 1.76 -10.78
N PRO A 65 4.54 1.96 -11.93
CA PRO A 65 3.94 1.59 -13.24
C PRO A 65 3.78 0.08 -13.40
N ALA A 66 3.62 -0.64 -12.31
CA ALA A 66 3.45 -2.11 -12.42
C ALA A 66 3.10 -2.69 -11.04
N GLY A 67 2.56 -1.88 -10.17
CA GLY A 67 2.20 -2.40 -8.81
C GLY A 67 2.27 -1.25 -7.80
N ILE A 68 1.88 -1.51 -6.57
CA ILE A 68 1.91 -0.45 -5.53
C ILE A 68 3.05 -0.72 -4.55
N ALA A 69 3.64 0.32 -4.01
CA ALA A 69 4.75 0.13 -3.02
C ALA A 69 4.44 0.93 -1.76
N LEU A 70 4.85 0.43 -0.62
CA LEU A 70 4.58 1.15 0.67
C LEU A 70 5.90 1.64 1.23
N LEU A 71 5.95 2.89 1.66
CA LEU A 71 7.22 3.44 2.21
C LEU A 71 7.07 3.67 3.72
N GLU A 72 8.10 4.18 4.34
CA GLU A 72 8.05 4.44 5.80
C GLU A 72 8.69 5.79 6.09
N ARG A 73 8.14 6.84 5.54
CA ARG A 73 8.70 8.19 5.79
C ARG A 73 10.13 8.31 5.24
N GLY A 74 10.97 7.35 5.49
CA GLY A 74 12.37 7.43 4.97
C GLY A 74 12.39 7.19 3.47
N GLY A 75 11.36 6.57 2.93
CA GLY A 75 11.32 6.30 1.47
C GLY A 75 11.74 4.85 1.20
N LEU A 76 11.91 4.08 2.24
CA LEU A 76 12.32 2.66 2.05
C LEU A 76 11.09 1.81 1.72
N THR A 77 11.01 1.30 0.53
CA THR A 77 9.83 0.48 0.14
C THR A 77 9.71 -0.71 1.10
N LEU A 78 8.66 -0.75 1.87
CA LEU A 78 8.47 -1.88 2.83
C LEU A 78 7.91 -3.10 2.08
N MET A 79 7.00 -2.89 1.17
CA MET A 79 6.43 -4.04 0.43
C MET A 79 5.99 -3.61 -0.96
N LEU A 80 6.24 -4.43 -1.95
CA LEU A 80 5.83 -4.08 -3.35
C LEU A 80 4.56 -4.84 -3.70
N LEU A 81 3.42 -4.22 -3.51
CA LEU A 81 2.14 -4.89 -3.86
C LEU A 81 2.02 -4.94 -5.38
N GLY A 82 1.87 -6.10 -5.95
CA GLY A 82 1.79 -6.21 -7.44
C GLY A 82 0.34 -6.40 -7.90
N ARG A 83 -0.05 -5.69 -8.92
CA ARG A 83 -1.43 -5.82 -9.44
C ARG A 83 -1.56 -7.17 -10.16
N GLN A 84 -2.53 -7.97 -9.83
CA GLN A 84 -2.68 -9.30 -10.49
C GLN A 84 -4.02 -9.37 -11.24
N GLY A 85 -5.03 -8.69 -10.75
CA GLY A 85 -6.36 -8.74 -11.44
C GLY A 85 -7.01 -7.36 -11.44
N GLU A 86 -6.23 -6.32 -11.62
CA GLU A 86 -6.80 -4.95 -11.65
C GLU A 86 -7.51 -4.65 -10.32
N GLY A 87 -7.05 -3.66 -9.61
CA GLY A 87 -7.69 -3.31 -8.32
C GLY A 87 -7.41 -4.40 -7.28
N ASP A 88 -6.96 -5.54 -7.72
CA ASP A 88 -6.65 -6.64 -6.76
C ASP A 88 -5.13 -6.88 -6.73
N TYR A 89 -4.48 -6.37 -5.72
CA TYR A 89 -3.00 -6.55 -5.61
C TYR A 89 -2.73 -7.66 -4.60
N ARG A 90 -1.73 -8.46 -4.82
CA ARG A 90 -1.41 -9.55 -3.85
C ARG A 90 0.09 -9.59 -3.61
N VAL A 91 0.51 -10.03 -2.45
CA VAL A 91 1.96 -10.09 -2.14
C VAL A 91 2.26 -11.39 -1.40
N GLN A 92 2.93 -12.31 -2.04
CA GLN A 92 3.25 -13.61 -1.36
C GLN A 92 4.00 -13.32 -0.06
N LYS A 93 3.50 -13.82 1.05
CA LYS A 93 4.18 -13.60 2.35
C LYS A 93 4.77 -14.92 2.84
N GLY A 94 4.29 -16.02 2.35
CA GLY A 94 4.83 -17.34 2.79
C GLY A 94 3.92 -18.47 2.30
N ASP A 95 4.16 -19.67 2.74
CA ASP A 95 3.30 -20.81 2.30
C ASP A 95 1.94 -20.75 3.00
N GLY A 96 1.18 -19.71 2.75
CA GLY A 96 -0.14 -19.58 3.40
C GLY A 96 -0.61 -18.12 3.33
N GLY A 97 0.14 -17.23 3.91
CA GLY A 97 -0.24 -15.78 3.89
C GLY A 97 -0.77 -15.40 2.51
N GLN A 98 -1.43 -14.27 2.45
CA GLN A 98 -1.98 -13.77 1.15
C GLN A 98 -2.74 -12.48 1.41
N LEU A 99 -2.08 -11.37 1.29
CA LEU A 99 -2.76 -10.08 1.54
C LEU A 99 -3.43 -9.62 0.24
N VAL A 100 -4.54 -8.96 0.35
CA VAL A 100 -5.25 -8.50 -0.87
C VAL A 100 -5.77 -7.06 -0.68
N LEU A 101 -5.13 -6.10 -1.29
CA LEU A 101 -5.59 -4.69 -1.15
C LEU A 101 -6.58 -4.39 -2.28
N ARG A 102 -7.82 -4.07 -1.97
CA ARG A 102 -8.80 -3.78 -3.06
C ARG A 102 -9.68 -2.62 -2.64
N ARG A 103 -9.90 -1.71 -3.55
CA ARG A 103 -10.74 -0.51 -3.25
C ARG A 103 -11.97 -0.93 -2.44
N ALA A 104 -12.28 -0.20 -1.40
CA ALA A 104 -13.47 -0.55 -0.58
C ALA A 104 -14.69 -0.76 -1.48
N THR A 105 -15.36 -1.88 -1.34
CA THR A 105 -16.54 -2.14 -2.19
C THR A 105 -17.78 -1.52 -1.54
N PRO A 106 -18.81 -1.26 -2.32
CA PRO A 106 -20.06 -0.65 -1.80
C PRO A 106 -20.45 -1.20 -0.42
N SER A 1 12.90 17.01 -10.62
CA SER A 1 12.21 16.90 -9.31
C SER A 1 11.71 18.28 -8.88
N SER A 2 11.88 19.27 -9.72
CA SER A 2 11.41 20.64 -9.36
C SER A 2 9.89 20.72 -9.54
N LEU A 3 9.45 21.22 -10.67
CA LEU A 3 7.98 21.33 -10.91
C LEU A 3 7.49 20.08 -11.64
N ILE A 4 6.83 19.20 -10.96
CA ILE A 4 6.33 17.96 -11.61
C ILE A 4 4.90 18.18 -12.10
N LEU A 5 4.66 18.00 -13.37
CA LEU A 5 3.28 18.20 -13.90
C LEU A 5 2.52 16.87 -13.89
N LEU A 6 1.22 16.93 -13.93
CA LEU A 6 0.42 15.66 -13.92
C LEU A 6 0.86 14.79 -12.74
N SER A 7 0.16 14.86 -11.65
CA SER A 7 0.53 14.03 -10.46
C SER A 7 -0.24 12.72 -10.49
N ALA A 8 -0.10 11.92 -9.47
CA ALA A 8 -0.83 10.62 -9.43
C ALA A 8 -2.15 10.80 -8.68
N SER A 9 -3.06 11.56 -9.23
CA SER A 9 -4.37 11.78 -8.54
C SER A 9 -5.35 10.68 -8.97
N ASP A 10 -4.90 9.73 -9.75
CA ASP A 10 -5.81 8.64 -10.21
C ASP A 10 -5.66 7.43 -9.28
N LEU A 11 -4.49 7.21 -8.76
CA LEU A 11 -4.29 6.04 -7.85
C LEU A 11 -4.84 6.38 -6.47
N ALA A 12 -5.43 7.54 -6.32
CA ALA A 12 -5.99 7.93 -4.99
C ALA A 12 -7.35 7.26 -4.81
N GLY A 13 -7.85 7.25 -3.60
CA GLY A 13 -9.18 6.62 -3.35
C GLY A 13 -9.17 5.93 -1.98
N GLN A 14 -10.09 5.04 -1.75
CA GLN A 14 -10.14 4.32 -0.44
C GLN A 14 -9.85 2.84 -0.70
N TRP A 15 -9.21 2.18 0.22
CA TRP A 15 -8.89 0.75 0.02
C TRP A 15 -8.96 0.01 1.35
N THR A 16 -8.87 -1.29 1.32
CA THR A 16 -8.94 -2.07 2.58
C THR A 16 -7.99 -3.27 2.48
N LEU A 17 -7.64 -3.85 3.59
CA LEU A 17 -6.72 -5.04 3.56
C LEU A 17 -7.49 -6.27 4.03
N GLN A 18 -7.11 -7.43 3.56
CA GLN A 18 -7.83 -8.67 3.99
C GLN A 18 -6.81 -9.77 4.22
N GLN A 19 -6.68 -10.22 5.45
CA GLN A 19 -5.69 -11.30 5.76
C GLN A 19 -6.41 -12.64 5.81
N ASP A 20 -5.79 -13.68 5.30
CA ASP A 20 -6.43 -15.03 5.33
C ASP A 20 -5.86 -15.83 6.50
N GLU A 21 -6.43 -16.98 6.79
CA GLU A 21 -5.91 -17.80 7.92
C GLU A 21 -6.01 -17.01 9.23
N ALA A 22 -6.49 -15.80 9.17
CA ALA A 22 -6.59 -15.00 10.44
C ALA A 22 -7.53 -13.81 10.19
N PRO A 23 -8.82 -13.96 10.45
CA PRO A 23 -9.80 -12.86 10.25
C PRO A 23 -9.34 -11.53 10.83
N ALA A 24 -9.14 -10.55 10.00
CA ALA A 24 -8.69 -9.22 10.49
C ALA A 24 -8.60 -8.26 9.30
N ILE A 25 -9.39 -7.21 9.31
CA ILE A 25 -9.37 -6.23 8.17
C ILE A 25 -8.86 -4.89 8.68
N CYS A 26 -8.42 -4.03 7.79
CA CYS A 26 -7.92 -2.69 8.23
C CYS A 26 -8.23 -1.65 7.15
N HIS A 27 -8.95 -0.61 7.52
CA HIS A 27 -9.27 0.46 6.54
C HIS A 27 -7.98 1.15 6.13
N LEU A 28 -7.76 1.36 4.86
CA LEU A 28 -6.50 2.02 4.40
C LEU A 28 -6.84 3.28 3.61
N GLU A 29 -5.87 4.12 3.38
CA GLU A 29 -6.13 5.38 2.61
C GLU A 29 -4.88 5.74 1.81
N LEU A 30 -4.99 5.70 0.51
CA LEU A 30 -3.82 6.04 -0.34
C LEU A 30 -3.82 7.54 -0.62
N ARG A 31 -3.01 8.29 0.08
CA ARG A 31 -2.96 9.76 -0.15
C ARG A 31 -2.32 10.03 -1.50
N ASP A 32 -2.58 11.18 -2.08
CA ASP A 32 -1.97 11.52 -3.41
C ASP A 32 -0.88 12.58 -3.22
N SER A 33 -0.47 12.78 -2.01
CA SER A 33 0.60 13.81 -1.76
C SER A 33 1.96 13.22 -2.16
N GLU A 34 2.90 14.05 -2.52
CA GLU A 34 4.23 13.54 -2.92
C GLU A 34 5.11 13.42 -1.68
N VAL A 35 5.98 12.44 -1.65
CA VAL A 35 6.88 12.25 -0.48
C VAL A 35 8.30 11.96 -0.97
N ALA A 36 9.19 12.90 -0.84
CA ALA A 36 10.59 12.68 -1.31
C ALA A 36 11.34 11.83 -0.29
N GLU A 37 11.01 11.94 0.97
CA GLU A 37 11.71 11.13 2.01
C GLU A 37 11.71 9.66 1.58
N ALA A 38 10.68 9.24 0.90
CA ALA A 38 10.59 7.82 0.44
C ALA A 38 10.34 7.77 -1.07
N SER A 39 10.28 8.92 -1.69
CA SER A 39 10.03 8.94 -3.16
C SER A 39 8.71 8.23 -3.46
N GLY A 40 7.68 8.54 -2.72
CA GLY A 40 6.36 7.88 -2.96
C GLY A 40 5.24 8.78 -2.45
N TYR A 41 4.15 8.19 -2.03
CA TYR A 41 3.00 8.99 -1.51
C TYR A 41 2.69 8.58 -0.07
N ASP A 42 2.14 9.46 0.70
CA ASP A 42 1.83 9.14 2.13
C ASP A 42 0.87 7.95 2.24
N LEU A 43 0.86 7.32 3.39
CA LEU A 43 -0.05 6.15 3.63
C LEU A 43 -0.93 6.43 4.84
N GLY A 44 -1.99 7.16 4.67
CA GLY A 44 -2.89 7.46 5.83
C GLY A 44 -3.85 6.30 6.03
N GLY A 45 -4.77 6.43 6.96
CA GLY A 45 -5.74 5.33 7.23
C GLY A 45 -5.35 4.57 8.49
N ASP A 46 -5.69 3.31 8.57
CA ASP A 46 -5.33 2.50 9.75
C ASP A 46 -3.99 1.82 9.48
N THR A 47 -2.93 2.54 9.68
CA THR A 47 -1.58 1.95 9.46
C THR A 47 -1.14 1.33 10.78
N ALA A 48 -1.78 1.74 11.84
CA ALA A 48 -1.42 1.20 13.18
C ALA A 48 -1.91 -0.25 13.31
N CYS A 49 -2.11 -0.92 12.22
CA CYS A 49 -2.59 -2.33 12.26
C CYS A 49 -1.69 -3.22 11.39
N LEU A 50 -1.06 -2.67 10.40
CA LEU A 50 -0.19 -3.49 9.52
C LEU A 50 1.08 -3.90 10.29
N THR A 51 1.25 -3.41 11.48
CA THR A 51 2.46 -3.77 12.28
C THR A 51 2.43 -5.27 12.59
N ARG A 52 1.57 -6.00 11.92
CA ARG A 52 1.49 -7.47 12.13
C ARG A 52 1.83 -8.18 10.81
N TRP A 53 1.78 -7.45 9.72
CA TRP A 53 2.10 -8.05 8.39
C TRP A 53 3.39 -7.42 7.86
N LEU A 54 3.89 -6.40 8.52
CA LEU A 54 5.14 -5.73 8.07
C LEU A 54 6.05 -5.53 9.29
N PRO A 55 7.34 -5.38 9.10
CA PRO A 55 8.28 -5.21 10.25
C PRO A 55 8.30 -3.77 10.80
N SER A 56 7.72 -2.84 10.09
CA SER A 56 7.72 -1.43 10.58
C SER A 56 6.58 -0.66 9.93
N GLU A 57 5.46 -0.55 10.61
CA GLU A 57 4.26 0.18 10.08
C GLU A 57 4.63 1.11 8.90
N PRO A 58 4.15 0.87 7.69
CA PRO A 58 4.50 1.72 6.51
C PRO A 58 3.84 3.10 6.56
N ARG A 59 4.63 4.12 6.43
CA ARG A 59 4.07 5.50 6.45
C ARG A 59 4.03 6.05 5.02
N ALA A 60 4.49 5.28 4.07
CA ALA A 60 4.48 5.76 2.66
C ALA A 60 4.42 4.55 1.71
N TRP A 61 4.08 4.79 0.47
CA TRP A 61 4.01 3.67 -0.52
C TRP A 61 4.42 4.22 -1.89
N ARG A 62 4.90 3.36 -2.75
CA ARG A 62 5.36 3.83 -4.10
C ARG A 62 4.77 2.91 -5.19
N PRO A 63 3.78 3.36 -5.94
CA PRO A 63 3.18 2.54 -7.02
C PRO A 63 4.22 2.14 -8.07
N THR A 64 4.38 0.87 -8.32
CA THR A 64 5.38 0.42 -9.34
C THR A 64 4.66 0.16 -10.67
N PRO A 65 5.37 0.20 -11.76
CA PRO A 65 4.78 -0.04 -13.11
C PRO A 65 4.30 -1.49 -13.27
N ALA A 66 3.98 -2.14 -12.19
CA ALA A 66 3.50 -3.55 -12.28
C ALA A 66 2.97 -4.01 -10.92
N GLY A 67 2.50 -3.10 -10.11
CA GLY A 67 1.96 -3.49 -8.78
C GLY A 67 2.06 -2.32 -7.81
N ILE A 68 2.20 -2.61 -6.54
CA ILE A 68 2.31 -1.51 -5.52
C ILE A 68 3.34 -1.92 -4.47
N ALA A 69 4.05 -0.96 -3.91
CA ALA A 69 5.07 -1.27 -2.87
C ALA A 69 4.85 -0.40 -1.64
N LEU A 70 5.13 -0.93 -0.48
CA LEU A 70 4.94 -0.14 0.79
C LEU A 70 6.31 0.22 1.37
N LEU A 71 6.52 1.46 1.72
CA LEU A 71 7.83 1.89 2.28
C LEU A 71 7.68 2.23 3.76
N GLU A 72 8.76 2.50 4.44
CA GLU A 72 8.70 2.85 5.89
C GLU A 72 9.19 4.29 6.12
N ARG A 73 9.20 5.10 5.08
CA ARG A 73 9.67 6.51 5.23
C ARG A 73 11.20 6.53 5.26
N GLY A 74 11.83 5.64 4.54
CA GLY A 74 13.32 5.60 4.54
C GLY A 74 13.80 4.97 3.23
N GLY A 75 12.90 4.45 2.45
CA GLY A 75 13.29 3.82 1.15
C GLY A 75 13.41 2.30 1.32
N LEU A 76 13.24 1.81 2.50
CA LEU A 76 13.33 0.33 2.72
C LEU A 76 12.01 -0.33 2.35
N THR A 77 11.92 -0.89 1.17
CA THR A 77 10.66 -1.55 0.75
C THR A 77 10.26 -2.62 1.78
N LEU A 78 9.08 -2.52 2.32
CA LEU A 78 8.64 -3.51 3.33
C LEU A 78 7.92 -4.67 2.65
N MET A 79 7.07 -4.39 1.69
CA MET A 79 6.34 -5.47 0.99
C MET A 79 6.01 -5.04 -0.44
N LEU A 80 6.18 -5.93 -1.39
CA LEU A 80 5.87 -5.59 -2.81
C LEU A 80 4.54 -6.24 -3.20
N LEU A 81 3.48 -5.47 -3.23
CA LEU A 81 2.16 -6.03 -3.61
C LEU A 81 2.07 -6.08 -5.14
N GLY A 82 1.69 -7.21 -5.68
CA GLY A 82 1.58 -7.34 -7.16
C GLY A 82 0.11 -7.46 -7.56
N ARG A 83 -0.25 -6.88 -8.67
CA ARG A 83 -1.66 -6.96 -9.13
C ARG A 83 -1.93 -8.38 -9.65
N GLN A 84 -2.90 -9.05 -9.09
CA GLN A 84 -3.20 -10.44 -9.56
C GLN A 84 -4.30 -10.39 -10.62
N GLY A 85 -5.15 -9.41 -10.55
CA GLY A 85 -6.25 -9.29 -11.56
C GLY A 85 -7.17 -8.13 -11.18
N GLU A 86 -7.21 -7.11 -12.00
CA GLU A 86 -8.09 -5.94 -11.68
C GLU A 86 -7.49 -5.16 -10.52
N GLY A 87 -8.29 -4.40 -9.82
CA GLY A 87 -7.76 -3.61 -8.68
C GLY A 87 -7.47 -4.53 -7.49
N ASP A 88 -7.13 -5.77 -7.77
CA ASP A 88 -6.84 -6.74 -6.67
C ASP A 88 -5.34 -7.04 -6.64
N TYR A 89 -4.75 -7.00 -5.48
CA TYR A 89 -3.30 -7.30 -5.34
C TYR A 89 -3.10 -8.30 -4.22
N ARG A 90 -2.19 -9.21 -4.38
CA ARG A 90 -1.95 -10.23 -3.32
C ARG A 90 -0.44 -10.48 -3.21
N VAL A 91 0.02 -10.89 -2.07
CA VAL A 91 1.47 -11.16 -1.90
C VAL A 91 1.67 -12.35 -0.95
N GLN A 92 2.69 -13.14 -1.17
CA GLN A 92 2.94 -14.31 -0.29
C GLN A 92 3.67 -13.84 0.98
N LYS A 93 3.03 -13.95 2.11
CA LYS A 93 3.68 -13.52 3.38
C LYS A 93 4.28 -14.72 4.09
N GLY A 94 5.30 -15.32 3.54
CA GLY A 94 5.92 -16.51 4.18
C GLY A 94 5.21 -17.78 3.72
N ASP A 95 4.06 -18.06 4.26
CA ASP A 95 3.33 -19.29 3.84
C ASP A 95 1.94 -19.30 4.48
N GLY A 96 1.04 -18.47 4.02
CA GLY A 96 -0.32 -18.44 4.61
C GLY A 96 -0.82 -17.00 4.67
N GLY A 97 -0.15 -16.17 5.43
CA GLY A 97 -0.59 -14.75 5.54
C GLY A 97 -0.84 -14.16 4.16
N GLN A 98 -2.06 -14.21 3.70
CA GLN A 98 -2.39 -13.67 2.36
C GLN A 98 -3.05 -12.30 2.51
N LEU A 99 -2.39 -11.28 2.08
CA LEU A 99 -2.99 -9.92 2.19
C LEU A 99 -3.70 -9.61 0.88
N VAL A 100 -4.77 -8.85 0.94
CA VAL A 100 -5.53 -8.52 -0.29
C VAL A 100 -5.93 -7.03 -0.29
N LEU A 101 -5.27 -6.22 -1.08
CA LEU A 101 -5.62 -4.77 -1.12
C LEU A 101 -6.61 -4.53 -2.27
N ARG A 102 -7.80 -4.08 -1.98
CA ARG A 102 -8.78 -3.84 -3.07
C ARG A 102 -9.68 -2.65 -2.72
N ARG A 103 -9.98 -1.82 -3.68
CA ARG A 103 -10.85 -0.64 -3.41
C ARG A 103 -12.06 -1.08 -2.58
N ALA A 104 -12.24 -0.50 -1.42
CA ALA A 104 -13.39 -0.90 -0.58
C ALA A 104 -14.67 -0.87 -1.42
N THR A 105 -14.68 -0.06 -2.42
CA THR A 105 -15.88 0.04 -3.30
C THR A 105 -16.14 -1.32 -3.96
N PRO A 106 -17.35 -1.57 -4.38
CA PRO A 106 -17.71 -2.86 -5.04
C PRO A 106 -17.08 -3.01 -6.43
N SER A 1 18.05 18.37 -16.40
CA SER A 1 17.71 17.23 -15.52
C SER A 1 16.29 16.73 -15.85
N SER A 2 16.00 15.49 -15.58
CA SER A 2 14.64 14.95 -15.88
C SER A 2 13.70 15.29 -14.72
N LEU A 3 12.77 16.17 -14.93
CA LEU A 3 11.82 16.53 -13.83
C LEU A 3 10.63 15.56 -13.85
N ILE A 4 10.67 14.54 -13.04
CA ILE A 4 9.55 13.57 -13.01
C ILE A 4 8.26 14.28 -12.57
N LEU A 5 7.12 13.71 -12.87
CA LEU A 5 5.84 14.36 -12.46
C LEU A 5 4.67 13.44 -12.83
N LEU A 6 3.82 13.15 -11.89
CA LEU A 6 2.67 12.25 -12.18
C LEU A 6 1.51 12.58 -11.23
N SER A 7 0.31 12.64 -11.74
CA SER A 7 -0.85 12.96 -10.87
C SER A 7 -1.48 11.66 -10.36
N ALA A 8 -1.39 11.40 -9.08
CA ALA A 8 -1.98 10.15 -8.53
C ALA A 8 -3.40 10.44 -8.04
N SER A 9 -4.08 11.37 -8.65
CA SER A 9 -5.47 11.69 -8.23
C SER A 9 -6.41 10.57 -8.68
N ASP A 10 -5.90 9.60 -9.38
CA ASP A 10 -6.76 8.49 -9.87
C ASP A 10 -6.74 7.35 -8.85
N LEU A 11 -5.67 7.20 -8.13
CA LEU A 11 -5.58 6.11 -7.12
C LEU A 11 -6.29 6.54 -5.84
N ALA A 12 -6.47 7.82 -5.65
CA ALA A 12 -7.15 8.30 -4.41
C ALA A 12 -8.45 7.52 -4.21
N GLY A 13 -8.88 7.39 -2.98
CA GLY A 13 -10.13 6.64 -2.72
C GLY A 13 -10.01 5.88 -1.40
N GLN A 14 -10.86 4.90 -1.19
CA GLN A 14 -10.81 4.11 0.07
C GLN A 14 -10.38 2.68 -0.28
N TRP A 15 -9.65 2.04 0.58
CA TRP A 15 -9.21 0.65 0.28
C TRP A 15 -9.19 -0.18 1.58
N THR A 16 -9.04 -1.46 1.45
CA THR A 16 -9.00 -2.33 2.67
C THR A 16 -8.00 -3.45 2.44
N LEU A 17 -7.58 -4.10 3.50
CA LEU A 17 -6.60 -5.22 3.37
C LEU A 17 -7.27 -6.51 3.85
N GLN A 18 -6.88 -7.64 3.32
CA GLN A 18 -7.49 -8.92 3.76
C GLN A 18 -6.40 -9.98 3.89
N GLN A 19 -6.21 -10.50 5.06
CA GLN A 19 -5.16 -11.55 5.27
C GLN A 19 -5.82 -12.93 5.30
N ASP A 20 -5.34 -13.84 4.48
CA ASP A 20 -5.95 -15.20 4.47
C ASP A 20 -5.31 -16.05 5.57
N GLU A 21 -5.76 -17.26 5.75
CA GLU A 21 -5.17 -18.12 6.81
C GLU A 21 -5.34 -17.47 8.18
N ALA A 22 -5.97 -16.33 8.24
CA ALA A 22 -6.17 -15.64 9.54
C ALA A 22 -7.13 -14.46 9.35
N PRO A 23 -8.41 -14.65 9.56
CA PRO A 23 -9.43 -13.57 9.39
C PRO A 23 -9.00 -12.27 10.08
N ALA A 24 -8.84 -11.22 9.31
CA ALA A 24 -8.43 -9.91 9.90
C ALA A 24 -8.38 -8.87 8.78
N ILE A 25 -9.16 -7.83 8.89
CA ILE A 25 -9.17 -6.77 7.83
C ILE A 25 -8.68 -5.45 8.44
N CYS A 26 -8.30 -4.51 7.62
CA CYS A 26 -7.83 -3.20 8.15
C CYS A 26 -8.21 -2.09 7.18
N HIS A 27 -8.95 -1.11 7.64
CA HIS A 27 -9.33 0.02 6.75
C HIS A 27 -8.07 0.78 6.35
N LEU A 28 -7.89 1.02 5.08
CA LEU A 28 -6.66 1.75 4.61
C LEU A 28 -7.08 2.98 3.81
N GLU A 29 -6.24 3.98 3.75
CA GLU A 29 -6.60 5.21 2.98
C GLU A 29 -5.39 5.66 2.17
N LEU A 30 -5.52 5.64 0.87
CA LEU A 30 -4.38 6.07 0.01
C LEU A 30 -4.48 7.57 -0.24
N ARG A 31 -3.69 8.35 0.46
CA ARG A 31 -3.74 9.82 0.27
C ARG A 31 -3.15 10.19 -1.10
N ASP A 32 -3.42 11.39 -1.56
CA ASP A 32 -2.88 11.82 -2.89
C ASP A 32 -1.85 12.93 -2.67
N SER A 33 -1.42 13.14 -1.46
CA SER A 33 -0.42 14.20 -1.19
C SER A 33 0.97 13.69 -1.58
N GLU A 34 1.89 14.56 -1.86
CA GLU A 34 3.25 14.12 -2.25
C GLU A 34 4.15 14.06 -1.03
N VAL A 35 5.09 13.15 -1.01
CA VAL A 35 6.01 13.04 0.18
C VAL A 35 7.43 12.78 -0.32
N ALA A 36 8.31 13.72 -0.13
CA ALA A 36 9.72 13.53 -0.59
C ALA A 36 10.50 12.71 0.43
N GLU A 37 10.12 12.75 1.67
CA GLU A 37 10.85 11.96 2.71
C GLU A 37 10.86 10.49 2.31
N ALA A 38 9.77 10.02 1.74
CA ALA A 38 9.69 8.59 1.31
C ALA A 38 9.57 8.53 -0.21
N SER A 39 9.55 9.66 -0.85
CA SER A 39 9.43 9.67 -2.33
C SER A 39 8.14 8.95 -2.74
N GLY A 40 7.05 9.27 -2.11
CA GLY A 40 5.77 8.60 -2.47
C GLY A 40 4.59 9.45 -1.95
N TYR A 41 3.51 8.81 -1.59
CA TYR A 41 2.32 9.55 -1.08
C TYR A 41 2.02 9.14 0.35
N ASP A 42 1.43 10.00 1.13
CA ASP A 42 1.13 9.67 2.55
C ASP A 42 0.20 8.45 2.64
N LEU A 43 0.20 7.81 3.78
CA LEU A 43 -0.68 6.62 3.99
C LEU A 43 -1.50 6.78 5.27
N GLY A 44 -2.64 7.41 5.20
CA GLY A 44 -3.46 7.58 6.43
C GLY A 44 -4.27 6.30 6.67
N GLY A 45 -5.24 6.36 7.55
CA GLY A 45 -6.07 5.16 7.84
C GLY A 45 -5.51 4.44 9.07
N ASP A 46 -5.61 3.13 9.08
CA ASP A 46 -5.10 2.34 10.22
C ASP A 46 -3.79 1.68 9.83
N THR A 47 -2.69 2.36 10.03
CA THR A 47 -1.37 1.77 9.70
C THR A 47 -0.86 1.11 10.98
N ALA A 48 -1.49 1.43 12.07
CA ALA A 48 -1.07 0.85 13.37
C ALA A 48 -1.66 -0.56 13.53
N CYS A 49 -2.09 -1.14 12.44
CA CYS A 49 -2.68 -2.51 12.50
C CYS A 49 -2.03 -3.39 11.43
N LEU A 50 -0.87 -3.00 10.95
CA LEU A 50 -0.16 -3.82 9.91
C LEU A 50 1.13 -4.37 10.51
N THR A 51 1.41 -4.05 11.74
CA THR A 51 2.65 -4.57 12.38
C THR A 51 2.56 -6.10 12.48
N ARG A 52 1.51 -6.67 11.95
CA ARG A 52 1.36 -8.15 11.99
C ARG A 52 1.76 -8.73 10.64
N TRP A 53 1.75 -7.91 9.61
CA TRP A 53 2.13 -8.41 8.25
C TRP A 53 3.38 -7.67 7.77
N LEU A 54 3.52 -6.42 8.13
CA LEU A 54 4.71 -5.64 7.71
C LEU A 54 5.68 -5.51 8.90
N PRO A 55 6.95 -5.30 8.68
CA PRO A 55 7.94 -5.18 9.79
C PRO A 55 7.91 -3.79 10.44
N SER A 56 7.24 -2.84 9.82
CA SER A 56 7.18 -1.47 10.41
C SER A 56 5.87 -0.81 9.99
N GLU A 57 5.41 0.16 10.74
CA GLU A 57 4.13 0.83 10.38
C GLU A 57 4.37 1.71 9.12
N PRO A 58 3.70 1.44 8.02
CA PRO A 58 3.87 2.24 6.77
C PRO A 58 3.21 3.61 6.84
N ARG A 59 3.99 4.65 6.75
CA ARG A 59 3.41 6.02 6.81
C ARG A 59 3.35 6.58 5.39
N ALA A 60 3.86 5.85 4.43
CA ALA A 60 3.82 6.35 3.02
C ALA A 60 3.86 5.16 2.06
N TRP A 61 3.55 5.41 0.81
CA TRP A 61 3.57 4.31 -0.20
C TRP A 61 3.99 4.90 -1.55
N ARG A 62 4.53 4.09 -2.43
CA ARG A 62 4.98 4.62 -3.76
C ARG A 62 4.41 3.75 -4.89
N PRO A 63 3.42 4.21 -5.62
CA PRO A 63 2.85 3.42 -6.75
C PRO A 63 3.90 3.07 -7.80
N THR A 64 4.09 1.82 -8.10
CA THR A 64 5.11 1.43 -9.12
C THR A 64 4.42 1.24 -10.47
N PRO A 65 5.14 1.34 -11.55
CA PRO A 65 4.57 1.16 -12.92
C PRO A 65 4.12 -0.29 -13.18
N ALA A 66 3.73 -1.00 -12.16
CA ALA A 66 3.29 -2.41 -12.36
C ALA A 66 2.52 -2.88 -11.12
N GLY A 67 2.60 -2.15 -10.04
CA GLY A 67 1.86 -2.56 -8.81
C GLY A 67 1.92 -1.44 -7.78
N ILE A 68 2.11 -1.77 -6.53
CA ILE A 68 2.16 -0.72 -5.47
C ILE A 68 3.20 -1.12 -4.42
N ALA A 69 3.83 -0.15 -3.79
CA ALA A 69 4.86 -0.47 -2.76
C ALA A 69 4.57 0.34 -1.48
N LEU A 70 4.86 -0.23 -0.33
CA LEU A 70 4.60 0.49 0.95
C LEU A 70 5.94 0.92 1.57
N LEU A 71 6.05 2.15 2.00
CA LEU A 71 7.32 2.65 2.60
C LEU A 71 7.07 3.00 4.07
N GLU A 72 8.12 3.29 4.81
CA GLU A 72 7.96 3.64 6.24
C GLU A 72 8.43 5.08 6.50
N ARG A 73 8.45 5.90 5.47
CA ARG A 73 8.91 7.31 5.65
C ARG A 73 10.43 7.36 5.72
N GLY A 74 11.11 6.48 5.03
CA GLY A 74 12.60 6.47 5.06
C GLY A 74 13.13 5.95 3.72
N GLY A 75 12.26 5.49 2.87
CA GLY A 75 12.71 4.96 1.56
C GLY A 75 12.85 3.44 1.63
N LEU A 76 12.71 2.88 2.79
CA LEU A 76 12.83 1.40 2.93
C LEU A 76 11.52 0.74 2.52
N THR A 77 11.45 0.21 1.32
CA THR A 77 10.20 -0.45 0.87
C THR A 77 9.85 -1.60 1.82
N LEU A 78 8.64 -1.62 2.32
CA LEU A 78 8.25 -2.71 3.26
C LEU A 78 7.68 -3.89 2.47
N MET A 79 6.91 -3.63 1.45
CA MET A 79 6.32 -4.75 0.66
C MET A 79 5.95 -4.26 -0.75
N LEU A 80 6.13 -5.11 -1.73
CA LEU A 80 5.80 -4.73 -3.13
C LEU A 80 4.49 -5.42 -3.54
N LEU A 81 3.41 -4.69 -3.54
CA LEU A 81 2.10 -5.30 -3.94
C LEU A 81 2.01 -5.35 -5.46
N GLY A 82 1.76 -6.51 -6.01
CA GLY A 82 1.66 -6.63 -7.50
C GLY A 82 0.19 -6.73 -7.90
N ARG A 83 -0.18 -6.07 -8.96
CA ARG A 83 -1.61 -6.13 -9.43
C ARG A 83 -1.91 -7.53 -9.97
N GLN A 84 -2.96 -8.15 -9.51
CA GLN A 84 -3.32 -9.51 -10.00
C GLN A 84 -4.79 -9.50 -10.41
N GLY A 85 -5.11 -8.77 -11.45
CA GLY A 85 -6.52 -8.72 -11.93
C GLY A 85 -7.17 -7.42 -11.50
N GLU A 86 -7.34 -6.49 -12.41
CA GLU A 86 -7.99 -5.20 -12.07
C GLU A 86 -7.31 -4.59 -10.84
N GLY A 87 -8.03 -3.84 -10.05
CA GLY A 87 -7.44 -3.22 -8.84
C GLY A 87 -7.23 -4.27 -7.76
N ASP A 88 -6.97 -5.49 -8.14
CA ASP A 88 -6.76 -6.57 -7.13
C ASP A 88 -5.26 -6.86 -7.02
N TYR A 89 -4.66 -6.50 -5.91
CA TYR A 89 -3.20 -6.75 -5.73
C TYR A 89 -3.00 -7.82 -4.66
N ARG A 90 -2.04 -8.68 -4.85
CA ARG A 90 -1.78 -9.75 -3.85
C ARG A 90 -0.27 -9.89 -3.64
N VAL A 91 0.14 -10.26 -2.47
CA VAL A 91 1.60 -10.41 -2.19
C VAL A 91 1.83 -11.67 -1.35
N GLN A 92 2.80 -12.47 -1.71
CA GLN A 92 3.08 -13.71 -0.94
C GLN A 92 3.83 -13.36 0.35
N LYS A 93 3.24 -13.61 1.48
CA LYS A 93 3.92 -13.30 2.77
C LYS A 93 4.55 -14.58 3.33
N GLY A 94 5.83 -14.74 3.17
CA GLY A 94 6.49 -15.97 3.70
C GLY A 94 5.91 -17.20 3.01
N ASP A 95 4.75 -17.64 3.44
CA ASP A 95 4.13 -18.83 2.80
C ASP A 95 2.74 -19.06 3.40
N GLY A 96 1.75 -18.35 2.91
CA GLY A 96 0.36 -18.53 3.43
C GLY A 96 -0.29 -17.15 3.62
N GLY A 97 0.31 -16.31 4.43
CA GLY A 97 -0.28 -14.96 4.67
C GLY A 97 -0.51 -14.25 3.34
N GLN A 98 -1.73 -14.24 2.87
CA GLN A 98 -2.03 -13.57 1.57
C GLN A 98 -2.75 -12.25 1.83
N LEU A 99 -2.12 -11.17 1.49
CA LEU A 99 -2.76 -9.84 1.69
C LEU A 99 -3.52 -9.47 0.40
N VAL A 100 -4.60 -8.75 0.53
CA VAL A 100 -5.39 -8.36 -0.66
C VAL A 100 -5.86 -6.91 -0.56
N LEU A 101 -5.30 -6.04 -1.37
CA LEU A 101 -5.71 -4.60 -1.32
C LEU A 101 -6.75 -4.35 -2.41
N ARG A 102 -7.95 -3.97 -2.05
CA ARG A 102 -9.00 -3.71 -3.09
C ARG A 102 -9.80 -2.48 -2.69
N ARG A 103 -10.04 -1.61 -3.62
CA ARG A 103 -10.81 -0.38 -3.32
C ARG A 103 -12.10 -0.73 -2.58
N ALA A 104 -12.39 -0.07 -1.50
CA ALA A 104 -13.63 -0.37 -0.74
C ALA A 104 -14.83 -0.37 -1.69
N THR A 105 -15.72 -1.30 -1.54
CA THR A 105 -16.91 -1.35 -2.44
C THR A 105 -18.04 -0.49 -1.86
N PRO A 106 -18.28 -0.58 -0.57
CA PRO A 106 -19.34 0.19 0.10
C PRO A 106 -18.86 1.57 0.57
N SER A 1 15.93 15.91 -12.32
CA SER A 1 15.44 15.95 -10.93
C SER A 1 14.64 17.24 -10.70
N SER A 2 14.25 17.89 -11.76
CA SER A 2 13.46 19.15 -11.61
C SER A 2 11.97 18.82 -11.61
N LEU A 3 11.20 19.48 -10.78
CA LEU A 3 9.74 19.22 -10.73
C LEU A 3 9.51 17.71 -10.52
N ILE A 4 10.02 17.16 -9.46
CA ILE A 4 9.83 15.72 -9.20
C ILE A 4 8.49 15.50 -8.50
N LEU A 5 7.52 16.34 -8.77
CA LEU A 5 6.20 16.19 -8.12
C LEU A 5 5.29 15.34 -9.01
N LEU A 6 4.73 14.29 -8.48
CA LEU A 6 3.84 13.42 -9.30
C LEU A 6 2.38 13.87 -9.11
N SER A 7 1.53 13.54 -10.03
CA SER A 7 0.09 13.94 -9.93
C SER A 7 -0.81 12.74 -10.24
N ALA A 8 -0.69 11.69 -9.48
CA ALA A 8 -1.53 10.48 -9.73
C ALA A 8 -2.78 10.54 -8.85
N SER A 9 -3.83 11.17 -9.32
CA SER A 9 -5.07 11.27 -8.51
C SER A 9 -6.05 10.16 -8.92
N ASP A 10 -5.73 9.42 -9.94
CA ASP A 10 -6.63 8.33 -10.39
C ASP A 10 -6.34 7.05 -9.59
N LEU A 11 -5.11 6.87 -9.18
CA LEU A 11 -4.76 5.65 -8.40
C LEU A 11 -5.13 5.86 -6.93
N ALA A 12 -5.91 6.86 -6.64
CA ALA A 12 -6.31 7.12 -5.23
C ALA A 12 -7.66 6.46 -4.95
N GLY A 13 -8.10 6.50 -3.71
CA GLY A 13 -9.42 5.87 -3.38
C GLY A 13 -9.35 5.27 -1.99
N GLN A 14 -10.17 4.27 -1.73
CA GLN A 14 -10.16 3.59 -0.41
C GLN A 14 -9.84 2.12 -0.65
N TRP A 15 -9.18 1.49 0.27
CA TRP A 15 -8.84 0.05 0.06
C TRP A 15 -8.86 -0.67 1.41
N THR A 16 -8.66 -1.95 1.40
CA THR A 16 -8.67 -2.73 2.67
C THR A 16 -7.65 -3.87 2.56
N LEU A 17 -7.29 -4.47 3.66
CA LEU A 17 -6.33 -5.61 3.62
C LEU A 17 -7.05 -6.87 4.08
N GLN A 18 -6.62 -8.02 3.62
CA GLN A 18 -7.30 -9.26 4.03
C GLN A 18 -6.31 -10.43 4.07
N GLN A 19 -6.20 -11.09 5.19
CA GLN A 19 -5.27 -12.25 5.31
C GLN A 19 -6.08 -13.54 5.15
N ASP A 20 -5.79 -14.33 4.16
CA ASP A 20 -6.55 -15.59 3.96
C ASP A 20 -8.05 -15.32 4.12
N GLU A 21 -8.65 -15.80 5.19
CA GLU A 21 -10.09 -15.51 5.40
C GLU A 21 -10.23 -14.04 5.82
N ALA A 22 -9.28 -13.57 6.62
CA ALA A 22 -9.29 -12.16 7.10
C ALA A 22 -10.11 -12.02 8.39
N PRO A 23 -9.63 -12.58 9.46
CA PRO A 23 -10.32 -12.50 10.78
C PRO A 23 -10.44 -11.04 11.23
N ALA A 24 -9.89 -10.14 10.46
CA ALA A 24 -9.95 -8.69 10.82
C ALA A 24 -9.80 -7.86 9.55
N ILE A 25 -10.56 -6.80 9.42
CA ILE A 25 -10.47 -5.94 8.20
C ILE A 25 -9.76 -4.63 8.55
N CYS A 26 -8.64 -4.37 7.93
CA CYS A 26 -7.90 -3.11 8.22
C CYS A 26 -8.25 -2.06 7.16
N HIS A 27 -8.97 -1.04 7.55
CA HIS A 27 -9.35 0.02 6.58
C HIS A 27 -8.12 0.82 6.18
N LEU A 28 -7.90 0.99 4.90
CA LEU A 28 -6.71 1.74 4.43
C LEU A 28 -7.18 2.92 3.57
N GLU A 29 -6.34 3.91 3.38
CA GLU A 29 -6.75 5.09 2.57
C GLU A 29 -5.57 5.55 1.71
N LEU A 30 -5.69 5.42 0.42
CA LEU A 30 -4.58 5.85 -0.47
C LEU A 30 -4.76 7.33 -0.80
N ARG A 31 -4.01 8.20 -0.17
CA ARG A 31 -4.15 9.65 -0.45
C ARG A 31 -3.58 9.97 -1.83
N ASP A 32 -3.93 11.10 -2.38
CA ASP A 32 -3.41 11.48 -3.73
C ASP A 32 -2.30 12.52 -3.59
N SER A 33 -1.79 12.71 -2.39
CA SER A 33 -0.71 13.71 -2.21
C SER A 33 0.63 13.07 -2.56
N GLU A 34 1.68 13.84 -2.55
CA GLU A 34 3.03 13.29 -2.91
C GLU A 34 3.92 13.30 -1.66
N VAL A 35 4.88 12.42 -1.60
CA VAL A 35 5.80 12.37 -0.42
C VAL A 35 7.25 12.38 -0.90
N ALA A 36 7.79 13.53 -1.17
CA ALA A 36 9.20 13.61 -1.65
C ALA A 36 10.10 12.85 -0.68
N GLU A 37 9.86 12.96 0.60
CA GLU A 37 10.71 12.24 1.59
C GLU A 37 10.86 10.77 1.15
N ALA A 38 9.88 10.24 0.48
CA ALA A 38 9.95 8.82 0.02
C ALA A 38 9.64 8.77 -1.47
N SER A 39 9.50 9.90 -2.10
CA SER A 39 9.20 9.91 -3.55
C SER A 39 7.99 9.00 -3.82
N GLY A 40 6.91 9.22 -3.12
CA GLY A 40 5.71 8.37 -3.33
C GLY A 40 4.45 9.16 -2.94
N TYR A 41 3.41 8.47 -2.57
CA TYR A 41 2.14 9.16 -2.17
C TYR A 41 1.84 8.89 -0.70
N ASP A 42 1.20 9.82 -0.05
CA ASP A 42 0.89 9.62 1.40
C ASP A 42 -0.02 8.42 1.61
N LEU A 43 0.01 7.87 2.80
CA LEU A 43 -0.84 6.69 3.13
C LEU A 43 -1.62 6.93 4.43
N GLY A 44 -2.78 7.52 4.34
CA GLY A 44 -3.58 7.78 5.57
C GLY A 44 -4.33 6.50 5.95
N GLY A 45 -5.21 6.58 6.92
CA GLY A 45 -5.97 5.37 7.33
C GLY A 45 -5.25 4.67 8.49
N ASP A 46 -5.72 3.53 8.89
CA ASP A 46 -5.07 2.78 9.99
C ASP A 46 -3.89 2.02 9.40
N THR A 47 -2.72 2.57 9.54
CA THR A 47 -1.52 1.87 9.02
C THR A 47 -0.92 1.09 10.18
N ALA A 48 -1.42 1.35 11.35
CA ALA A 48 -0.91 0.65 12.56
C ALA A 48 -1.16 -0.85 12.42
N CYS A 49 -2.35 -1.23 12.02
CA CYS A 49 -2.66 -2.69 11.89
C CYS A 49 -1.65 -3.36 10.97
N LEU A 50 -0.92 -2.60 10.21
CA LEU A 50 0.07 -3.21 9.29
C LEU A 50 1.37 -3.47 10.06
N THR A 51 1.49 -2.95 11.25
CA THR A 51 2.72 -3.17 12.05
C THR A 51 2.83 -4.66 12.41
N ARG A 52 2.03 -5.48 11.81
CA ARG A 52 2.07 -6.95 12.09
C ARG A 52 2.41 -7.70 10.81
N TRP A 53 2.21 -7.08 9.67
CA TRP A 53 2.53 -7.74 8.37
C TRP A 53 3.72 -7.02 7.72
N LEU A 54 4.07 -5.88 8.26
CA LEU A 54 5.21 -5.09 7.69
C LEU A 54 6.21 -4.81 8.82
N PRO A 55 7.47 -4.55 8.49
CA PRO A 55 8.49 -4.27 9.54
C PRO A 55 8.35 -2.86 10.13
N SER A 56 7.63 -2.01 9.45
CA SER A 56 7.44 -0.61 9.96
C SER A 56 6.11 -0.06 9.44
N GLU A 57 5.56 0.92 10.10
CA GLU A 57 4.26 1.48 9.65
C GLU A 57 4.49 2.28 8.34
N PRO A 58 3.87 1.91 7.24
CA PRO A 58 4.05 2.64 5.95
C PRO A 58 3.44 4.03 5.95
N ARG A 59 4.25 5.03 5.86
CA ARG A 59 3.74 6.42 5.83
C ARG A 59 3.55 6.84 4.38
N ALA A 60 4.04 6.05 3.46
CA ALA A 60 3.89 6.42 2.02
C ALA A 60 3.95 5.15 1.15
N TRP A 61 3.56 5.28 -0.08
CA TRP A 61 3.59 4.12 -1.02
C TRP A 61 3.88 4.64 -2.43
N ARG A 62 4.37 3.79 -3.32
CA ARG A 62 4.69 4.28 -4.70
C ARG A 62 4.26 3.21 -5.74
N PRO A 63 3.24 3.46 -6.53
CA PRO A 63 2.79 2.48 -7.56
C PRO A 63 3.90 2.17 -8.56
N THR A 64 4.26 0.92 -8.70
CA THR A 64 5.35 0.57 -9.67
C THR A 64 4.70 0.03 -10.96
N PRO A 65 5.42 0.09 -12.06
CA PRO A 65 4.89 -0.40 -13.36
C PRO A 65 4.67 -1.91 -13.38
N ALA A 66 4.43 -2.49 -12.23
CA ALA A 66 4.20 -3.96 -12.18
C ALA A 66 3.68 -4.37 -10.80
N GLY A 67 3.10 -3.45 -10.08
CA GLY A 67 2.58 -3.78 -8.73
C GLY A 67 2.67 -2.55 -7.82
N ILE A 68 2.18 -2.65 -6.62
CA ILE A 68 2.23 -1.49 -5.68
C ILE A 68 3.35 -1.69 -4.66
N ALA A 69 3.99 -0.63 -4.25
CA ALA A 69 5.11 -0.74 -3.26
C ALA A 69 4.77 0.13 -2.04
N LEU A 70 5.11 -0.33 -0.86
CA LEU A 70 4.81 0.46 0.37
C LEU A 70 6.12 1.04 0.92
N LEU A 71 6.15 2.31 1.22
CA LEU A 71 7.39 2.94 1.75
C LEU A 71 7.09 3.66 3.06
N GLU A 72 8.03 3.67 3.98
CA GLU A 72 7.78 4.40 5.25
C GLU A 72 8.00 5.90 4.99
N ARG A 73 9.20 6.27 4.72
CA ARG A 73 9.50 7.71 4.42
C ARG A 73 10.96 7.90 4.00
N GLY A 74 11.86 7.10 4.51
CA GLY A 74 13.30 7.28 4.14
C GLY A 74 13.57 6.69 2.75
N GLY A 75 12.64 5.95 2.19
CA GLY A 75 12.85 5.34 0.85
C GLY A 75 13.05 3.83 0.99
N LEU A 76 12.88 3.32 2.19
CA LEU A 76 13.07 1.85 2.40
C LEU A 76 11.78 1.11 2.04
N THR A 77 11.72 0.52 0.87
CA THR A 77 10.48 -0.22 0.47
C THR A 77 10.16 -1.27 1.52
N LEU A 78 8.91 -1.40 1.88
CA LEU A 78 8.52 -2.40 2.92
C LEU A 78 7.98 -3.65 2.23
N MET A 79 7.17 -3.51 1.22
CA MET A 79 6.61 -4.71 0.54
C MET A 79 6.19 -4.37 -0.90
N LEU A 80 6.42 -5.29 -1.80
CA LEU A 80 6.03 -5.06 -3.23
C LEU A 80 4.77 -5.86 -3.53
N LEU A 81 3.64 -5.20 -3.53
CA LEU A 81 2.37 -5.92 -3.83
C LEU A 81 2.24 -6.09 -5.34
N GLY A 82 2.05 -7.31 -5.80
CA GLY A 82 1.94 -7.54 -7.27
C GLY A 82 0.47 -7.56 -7.69
N ARG A 83 0.14 -6.84 -8.73
CA ARG A 83 -1.27 -6.83 -9.21
C ARG A 83 -1.60 -8.18 -9.84
N GLN A 84 -2.64 -8.84 -9.39
CA GLN A 84 -2.99 -10.15 -9.99
C GLN A 84 -3.96 -9.93 -11.15
N GLY A 85 -4.66 -8.84 -11.13
CA GLY A 85 -5.64 -8.55 -12.22
C GLY A 85 -6.58 -7.44 -11.78
N GLU A 86 -6.72 -6.41 -12.56
CA GLU A 86 -7.62 -5.28 -12.18
C GLU A 86 -7.26 -4.83 -10.76
N GLY A 87 -8.23 -4.42 -9.99
CA GLY A 87 -7.93 -3.96 -8.60
C GLY A 87 -7.77 -5.18 -7.69
N ASP A 88 -6.71 -5.94 -7.89
CA ASP A 88 -6.49 -7.14 -7.04
C ASP A 88 -4.99 -7.39 -6.93
N TYR A 89 -4.44 -7.21 -5.75
CA TYR A 89 -2.98 -7.42 -5.56
C TYR A 89 -2.76 -8.44 -4.45
N ARG A 90 -1.77 -9.28 -4.59
CA ARG A 90 -1.49 -10.30 -3.54
C ARG A 90 0.02 -10.45 -3.38
N VAL A 91 0.46 -10.82 -2.21
CA VAL A 91 1.93 -10.99 -1.98
C VAL A 91 2.16 -12.22 -1.09
N GLN A 92 3.16 -13.00 -1.39
CA GLN A 92 3.43 -14.20 -0.56
C GLN A 92 4.01 -13.78 0.79
N LYS A 93 3.29 -14.03 1.85
CA LYS A 93 3.80 -13.64 3.20
C LYS A 93 4.61 -14.79 3.79
N GLY A 94 5.85 -14.91 3.41
CA GLY A 94 6.70 -16.02 3.94
C GLY A 94 6.04 -17.36 3.62
N ASP A 95 5.11 -17.78 4.43
CA ASP A 95 4.43 -19.09 4.16
C ASP A 95 3.33 -19.31 5.20
N GLY A 96 2.19 -18.68 5.02
CA GLY A 96 1.09 -18.87 6.00
C GLY A 96 0.30 -17.56 6.14
N GLY A 97 -0.43 -17.18 5.12
CA GLY A 97 -1.23 -15.92 5.21
C GLY A 97 -1.17 -15.18 3.87
N GLN A 98 -2.27 -15.15 3.17
CA GLN A 98 -2.28 -14.44 1.85
C GLN A 98 -2.87 -13.05 2.02
N LEU A 99 -2.09 -12.05 1.79
CA LEU A 99 -2.59 -10.65 1.92
C LEU A 99 -3.30 -10.28 0.61
N VAL A 100 -4.35 -9.51 0.69
CA VAL A 100 -5.08 -9.12 -0.54
C VAL A 100 -5.57 -7.66 -0.43
N LEU A 101 -5.01 -6.77 -1.20
CA LEU A 101 -5.44 -5.34 -1.15
C LEU A 101 -6.47 -5.10 -2.26
N ARG A 102 -7.68 -4.73 -1.94
CA ARG A 102 -8.70 -4.49 -3.01
C ARG A 102 -9.59 -3.32 -2.60
N ARG A 103 -9.92 -2.48 -3.55
CA ARG A 103 -10.78 -1.29 -3.25
C ARG A 103 -11.87 -1.67 -2.25
N ALA A 104 -11.98 -0.95 -1.17
CA ALA A 104 -13.02 -1.27 -0.15
C ALA A 104 -14.38 -1.37 -0.84
N THR A 105 -15.17 -2.35 -0.46
CA THR A 105 -16.51 -2.51 -1.09
C THR A 105 -17.56 -1.71 -0.30
N PRO A 106 -17.51 -1.78 1.01
CA PRO A 106 -18.49 -1.05 1.88
C PRO A 106 -18.43 0.47 1.66
N SER A 1 16.46 20.33 -12.85
CA SER A 1 15.09 20.72 -12.41
C SER A 1 14.05 20.05 -13.31
N SER A 2 13.89 18.75 -13.18
CA SER A 2 12.89 18.03 -14.02
C SER A 2 11.52 18.12 -13.36
N LEU A 3 11.34 17.44 -12.26
CA LEU A 3 10.02 17.47 -11.57
C LEU A 3 8.91 17.15 -12.57
N ILE A 4 8.49 15.92 -12.63
CA ILE A 4 7.40 15.55 -13.60
C ILE A 4 6.04 15.81 -12.96
N LEU A 5 5.51 14.87 -12.24
CA LEU A 5 4.18 15.07 -11.59
C LEU A 5 3.84 13.84 -10.74
N LEU A 6 4.04 13.92 -9.46
CA LEU A 6 3.72 12.76 -8.59
C LEU A 6 2.31 12.93 -8.01
N SER A 7 1.41 13.52 -8.77
CA SER A 7 0.03 13.70 -8.27
C SER A 7 -0.85 12.54 -8.72
N ALA A 8 -1.60 11.96 -7.82
CA ALA A 8 -2.47 10.80 -8.20
C ALA A 8 -3.87 11.33 -8.52
N SER A 9 -4.52 10.74 -9.49
CA SER A 9 -5.89 11.19 -9.86
C SER A 9 -6.74 9.99 -10.27
N ASP A 10 -6.12 8.97 -10.81
CA ASP A 10 -6.88 7.77 -11.24
C ASP A 10 -6.84 6.70 -10.13
N LEU A 11 -5.82 6.76 -9.30
CA LEU A 11 -5.70 5.76 -8.19
C LEU A 11 -6.04 6.44 -6.87
N ALA A 12 -5.63 5.88 -5.77
CA ALA A 12 -5.93 6.49 -4.44
C ALA A 12 -7.40 6.24 -4.09
N GLY A 13 -7.78 6.50 -2.86
CA GLY A 13 -9.19 6.27 -2.44
C GLY A 13 -9.20 5.54 -1.10
N GLN A 14 -9.99 4.51 -0.98
CA GLN A 14 -10.05 3.72 0.28
C GLN A 14 -9.73 2.27 -0.06
N TRP A 15 -9.08 1.57 0.82
CA TRP A 15 -8.75 0.15 0.53
C TRP A 15 -8.79 -0.65 1.83
N THR A 16 -8.58 -1.93 1.74
CA THR A 16 -8.60 -2.78 2.96
C THR A 16 -7.63 -3.94 2.78
N LEU A 17 -7.32 -4.64 3.84
CA LEU A 17 -6.40 -5.81 3.74
C LEU A 17 -7.18 -7.09 4.03
N GLN A 18 -6.70 -8.21 3.60
CA GLN A 18 -7.44 -9.47 3.87
C GLN A 18 -6.51 -10.68 3.83
N GLN A 19 -6.47 -11.44 4.89
CA GLN A 19 -5.61 -12.66 4.91
C GLN A 19 -6.47 -13.87 4.59
N ASP A 20 -6.26 -14.49 3.46
CA ASP A 20 -7.08 -15.67 3.07
C ASP A 20 -8.56 -15.37 3.37
N GLU A 21 -9.10 -15.90 4.44
CA GLU A 21 -10.52 -15.60 4.76
C GLU A 21 -10.60 -14.17 5.29
N ALA A 22 -9.60 -13.78 6.05
CA ALA A 22 -9.53 -12.39 6.63
C ALA A 22 -10.22 -12.34 8.00
N PRO A 23 -9.72 -13.06 8.97
CA PRO A 23 -10.29 -13.05 10.35
C PRO A 23 -10.34 -11.62 10.90
N ALA A 24 -9.70 -10.71 10.22
CA ALA A 24 -9.68 -9.29 10.68
C ALA A 24 -9.45 -8.38 9.46
N ILE A 25 -10.19 -7.32 9.35
CA ILE A 25 -10.03 -6.39 8.19
C ILE A 25 -9.37 -5.09 8.64
N CYS A 26 -8.23 -4.76 8.08
CA CYS A 26 -7.54 -3.50 8.47
C CYS A 26 -7.90 -2.40 7.48
N HIS A 27 -8.60 -1.40 7.91
CA HIS A 27 -8.98 -0.29 7.00
C HIS A 27 -7.71 0.47 6.59
N LEU A 28 -7.52 0.66 5.31
CA LEU A 28 -6.32 1.39 4.82
C LEU A 28 -6.76 2.55 3.93
N GLU A 29 -5.93 3.53 3.75
CA GLU A 29 -6.31 4.69 2.90
C GLU A 29 -5.07 5.24 2.19
N LEU A 30 -5.09 5.23 0.89
CA LEU A 30 -3.92 5.74 0.12
C LEU A 30 -4.10 7.24 -0.13
N ARG A 31 -3.36 8.06 0.57
CA ARG A 31 -3.49 9.54 0.36
C ARG A 31 -3.07 9.89 -1.06
N ASP A 32 -3.60 10.96 -1.60
CA ASP A 32 -3.24 11.37 -2.98
C ASP A 32 -2.27 12.55 -2.92
N SER A 33 -1.67 12.77 -1.79
CA SER A 33 -0.70 13.90 -1.67
C SER A 33 0.67 13.45 -2.17
N GLU A 34 1.61 14.36 -2.25
CA GLU A 34 2.97 13.99 -2.72
C GLU A 34 3.96 14.00 -1.56
N VAL A 35 5.02 13.23 -1.64
CA VAL A 35 6.01 13.20 -0.53
C VAL A 35 7.42 13.07 -1.14
N ALA A 36 8.28 14.02 -0.87
CA ALA A 36 9.65 13.96 -1.43
C ALA A 36 10.54 13.14 -0.49
N GLU A 37 10.24 13.12 0.78
CA GLU A 37 11.06 12.34 1.73
C GLU A 37 11.09 10.87 1.32
N ALA A 38 9.99 10.38 0.81
CA ALA A 38 9.92 8.95 0.38
C ALA A 38 9.75 8.88 -1.13
N SER A 39 9.50 10.00 -1.76
CA SER A 39 9.33 10.01 -3.24
C SER A 39 8.05 9.27 -3.60
N GLY A 40 7.01 9.44 -2.83
CA GLY A 40 5.73 8.74 -3.13
C GLY A 40 4.57 9.52 -2.52
N TYR A 41 3.44 8.89 -2.34
CA TYR A 41 2.27 9.59 -1.73
C TYR A 41 2.15 9.16 -0.26
N ASP A 42 1.62 10.01 0.57
CA ASP A 42 1.50 9.65 2.02
C ASP A 42 0.51 8.49 2.21
N LEU A 43 0.45 7.97 3.42
CA LEU A 43 -0.48 6.84 3.72
C LEU A 43 -1.32 7.20 4.97
N GLY A 44 -2.61 7.03 4.87
CA GLY A 44 -3.50 7.33 6.02
C GLY A 44 -4.44 6.14 6.25
N GLY A 45 -4.81 5.88 7.47
CA GLY A 45 -5.73 4.73 7.74
C GLY A 45 -5.28 3.98 9.00
N ASP A 46 -5.69 2.74 9.12
CA ASP A 46 -5.30 1.93 10.31
C ASP A 46 -3.84 1.50 10.18
N THR A 47 -3.08 2.20 9.37
CA THR A 47 -1.64 1.84 9.17
C THR A 47 -1.01 1.38 10.49
N ALA A 48 -1.55 1.79 11.60
CA ALA A 48 -0.99 1.35 12.91
C ALA A 48 -1.36 -0.11 13.17
N CYS A 49 -1.86 -0.80 12.17
CA CYS A 49 -2.24 -2.23 12.34
C CYS A 49 -1.29 -3.10 11.51
N LEU A 50 -0.77 -2.57 10.44
CA LEU A 50 0.16 -3.35 9.58
C LEU A 50 1.39 -3.77 10.38
N THR A 51 1.44 -3.44 11.64
CA THR A 51 2.62 -3.82 12.46
C THR A 51 2.71 -5.35 12.57
N ARG A 52 1.82 -6.04 11.91
CA ARG A 52 1.84 -7.54 11.96
C ARG A 52 2.26 -8.10 10.61
N TRP A 53 2.11 -7.33 9.55
CA TRP A 53 2.50 -7.82 8.20
C TRP A 53 3.71 -7.03 7.71
N LEU A 54 3.99 -5.91 8.32
CA LEU A 54 5.17 -5.08 7.92
C LEU A 54 6.13 -4.98 9.11
N PRO A 55 7.41 -4.79 8.88
CA PRO A 55 8.41 -4.69 9.98
C PRO A 55 8.33 -3.34 10.71
N SER A 56 7.62 -2.40 10.15
CA SER A 56 7.50 -1.07 10.79
C SER A 56 6.22 -0.40 10.29
N GLU A 57 5.73 0.58 11.00
CA GLU A 57 4.50 1.28 10.56
C GLU A 57 4.81 2.09 9.29
N PRO A 58 4.10 1.90 8.20
CA PRO A 58 4.38 2.66 6.95
C PRO A 58 3.94 4.12 7.05
N ARG A 59 4.06 4.84 5.97
CA ARG A 59 3.65 6.27 5.95
C ARG A 59 3.66 6.78 4.51
N ALA A 60 4.34 6.09 3.63
CA ALA A 60 4.39 6.52 2.21
C ALA A 60 4.18 5.29 1.30
N TRP A 61 3.53 5.47 0.20
CA TRP A 61 3.29 4.34 -0.74
C TRP A 61 3.33 4.89 -2.17
N ARG A 62 3.65 4.08 -3.15
CA ARG A 62 3.68 4.61 -4.54
C ARG A 62 3.51 3.45 -5.55
N PRO A 63 2.55 3.51 -6.45
CA PRO A 63 2.37 2.44 -7.47
C PRO A 63 3.62 2.26 -8.33
N THR A 64 4.03 1.04 -8.58
CA THR A 64 5.24 0.80 -9.42
C THR A 64 4.79 0.26 -10.78
N PRO A 65 5.61 0.42 -11.81
CA PRO A 65 5.26 -0.06 -13.18
C PRO A 65 5.06 -1.58 -13.24
N ALA A 66 4.52 -2.16 -12.20
CA ALA A 66 4.30 -3.63 -12.22
C ALA A 66 3.79 -4.09 -10.84
N GLY A 67 3.25 -3.19 -10.07
CA GLY A 67 2.74 -3.58 -8.73
C GLY A 67 2.79 -2.37 -7.79
N ILE A 68 2.51 -2.57 -6.52
CA ILE A 68 2.53 -1.44 -5.55
C ILE A 68 3.60 -1.69 -4.49
N ALA A 69 4.20 -0.64 -3.98
CA ALA A 69 5.25 -0.80 -2.93
C ALA A 69 4.95 0.14 -1.77
N LEU A 70 5.38 -0.21 -0.58
CA LEU A 70 5.13 0.65 0.61
C LEU A 70 6.48 1.10 1.20
N LEU A 71 6.56 2.32 1.68
CA LEU A 71 7.85 2.81 2.26
C LEU A 71 7.68 3.09 3.75
N GLU A 72 8.77 3.27 4.45
CA GLU A 72 8.70 3.54 5.92
C GLU A 72 8.97 5.01 6.19
N ARG A 73 8.92 5.85 5.18
CA ARG A 73 9.19 7.31 5.36
C ARG A 73 10.70 7.55 5.37
N GLY A 74 11.44 6.80 4.59
CA GLY A 74 12.92 7.00 4.56
C GLY A 74 13.45 6.63 3.18
N GLY A 75 12.61 6.11 2.32
CA GLY A 75 13.07 5.72 0.95
C GLY A 75 13.26 4.21 0.88
N LEU A 76 13.15 3.53 1.99
CA LEU A 76 13.32 2.05 1.97
C LEU A 76 11.97 1.39 1.68
N THR A 77 11.97 0.32 0.93
CA THR A 77 10.69 -0.36 0.61
C THR A 77 10.41 -1.45 1.65
N LEU A 78 9.20 -1.53 2.14
CA LEU A 78 8.87 -2.57 3.16
C LEU A 78 8.28 -3.80 2.48
N MET A 79 7.35 -3.61 1.58
CA MET A 79 6.71 -4.78 0.92
C MET A 79 6.31 -4.44 -0.52
N LEU A 80 6.58 -5.34 -1.42
CA LEU A 80 6.23 -5.10 -2.85
C LEU A 80 4.94 -5.85 -3.18
N LEU A 81 3.81 -5.21 -2.98
CA LEU A 81 2.52 -5.87 -3.30
C LEU A 81 2.37 -5.91 -4.83
N GLY A 82 2.22 -7.08 -5.40
CA GLY A 82 2.12 -7.18 -6.89
C GLY A 82 0.65 -7.34 -7.34
N ARG A 83 0.28 -6.63 -8.37
CA ARG A 83 -1.11 -6.73 -8.90
C ARG A 83 -1.31 -8.10 -9.55
N GLN A 84 -2.27 -8.87 -9.08
CA GLN A 84 -2.50 -10.22 -9.69
C GLN A 84 -3.74 -10.16 -10.58
N GLY A 85 -4.69 -9.33 -10.24
CA GLY A 85 -5.93 -9.19 -11.08
C GLY A 85 -5.91 -7.85 -11.79
N GLU A 86 -6.70 -6.91 -11.35
CA GLU A 86 -6.72 -5.57 -11.99
C GLU A 86 -6.88 -4.53 -10.89
N GLY A 87 -7.16 -4.99 -9.71
CA GLY A 87 -7.33 -4.08 -8.54
C GLY A 87 -7.12 -4.88 -7.25
N ASP A 88 -6.65 -6.10 -7.37
CA ASP A 88 -6.40 -6.95 -6.18
C ASP A 88 -4.91 -7.29 -6.15
N TYR A 89 -4.19 -6.74 -5.21
CA TYR A 89 -2.74 -7.01 -5.14
C TYR A 89 -2.49 -8.03 -4.04
N ARG A 90 -1.63 -8.98 -4.30
CA ARG A 90 -1.33 -10.02 -3.30
C ARG A 90 0.18 -10.22 -3.21
N VAL A 91 0.65 -10.77 -2.12
CA VAL A 91 2.11 -11.00 -1.97
C VAL A 91 2.34 -12.30 -1.21
N GLN A 92 3.38 -13.02 -1.56
CA GLN A 92 3.66 -14.32 -0.87
C GLN A 92 4.20 -14.05 0.53
N LYS A 93 3.48 -14.45 1.54
CA LYS A 93 3.96 -14.22 2.94
C LYS A 93 4.68 -15.47 3.44
N GLY A 94 5.63 -15.96 2.67
CA GLY A 94 6.36 -17.18 3.10
C GLY A 94 5.57 -18.42 2.70
N ASP A 95 4.64 -18.83 3.52
CA ASP A 95 3.83 -20.04 3.19
C ASP A 95 2.72 -20.22 4.24
N GLY A 96 1.67 -19.45 4.13
CA GLY A 96 0.55 -19.58 5.11
C GLY A 96 -0.02 -18.20 5.41
N GLY A 97 -0.64 -17.58 4.44
CA GLY A 97 -1.24 -16.23 4.68
C GLY A 97 -1.18 -15.40 3.41
N GLN A 98 -2.27 -15.36 2.68
CA GLN A 98 -2.31 -14.56 1.42
C GLN A 98 -2.95 -13.22 1.68
N LEU A 99 -2.22 -12.16 1.51
CA LEU A 99 -2.79 -10.81 1.74
C LEU A 99 -3.45 -10.34 0.44
N VAL A 100 -4.49 -9.56 0.54
CA VAL A 100 -5.18 -9.08 -0.69
C VAL A 100 -5.66 -7.64 -0.49
N LEU A 101 -5.03 -6.69 -1.14
CA LEU A 101 -5.45 -5.27 -1.00
C LEU A 101 -6.45 -4.92 -2.10
N ARG A 102 -7.66 -4.54 -1.76
CA ARG A 102 -8.65 -4.19 -2.81
C ARG A 102 -9.42 -2.95 -2.38
N ARG A 103 -9.62 -2.04 -3.29
CA ARG A 103 -10.34 -0.78 -2.99
C ARG A 103 -11.55 -1.08 -2.10
N ALA A 104 -11.78 -0.28 -1.11
CA ALA A 104 -12.94 -0.50 -0.20
C ALA A 104 -14.25 -0.28 -0.96
N THR A 105 -15.27 -1.03 -0.65
CA THR A 105 -16.57 -0.86 -1.37
C THR A 105 -17.25 0.41 -0.85
N PRO A 106 -18.21 0.92 -1.58
CA PRO A 106 -18.96 2.14 -1.19
C PRO A 106 -19.86 1.91 0.02
N SER A 1 11.63 20.10 -6.71
CA SER A 1 10.20 20.01 -6.30
C SER A 1 9.77 18.54 -6.25
N SER A 2 8.96 18.12 -7.18
CA SER A 2 8.50 16.70 -7.18
C SER A 2 8.24 16.25 -8.62
N LEU A 3 9.28 15.96 -9.36
CA LEU A 3 9.10 15.52 -10.77
C LEU A 3 9.04 13.99 -10.82
N ILE A 4 8.83 13.36 -9.70
CA ILE A 4 8.77 11.87 -9.67
C ILE A 4 7.32 11.43 -9.90
N LEU A 5 7.05 10.78 -11.00
CA LEU A 5 5.66 10.31 -11.27
C LEU A 5 4.68 11.46 -11.03
N LEU A 6 5.17 12.67 -10.95
CA LEU A 6 4.28 13.83 -10.72
C LEU A 6 3.31 13.50 -9.58
N SER A 7 2.24 14.25 -9.47
CA SER A 7 1.25 13.99 -8.38
C SER A 7 0.14 13.07 -8.90
N ALA A 8 0.23 11.81 -8.64
CA ALA A 8 -0.82 10.87 -9.11
C ALA A 8 -2.06 10.99 -8.22
N SER A 9 -3.03 11.78 -8.64
CA SER A 9 -4.26 11.95 -7.81
C SER A 9 -5.33 10.97 -8.29
N ASP A 10 -5.14 10.37 -9.42
CA ASP A 10 -6.15 9.41 -9.94
C ASP A 10 -5.98 8.05 -9.24
N LEU A 11 -4.78 7.77 -8.78
CA LEU A 11 -4.56 6.46 -8.10
C LEU A 11 -5.01 6.56 -6.63
N ALA A 12 -5.82 7.53 -6.32
CA ALA A 12 -6.31 7.68 -4.92
C ALA A 12 -7.63 6.93 -4.76
N GLY A 13 -8.16 6.87 -3.56
CA GLY A 13 -9.44 6.15 -3.33
C GLY A 13 -9.42 5.50 -1.96
N GLN A 14 -10.29 4.54 -1.74
CA GLN A 14 -10.33 3.82 -0.44
C GLN A 14 -9.93 2.37 -0.69
N TRP A 15 -9.26 1.75 0.25
CA TRP A 15 -8.85 0.33 0.04
C TRP A 15 -8.88 -0.41 1.37
N THR A 16 -8.68 -1.70 1.34
CA THR A 16 -8.69 -2.49 2.60
C THR A 16 -7.69 -3.63 2.48
N LEU A 17 -7.32 -4.24 3.59
CA LEU A 17 -6.35 -5.37 3.54
C LEU A 17 -7.07 -6.66 3.97
N GLN A 18 -6.58 -7.79 3.55
CA GLN A 18 -7.23 -9.07 3.93
C GLN A 18 -6.15 -10.15 4.13
N GLN A 19 -6.02 -10.64 5.34
CA GLN A 19 -5.00 -11.69 5.60
C GLN A 19 -5.70 -13.06 5.62
N ASP A 20 -5.42 -13.89 4.65
CA ASP A 20 -6.07 -15.24 4.59
C ASP A 20 -7.55 -15.11 4.94
N GLU A 21 -8.20 -14.12 4.38
CA GLU A 21 -9.67 -13.92 4.63
C GLU A 21 -10.03 -14.31 6.06
N ALA A 22 -9.17 -14.02 7.00
CA ALA A 22 -9.45 -14.38 8.42
C ALA A 22 -9.65 -13.11 9.26
N PRO A 23 -10.31 -13.22 10.39
CA PRO A 23 -10.57 -12.06 11.28
C PRO A 23 -9.39 -11.07 11.32
N ALA A 24 -9.37 -10.12 10.44
CA ALA A 24 -8.26 -9.12 10.44
C ALA A 24 -8.35 -8.25 9.19
N ILE A 25 -9.23 -7.27 9.20
CA ILE A 25 -9.36 -6.37 8.02
C ILE A 25 -8.89 -4.97 8.41
N CYS A 26 -7.79 -4.53 7.87
CA CYS A 26 -7.28 -3.17 8.22
C CYS A 26 -7.72 -2.16 7.17
N HIS A 27 -8.44 -1.15 7.56
CA HIS A 27 -8.89 -0.11 6.60
C HIS A 27 -7.67 0.67 6.14
N LEU A 28 -7.54 0.93 4.86
CA LEU A 28 -6.36 1.68 4.35
C LEU A 28 -6.84 2.89 3.54
N GLU A 29 -6.03 3.92 3.44
CA GLU A 29 -6.44 5.13 2.68
C GLU A 29 -5.25 5.62 1.85
N LEU A 30 -5.37 5.59 0.56
CA LEU A 30 -4.27 6.04 -0.32
C LEU A 30 -4.39 7.55 -0.54
N ARG A 31 -3.58 8.33 0.13
CA ARG A 31 -3.66 9.81 -0.05
C ARG A 31 -3.09 10.19 -1.42
N ASP A 32 -3.41 11.37 -1.90
CA ASP A 32 -2.90 11.81 -3.23
C ASP A 32 -1.86 12.91 -3.03
N SER A 33 -1.40 13.10 -1.82
CA SER A 33 -0.38 14.15 -1.56
C SER A 33 0.98 13.67 -2.06
N GLU A 34 1.86 14.57 -2.39
CA GLU A 34 3.20 14.16 -2.87
C GLU A 34 4.16 14.05 -1.69
N VAL A 35 5.11 13.15 -1.76
CA VAL A 35 6.09 13.01 -0.64
C VAL A 35 7.49 12.81 -1.21
N ALA A 36 8.34 13.79 -1.07
CA ALA A 36 9.72 13.67 -1.61
C ALA A 36 10.60 12.87 -0.64
N GLU A 37 10.31 12.94 0.63
CA GLU A 37 11.13 12.17 1.60
C GLU A 37 11.17 10.70 1.18
N ALA A 38 10.10 10.21 0.61
CA ALA A 38 10.06 8.80 0.15
C ALA A 38 9.78 8.76 -1.34
N SER A 39 9.61 9.90 -1.95
CA SER A 39 9.34 9.92 -3.41
C SER A 39 8.04 9.15 -3.72
N GLY A 40 7.01 9.38 -2.95
CA GLY A 40 5.74 8.65 -3.19
C GLY A 40 4.56 9.48 -2.68
N TYR A 41 3.57 8.82 -2.12
CA TYR A 41 2.38 9.55 -1.58
C TYR A 41 2.13 9.14 -0.14
N ASP A 42 1.54 10.00 0.64
CA ASP A 42 1.28 9.67 2.07
C ASP A 42 0.37 8.43 2.19
N LEU A 43 0.37 7.84 3.35
CA LEU A 43 -0.49 6.63 3.59
C LEU A 43 -1.32 6.81 4.86
N GLY A 44 -2.44 7.44 4.78
CA GLY A 44 -3.28 7.62 5.99
C GLY A 44 -4.08 6.35 6.26
N GLY A 45 -5.00 6.39 7.19
CA GLY A 45 -5.82 5.18 7.50
C GLY A 45 -5.26 4.48 8.74
N ASP A 46 -5.31 3.18 8.75
CA ASP A 46 -4.78 2.41 9.92
C ASP A 46 -3.43 1.83 9.53
N THR A 47 -2.40 2.61 9.70
CA THR A 47 -1.03 2.11 9.39
C THR A 47 -0.46 1.53 10.68
N ALA A 48 -1.07 1.88 11.76
CA ALA A 48 -0.59 1.39 13.09
C ALA A 48 -1.04 -0.06 13.30
N CYS A 49 -1.47 -0.71 12.24
CA CYS A 49 -1.92 -2.13 12.35
C CYS A 49 -1.08 -3.01 11.43
N LEU A 50 -0.60 -2.46 10.35
CA LEU A 50 0.22 -3.26 9.41
C LEU A 50 1.52 -3.69 10.10
N THR A 51 1.71 -3.29 11.33
CA THR A 51 2.95 -3.68 12.05
C THR A 51 2.96 -5.20 12.26
N ARG A 52 2.03 -5.89 11.67
CA ARG A 52 1.98 -7.38 11.82
C ARG A 52 2.33 -8.04 10.49
N TRP A 53 2.19 -7.30 9.40
CA TRP A 53 2.53 -7.88 8.05
C TRP A 53 3.76 -7.17 7.49
N LEU A 54 4.17 -6.11 8.14
CA LEU A 54 5.37 -5.34 7.65
C LEU A 54 6.35 -5.15 8.82
N PRO A 55 7.62 -4.95 8.55
CA PRO A 55 8.62 -4.74 9.64
C PRO A 55 8.56 -3.33 10.21
N SER A 56 7.93 -2.43 9.51
CA SER A 56 7.83 -1.02 10.02
C SER A 56 6.50 -0.41 9.57
N GLU A 57 6.00 0.54 10.32
CA GLU A 57 4.70 1.16 9.95
C GLU A 57 4.89 2.02 8.68
N PRO A 58 4.21 1.71 7.58
CA PRO A 58 4.37 2.51 6.33
C PRO A 58 3.69 3.87 6.39
N ARG A 59 4.45 4.91 6.29
CA ARG A 59 3.86 6.28 6.33
C ARG A 59 3.70 6.77 4.89
N ALA A 60 4.16 6.02 3.94
CA ALA A 60 4.04 6.45 2.52
C ALA A 60 4.05 5.23 1.59
N TRP A 61 3.67 5.42 0.36
CA TRP A 61 3.67 4.28 -0.61
C TRP A 61 4.03 4.83 -1.99
N ARG A 62 4.55 4.00 -2.86
CA ARG A 62 4.96 4.48 -4.21
C ARG A 62 4.44 3.51 -5.30
N PRO A 63 3.42 3.87 -6.05
CA PRO A 63 2.89 2.99 -7.13
C PRO A 63 3.95 2.70 -8.19
N THR A 64 4.16 1.45 -8.52
CA THR A 64 5.17 1.11 -9.56
C THR A 64 4.44 0.64 -10.84
N PRO A 65 5.08 0.71 -11.97
CA PRO A 65 4.47 0.28 -13.27
C PRO A 65 4.27 -1.24 -13.34
N ALA A 66 3.55 -1.79 -12.39
CA ALA A 66 3.32 -3.26 -12.40
C ALA A 66 2.75 -3.70 -11.05
N GLY A 67 2.92 -2.89 -10.03
CA GLY A 67 2.40 -3.25 -8.70
C GLY A 67 2.56 -2.07 -7.74
N ILE A 68 2.15 -2.21 -6.50
CA ILE A 68 2.26 -1.09 -5.53
C ILE A 68 3.37 -1.40 -4.52
N ALA A 69 4.03 -0.38 -4.03
CA ALA A 69 5.12 -0.60 -3.03
C ALA A 69 4.84 0.25 -1.79
N LEU A 70 5.20 -0.24 -0.62
CA LEU A 70 4.96 0.53 0.63
C LEU A 70 6.30 1.03 1.18
N LEU A 71 6.37 2.29 1.54
CA LEU A 71 7.65 2.85 2.07
C LEU A 71 7.47 3.22 3.55
N GLU A 72 8.56 3.49 4.24
CA GLU A 72 8.47 3.84 5.68
C GLU A 72 8.91 5.30 5.90
N ARG A 73 8.91 6.10 4.86
CA ARG A 73 9.34 7.52 5.01
C ARG A 73 10.86 7.60 5.01
N GLY A 74 11.51 6.73 4.28
CA GLY A 74 12.99 6.74 4.24
C GLY A 74 13.46 6.24 2.86
N GLY A 75 12.57 5.66 2.10
CA GLY A 75 12.95 5.15 0.75
C GLY A 75 13.13 3.63 0.82
N LEU A 76 13.01 3.06 1.99
CA LEU A 76 13.17 1.58 2.11
C LEU A 76 11.83 0.89 1.84
N THR A 77 11.63 0.41 0.64
CA THR A 77 10.35 -0.27 0.32
C THR A 77 10.12 -1.42 1.30
N LEU A 78 9.01 -1.43 1.98
CA LEU A 78 8.73 -2.51 2.96
C LEU A 78 8.17 -3.73 2.22
N MET A 79 7.37 -3.53 1.21
CA MET A 79 6.80 -4.70 0.50
C MET A 79 6.33 -4.29 -0.91
N LEU A 80 6.48 -5.17 -1.86
CA LEU A 80 6.05 -4.86 -3.26
C LEU A 80 4.78 -5.65 -3.57
N LEU A 81 3.65 -5.01 -3.52
CA LEU A 81 2.37 -5.72 -3.83
C LEU A 81 2.23 -5.82 -5.35
N GLY A 82 2.06 -7.01 -5.88
CA GLY A 82 1.94 -7.16 -7.36
C GLY A 82 0.48 -7.22 -7.77
N ARG A 83 0.13 -6.52 -8.81
CA ARG A 83 -1.28 -6.54 -9.29
C ARG A 83 -1.60 -7.91 -9.88
N GLN A 84 -2.60 -8.59 -9.37
CA GLN A 84 -2.94 -9.93 -9.91
C GLN A 84 -3.94 -9.76 -11.05
N GLY A 85 -4.73 -8.72 -11.00
CA GLY A 85 -5.73 -8.51 -12.10
C GLY A 85 -6.95 -7.74 -11.58
N GLU A 86 -7.61 -7.05 -12.46
CA GLU A 86 -8.84 -6.28 -12.10
C GLU A 86 -8.64 -5.50 -10.79
N GLY A 87 -7.53 -4.82 -10.64
CA GLY A 87 -7.32 -4.02 -9.39
C GLY A 87 -7.10 -4.93 -8.18
N ASP A 88 -6.76 -6.18 -8.40
CA ASP A 88 -6.53 -7.10 -7.25
C ASP A 88 -5.02 -7.31 -7.09
N TYR A 89 -4.50 -7.05 -5.91
CA TYR A 89 -3.03 -7.21 -5.68
C TYR A 89 -2.80 -8.25 -4.60
N ARG A 90 -1.79 -9.08 -4.77
CA ARG A 90 -1.49 -10.13 -3.77
C ARG A 90 0.02 -10.25 -3.60
N VAL A 91 0.47 -10.64 -2.45
CA VAL A 91 1.94 -10.78 -2.21
C VAL A 91 2.22 -12.06 -1.42
N GLN A 92 3.18 -12.83 -1.85
CA GLN A 92 3.50 -14.08 -1.12
C GLN A 92 4.24 -13.75 0.17
N LYS A 93 3.68 -14.06 1.30
CA LYS A 93 4.35 -13.76 2.59
C LYS A 93 5.25 -14.93 2.98
N GLY A 94 4.67 -16.01 3.45
CA GLY A 94 5.49 -17.18 3.85
C GLY A 94 4.76 -17.96 4.95
N ASP A 95 4.60 -17.37 6.09
CA ASP A 95 3.90 -18.08 7.21
C ASP A 95 2.57 -18.65 6.70
N GLY A 96 2.17 -18.25 5.52
CA GLY A 96 0.88 -18.76 4.96
C GLY A 96 -0.17 -17.65 4.99
N GLY A 97 0.23 -16.46 5.36
CA GLY A 97 -0.74 -15.33 5.41
C GLY A 97 -0.79 -14.64 4.05
N GLN A 98 -1.92 -14.64 3.42
CA GLN A 98 -2.03 -13.99 2.08
C GLN A 98 -2.67 -12.61 2.23
N LEU A 99 -1.93 -11.59 1.89
CA LEU A 99 -2.48 -10.22 1.99
C LEU A 99 -3.19 -9.87 0.68
N VAL A 100 -4.25 -9.13 0.75
CA VAL A 100 -5.00 -8.76 -0.50
C VAL A 100 -5.50 -7.32 -0.41
N LEU A 101 -4.98 -6.45 -1.22
CA LEU A 101 -5.44 -5.02 -1.19
C LEU A 101 -6.48 -4.80 -2.28
N ARG A 102 -7.71 -4.50 -1.91
CA ARG A 102 -8.76 -4.28 -2.96
C ARG A 102 -9.49 -2.96 -2.67
N ARG A 103 -9.67 -2.16 -3.68
CA ARG A 103 -10.37 -0.85 -3.50
C ARG A 103 -11.62 -1.05 -2.64
N ALA A 104 -11.82 -0.22 -1.65
CA ALA A 104 -13.02 -0.35 -0.79
C ALA A 104 -14.29 -0.18 -1.63
N THR A 105 -15.30 -0.97 -1.37
CA THR A 105 -16.55 -0.86 -2.17
C THR A 105 -17.54 0.04 -1.42
N PRO A 106 -18.55 0.53 -2.10
CA PRO A 106 -19.59 1.40 -1.50
C PRO A 106 -19.96 0.97 -0.07
N SER A 1 17.35 17.55 -7.40
CA SER A 1 16.72 16.22 -7.11
C SER A 1 15.21 16.40 -6.94
N SER A 2 14.47 15.33 -7.07
CA SER A 2 12.99 15.43 -6.92
C SER A 2 12.42 16.30 -8.05
N LEU A 3 12.85 16.06 -9.26
CA LEU A 3 12.33 16.87 -10.40
C LEU A 3 11.12 16.16 -11.02
N ILE A 4 10.89 14.93 -10.65
CA ILE A 4 9.73 14.19 -11.22
C ILE A 4 8.50 14.38 -10.32
N LEU A 5 7.43 14.90 -10.86
CA LEU A 5 6.20 15.10 -10.03
C LEU A 5 5.30 13.87 -10.16
N LEU A 6 4.66 13.71 -11.28
CA LEU A 6 3.76 12.53 -11.45
C LEU A 6 2.52 12.68 -10.56
N SER A 7 1.38 12.95 -11.15
CA SER A 7 0.14 13.11 -10.33
C SER A 7 -0.69 11.84 -10.42
N ALA A 8 -0.62 11.00 -9.43
CA ALA A 8 -1.42 9.74 -9.44
C ALA A 8 -2.73 9.96 -8.70
N SER A 9 -3.58 10.81 -9.21
CA SER A 9 -4.88 11.07 -8.52
C SER A 9 -5.91 10.02 -8.97
N ASP A 10 -5.62 9.29 -10.01
CA ASP A 10 -6.58 8.27 -10.49
C ASP A 10 -6.59 7.08 -9.52
N LEU A 11 -5.50 6.88 -8.80
CA LEU A 11 -5.44 5.74 -7.85
C LEU A 11 -5.99 6.18 -6.49
N ALA A 12 -5.98 7.47 -6.24
CA ALA A 12 -6.51 7.97 -4.94
C ALA A 12 -7.85 7.29 -4.62
N GLY A 13 -8.18 7.16 -3.37
CA GLY A 13 -9.47 6.50 -3.03
C GLY A 13 -9.34 5.78 -1.68
N GLN A 14 -10.21 4.83 -1.43
CA GLN A 14 -10.14 4.06 -0.15
C GLN A 14 -9.83 2.60 -0.48
N TRP A 15 -9.16 1.92 0.41
CA TRP A 15 -8.84 0.49 0.14
C TRP A 15 -8.86 -0.28 1.45
N THR A 16 -8.68 -1.56 1.40
CA THR A 16 -8.69 -2.39 2.64
C THR A 16 -7.68 -3.52 2.49
N LEU A 17 -7.30 -4.13 3.57
CA LEU A 17 -6.32 -5.27 3.51
C LEU A 17 -7.02 -6.53 3.99
N GLN A 18 -6.71 -7.66 3.42
CA GLN A 18 -7.35 -8.93 3.85
C GLN A 18 -6.27 -9.99 4.05
N GLN A 19 -6.11 -10.45 5.26
CA GLN A 19 -5.08 -11.50 5.53
C GLN A 19 -5.78 -12.84 5.74
N ASP A 20 -5.69 -13.72 4.78
CA ASP A 20 -6.37 -15.04 4.94
C ASP A 20 -5.63 -15.87 5.99
N GLU A 21 -6.08 -17.07 6.25
CA GLU A 21 -5.38 -17.92 7.27
C GLU A 21 -5.42 -17.24 8.63
N ALA A 22 -6.07 -16.11 8.73
CA ALA A 22 -6.12 -15.40 10.05
C ALA A 22 -7.07 -14.20 9.93
N PRO A 23 -8.33 -14.34 10.31
CA PRO A 23 -9.32 -13.23 10.22
C PRO A 23 -8.78 -11.92 10.80
N ALA A 24 -8.63 -10.92 9.96
CA ALA A 24 -8.11 -9.60 10.44
C ALA A 24 -8.09 -8.64 9.26
N ILE A 25 -8.93 -7.62 9.30
CA ILE A 25 -8.97 -6.63 8.18
C ILE A 25 -8.51 -5.26 8.69
N CYS A 26 -8.14 -4.38 7.79
CA CYS A 26 -7.68 -3.02 8.23
C CYS A 26 -8.11 -1.99 7.20
N HIS A 27 -8.83 -0.98 7.60
CA HIS A 27 -9.26 0.08 6.64
C HIS A 27 -8.02 0.87 6.22
N LEU A 28 -7.88 1.15 4.96
CA LEU A 28 -6.68 1.91 4.47
C LEU A 28 -7.17 3.12 3.68
N GLU A 29 -6.33 4.11 3.51
CA GLU A 29 -6.73 5.32 2.75
C GLU A 29 -5.55 5.84 1.95
N LEU A 30 -5.68 5.88 0.65
CA LEU A 30 -4.56 6.37 -0.20
C LEU A 30 -4.67 7.88 -0.37
N ARG A 31 -3.86 8.63 0.33
CA ARG A 31 -3.94 10.12 0.22
C ARG A 31 -3.57 10.53 -1.21
N ASP A 32 -3.89 11.76 -1.57
CA ASP A 32 -3.58 12.25 -2.95
C ASP A 32 -2.44 13.27 -2.86
N SER A 33 -1.84 13.42 -1.72
CA SER A 33 -0.73 14.40 -1.58
C SER A 33 0.58 13.74 -2.01
N GLU A 34 1.37 14.42 -2.79
CA GLU A 34 2.66 13.84 -3.25
C GLU A 34 3.68 13.89 -2.10
N VAL A 35 4.71 13.10 -2.16
CA VAL A 35 5.74 13.11 -1.08
C VAL A 35 7.11 12.87 -1.68
N ALA A 36 8.00 13.80 -1.56
CA ALA A 36 9.37 13.62 -2.11
C ALA A 36 10.25 12.87 -1.12
N GLU A 37 9.99 13.01 0.16
CA GLU A 37 10.80 12.30 1.17
C GLU A 37 10.83 10.81 0.83
N ALA A 38 9.76 10.30 0.26
CA ALA A 38 9.71 8.85 -0.11
C ALA A 38 9.51 8.73 -1.62
N SER A 39 9.35 9.83 -2.30
CA SER A 39 9.16 9.77 -3.77
C SER A 39 7.83 9.09 -4.09
N GLY A 40 6.81 9.37 -3.32
CA GLY A 40 5.48 8.73 -3.58
C GLY A 40 4.37 9.61 -3.02
N TYR A 41 3.27 9.01 -2.64
CA TYR A 41 2.13 9.79 -2.09
C TYR A 41 1.92 9.41 -0.62
N ASP A 42 1.41 10.32 0.17
CA ASP A 42 1.20 10.02 1.62
C ASP A 42 0.19 8.89 1.82
N LEU A 43 0.15 8.34 3.01
CA LEU A 43 -0.81 7.25 3.32
C LEU A 43 -1.58 7.61 4.59
N GLY A 44 -2.89 7.51 4.54
CA GLY A 44 -3.72 7.82 5.73
C GLY A 44 -4.68 6.65 5.98
N GLY A 45 -5.12 6.46 7.19
CA GLY A 45 -6.05 5.33 7.50
C GLY A 45 -5.68 4.72 8.84
N ASP A 46 -5.82 3.42 8.96
CA ASP A 46 -5.48 2.73 10.24
C ASP A 46 -4.09 2.11 10.11
N THR A 47 -3.28 2.64 9.23
CA THR A 47 -1.90 2.09 9.04
C THR A 47 -1.27 1.72 10.38
N ALA A 48 -1.75 2.29 11.46
CA ALA A 48 -1.18 1.95 12.78
C ALA A 48 -1.54 0.49 13.14
N CYS A 49 -2.11 -0.22 12.21
CA CYS A 49 -2.49 -1.65 12.47
C CYS A 49 -1.61 -2.56 11.61
N LEU A 50 -1.05 -2.03 10.56
CA LEU A 50 -0.19 -2.87 9.67
C LEU A 50 1.08 -3.28 10.41
N THR A 51 1.26 -2.83 11.62
CA THR A 51 2.48 -3.21 12.38
C THR A 51 2.48 -4.72 12.65
N ARG A 52 1.55 -5.43 12.04
CA ARG A 52 1.48 -6.90 12.23
C ARG A 52 1.92 -7.59 10.93
N TRP A 53 1.89 -6.88 9.84
CA TRP A 53 2.31 -7.46 8.52
C TRP A 53 3.54 -6.72 8.01
N LEU A 54 3.60 -5.44 8.28
CA LEU A 54 4.78 -4.63 7.81
C LEU A 54 5.73 -4.43 9.01
N PRO A 55 7.00 -4.20 8.77
CA PRO A 55 7.97 -4.00 9.88
C PRO A 55 7.89 -2.59 10.46
N SER A 56 7.24 -1.69 9.77
CA SER A 56 7.11 -0.29 10.27
C SER A 56 5.82 0.32 9.72
N GLU A 57 5.28 1.30 10.39
CA GLU A 57 4.03 1.94 9.90
C GLU A 57 4.32 2.71 8.61
N PRO A 58 3.66 2.39 7.50
CA PRO A 58 3.90 3.10 6.21
C PRO A 58 3.26 4.48 6.18
N ARG A 59 4.06 5.49 6.05
CA ARG A 59 3.52 6.88 6.00
C ARG A 59 3.43 7.32 4.54
N ALA A 60 3.91 6.51 3.64
CA ALA A 60 3.86 6.89 2.20
C ALA A 60 3.81 5.64 1.32
N TRP A 61 3.44 5.79 0.09
CA TRP A 61 3.38 4.63 -0.85
C TRP A 61 3.73 5.13 -2.24
N ARG A 62 4.19 4.26 -3.11
CA ARG A 62 4.58 4.70 -4.48
C ARG A 62 4.02 3.73 -5.54
N PRO A 63 2.98 4.11 -6.26
CA PRO A 63 2.40 3.23 -7.31
C PRO A 63 3.43 2.88 -8.39
N THR A 64 3.65 1.63 -8.65
CA THR A 64 4.64 1.23 -9.69
C THR A 64 3.88 0.83 -10.97
N PRO A 65 4.53 0.87 -12.10
CA PRO A 65 3.89 0.50 -13.40
C PRO A 65 3.54 -0.98 -13.47
N ALA A 66 3.30 -1.60 -12.34
CA ALA A 66 2.94 -3.05 -12.34
C ALA A 66 2.45 -3.47 -10.96
N GLY A 67 1.98 -2.53 -10.17
CA GLY A 67 1.48 -2.90 -8.81
C GLY A 67 1.58 -1.68 -7.88
N ILE A 68 1.74 -1.92 -6.60
CA ILE A 68 1.82 -0.78 -5.63
C ILE A 68 2.88 -1.10 -4.57
N ALA A 69 3.57 -0.11 -4.07
CA ALA A 69 4.62 -0.35 -3.03
C ALA A 69 4.36 0.57 -1.83
N LEU A 70 4.70 0.10 -0.65
CA LEU A 70 4.48 0.93 0.58
C LEU A 70 5.85 1.39 1.13
N LEU A 71 5.97 2.66 1.44
CA LEU A 71 7.27 3.18 1.97
C LEU A 71 7.10 3.58 3.44
N GLU A 72 8.19 3.83 4.13
CA GLU A 72 8.10 4.21 5.57
C GLU A 72 8.54 5.66 5.76
N ARG A 73 8.57 6.45 4.71
CA ARG A 73 9.00 7.87 4.82
C ARG A 73 10.54 7.93 4.86
N GLY A 74 11.18 7.05 4.13
CA GLY A 74 12.67 7.05 4.10
C GLY A 74 13.14 6.47 2.77
N GLY A 75 12.26 5.89 2.01
CA GLY A 75 12.65 5.30 0.70
C GLY A 75 12.79 3.79 0.84
N LEU A 76 12.60 3.27 2.01
CA LEU A 76 12.72 1.79 2.22
C LEU A 76 11.38 1.13 1.93
N THR A 77 11.20 0.60 0.76
CA THR A 77 9.91 -0.07 0.42
C THR A 77 9.60 -1.14 1.47
N LEU A 78 8.45 -1.06 2.08
CA LEU A 78 8.09 -2.07 3.12
C LEU A 78 7.48 -3.31 2.45
N MET A 79 6.73 -3.13 1.41
CA MET A 79 6.11 -4.32 0.74
C MET A 79 5.67 -3.96 -0.68
N LEU A 80 5.78 -4.90 -1.58
CA LEU A 80 5.39 -4.65 -2.99
C LEU A 80 4.12 -5.46 -3.31
N LEU A 81 2.99 -4.82 -3.35
CA LEU A 81 1.73 -5.54 -3.68
C LEU A 81 1.59 -5.58 -5.20
N GLY A 82 1.63 -6.75 -5.78
CA GLY A 82 1.51 -6.84 -7.27
C GLY A 82 0.05 -7.05 -7.67
N ARG A 83 -0.34 -6.53 -8.79
CA ARG A 83 -1.75 -6.70 -9.26
C ARG A 83 -1.95 -8.15 -9.70
N GLN A 84 -2.97 -8.80 -9.21
CA GLN A 84 -3.21 -10.23 -9.56
C GLN A 84 -4.47 -10.35 -10.43
N GLY A 85 -5.47 -9.56 -10.17
CA GLY A 85 -6.73 -9.65 -10.98
C GLY A 85 -7.40 -8.29 -11.08
N GLU A 86 -6.67 -7.28 -11.50
CA GLU A 86 -7.27 -5.92 -11.64
C GLU A 86 -8.05 -5.54 -10.38
N GLY A 87 -7.49 -4.73 -9.54
CA GLY A 87 -8.21 -4.32 -8.29
C GLY A 87 -7.83 -5.26 -7.15
N ASP A 88 -7.40 -6.46 -7.47
CA ASP A 88 -7.01 -7.43 -6.42
C ASP A 88 -5.49 -7.64 -6.49
N TYR A 89 -4.77 -7.08 -5.56
CA TYR A 89 -3.29 -7.23 -5.55
C TYR A 89 -2.91 -8.17 -4.40
N ARG A 90 -1.91 -8.99 -4.59
CA ARG A 90 -1.49 -9.91 -3.51
C ARG A 90 0.01 -10.16 -3.61
N VAL A 91 0.62 -10.60 -2.53
CA VAL A 91 2.08 -10.87 -2.56
C VAL A 91 2.35 -12.19 -1.84
N GLN A 92 3.04 -13.10 -2.47
CA GLN A 92 3.33 -14.40 -1.81
C GLN A 92 3.96 -14.14 -0.44
N LYS A 93 3.25 -14.42 0.61
CA LYS A 93 3.79 -14.20 1.96
C LYS A 93 4.81 -15.29 2.32
N GLY A 94 4.68 -16.43 1.71
CA GLY A 94 5.59 -17.57 2.01
C GLY A 94 4.75 -18.75 2.50
N ASP A 95 3.95 -18.55 3.52
CA ASP A 95 3.10 -19.66 4.04
C ASP A 95 2.46 -19.25 5.38
N GLY A 96 2.02 -18.02 5.50
CA GLY A 96 1.39 -17.55 6.78
C GLY A 96 0.01 -16.94 6.51
N GLY A 97 -0.05 -15.88 5.73
CA GLY A 97 -1.36 -15.25 5.43
C GLY A 97 -1.32 -14.59 4.06
N GLN A 98 -2.42 -14.61 3.36
CA GLN A 98 -2.48 -13.98 1.99
C GLN A 98 -2.94 -12.54 2.12
N LEU A 99 -2.08 -11.62 1.81
CA LEU A 99 -2.45 -10.19 1.90
C LEU A 99 -3.20 -9.81 0.62
N VAL A 100 -4.28 -9.08 0.76
CA VAL A 100 -5.06 -8.70 -0.46
C VAL A 100 -5.52 -7.23 -0.37
N LEU A 101 -4.93 -6.37 -1.15
CA LEU A 101 -5.34 -4.94 -1.15
C LEU A 101 -6.40 -4.73 -2.24
N ARG A 102 -7.61 -4.38 -1.88
CA ARG A 102 -8.66 -4.17 -2.93
C ARG A 102 -9.54 -2.99 -2.55
N ARG A 103 -9.86 -2.17 -3.51
CA ARG A 103 -10.71 -0.99 -3.25
C ARG A 103 -11.87 -1.37 -2.32
N ALA A 104 -11.97 -0.73 -1.19
CA ALA A 104 -13.07 -1.05 -0.24
C ALA A 104 -14.41 -1.05 -0.98
N THR A 105 -14.95 -2.20 -1.26
CA THR A 105 -16.25 -2.27 -1.97
C THR A 105 -17.37 -1.74 -1.06
N PRO A 106 -17.38 -2.13 0.19
CA PRO A 106 -18.42 -1.70 1.15
C PRO A 106 -18.05 -0.39 1.85
N SER A 1 13.89 24.24 -17.15
CA SER A 1 13.62 25.52 -16.43
C SER A 1 12.34 25.39 -15.60
N SER A 2 11.92 24.18 -15.34
CA SER A 2 10.69 23.99 -14.53
C SER A 2 10.76 22.64 -13.81
N LEU A 3 10.27 22.58 -12.60
CA LEU A 3 10.31 21.30 -11.83
C LEU A 3 9.25 20.35 -12.39
N ILE A 4 9.64 19.19 -12.84
CA ILE A 4 8.65 18.22 -13.39
C ILE A 4 8.18 17.28 -12.27
N LEU A 5 6.92 17.01 -12.20
CA LEU A 5 6.40 16.10 -11.14
C LEU A 5 5.03 15.57 -11.54
N LEU A 6 4.89 14.28 -11.65
CA LEU A 6 3.57 13.70 -12.04
C LEU A 6 2.77 13.35 -10.78
N SER A 7 1.63 13.96 -10.60
CA SER A 7 0.81 13.67 -9.38
C SER A 7 -0.21 12.57 -9.72
N ALA A 8 -0.17 11.48 -9.00
CA ALA A 8 -1.13 10.37 -9.27
C ALA A 8 -2.36 10.54 -8.38
N SER A 9 -3.32 11.32 -8.81
CA SER A 9 -4.54 11.52 -7.99
C SER A 9 -5.63 10.53 -8.43
N ASP A 10 -5.47 9.93 -9.58
CA ASP A 10 -6.49 8.96 -10.06
C ASP A 10 -6.28 7.62 -9.35
N LEU A 11 -5.11 7.36 -8.88
CA LEU A 11 -4.85 6.07 -8.18
C LEU A 11 -5.21 6.21 -6.70
N ALA A 12 -5.99 7.20 -6.36
CA ALA A 12 -6.40 7.39 -4.94
C ALA A 12 -7.76 6.74 -4.71
N GLY A 13 -8.21 6.69 -3.48
CA GLY A 13 -9.53 6.08 -3.20
C GLY A 13 -9.51 5.40 -1.83
N GLN A 14 -10.36 4.43 -1.64
CA GLN A 14 -10.39 3.69 -0.34
C GLN A 14 -10.00 2.25 -0.61
N TRP A 15 -9.38 1.60 0.33
CA TRP A 15 -8.98 0.18 0.11
C TRP A 15 -9.06 -0.57 1.43
N THR A 16 -8.82 -1.85 1.41
CA THR A 16 -8.87 -2.65 2.67
C THR A 16 -7.84 -3.78 2.59
N LEU A 17 -7.56 -4.40 3.70
CA LEU A 17 -6.58 -5.53 3.71
C LEU A 17 -7.29 -6.80 4.15
N GLN A 18 -6.87 -7.93 3.65
CA GLN A 18 -7.52 -9.21 4.05
C GLN A 18 -6.45 -10.28 4.24
N GLN A 19 -6.35 -10.82 5.42
CA GLN A 19 -5.34 -11.88 5.68
C GLN A 19 -6.00 -13.25 5.55
N ASP A 20 -5.40 -14.14 4.82
CA ASP A 20 -5.97 -15.50 4.63
C ASP A 20 -7.48 -15.40 4.43
N GLU A 21 -8.24 -16.05 5.26
CA GLU A 21 -9.71 -15.98 5.14
C GLU A 21 -10.32 -15.93 6.55
N ALA A 22 -9.70 -15.19 7.44
CA ALA A 22 -10.22 -15.10 8.83
C ALA A 22 -10.42 -13.62 9.20
N PRO A 23 -10.97 -13.35 10.37
CA PRO A 23 -11.22 -11.95 10.84
C PRO A 23 -9.93 -11.10 10.85
N ALA A 24 -9.82 -10.20 11.79
CA ALA A 24 -8.61 -9.34 11.87
C ALA A 24 -8.40 -8.61 10.53
N ILE A 25 -9.19 -7.59 10.29
CA ILE A 25 -9.07 -6.82 9.02
C ILE A 25 -8.56 -5.41 9.33
N CYS A 26 -8.08 -4.71 8.35
CA CYS A 26 -7.58 -3.32 8.59
C CYS A 26 -7.94 -2.42 7.41
N HIS A 27 -8.68 -1.38 7.66
CA HIS A 27 -9.05 -0.45 6.55
C HIS A 27 -7.80 0.34 6.16
N LEU A 28 -7.60 0.57 4.90
CA LEU A 28 -6.41 1.33 4.44
C LEU A 28 -6.86 2.50 3.57
N GLU A 29 -6.04 3.52 3.42
CA GLU A 29 -6.44 4.69 2.60
C GLU A 29 -5.25 5.21 1.80
N LEU A 30 -5.35 5.17 0.51
CA LEU A 30 -4.24 5.66 -0.34
C LEU A 30 -4.39 7.17 -0.55
N ARG A 31 -3.64 7.96 0.18
CA ARG A 31 -3.78 9.44 0.02
C ARG A 31 -3.14 9.88 -1.29
N ASP A 32 -3.40 11.10 -1.70
CA ASP A 32 -2.82 11.61 -2.98
C ASP A 32 -1.75 12.66 -2.68
N SER A 33 -1.39 12.79 -1.43
CA SER A 33 -0.34 13.80 -1.07
C SER A 33 1.03 13.25 -1.48
N GLU A 34 1.81 14.03 -2.19
CA GLU A 34 3.15 13.55 -2.60
C GLU A 34 4.06 13.46 -1.38
N VAL A 35 5.03 12.58 -1.42
CA VAL A 35 5.96 12.43 -0.26
C VAL A 35 7.39 12.28 -0.77
N ALA A 36 8.20 13.31 -0.64
CA ALA A 36 9.60 13.22 -1.12
C ALA A 36 10.44 12.42 -0.11
N GLU A 37 10.11 12.50 1.15
CA GLU A 37 10.89 11.74 2.17
C GLU A 37 10.98 10.27 1.74
N ALA A 38 9.97 9.78 1.08
CA ALA A 38 9.98 8.36 0.62
C ALA A 38 9.82 8.31 -0.89
N SER A 39 9.69 9.44 -1.52
CA SER A 39 9.53 9.46 -3.00
C SER A 39 8.25 8.72 -3.39
N GLY A 40 7.18 8.94 -2.68
CA GLY A 40 5.91 8.26 -3.01
C GLY A 40 4.73 9.09 -2.51
N TYR A 41 3.62 8.45 -2.25
CA TYR A 41 2.41 9.19 -1.75
C TYR A 41 2.12 8.76 -0.31
N ASP A 42 1.49 9.62 0.45
CA ASP A 42 1.19 9.28 1.87
C ASP A 42 0.30 8.04 1.98
N LEU A 43 0.30 7.43 3.15
CA LEU A 43 -0.54 6.21 3.38
C LEU A 43 -1.34 6.40 4.67
N GLY A 44 -2.49 7.02 4.59
CA GLY A 44 -3.32 7.23 5.82
C GLY A 44 -4.21 6.01 6.04
N GLY A 45 -4.58 5.74 7.27
CA GLY A 45 -5.46 4.58 7.55
C GLY A 45 -5.01 3.88 8.83
N ASP A 46 -5.57 2.74 9.12
CA ASP A 46 -5.18 1.98 10.35
C ASP A 46 -3.75 1.45 10.22
N THR A 47 -2.95 2.06 9.38
CA THR A 47 -1.54 1.60 9.18
C THR A 47 -0.94 1.14 10.51
N ALA A 48 -1.45 1.63 11.60
CA ALA A 48 -0.90 1.21 12.93
C ALA A 48 -1.30 -0.24 13.22
N CYS A 49 -1.75 -0.95 12.20
CA CYS A 49 -2.16 -2.38 12.40
C CYS A 49 -1.26 -3.27 11.55
N LEU A 50 -0.74 -2.74 10.49
CA LEU A 50 0.14 -3.55 9.59
C LEU A 50 1.38 -4.02 10.35
N THR A 51 1.50 -3.64 11.59
CA THR A 51 2.70 -4.06 12.39
C THR A 51 2.67 -5.58 12.57
N ARG A 52 1.73 -6.24 11.95
CA ARG A 52 1.64 -7.74 12.09
C ARG A 52 2.02 -8.39 10.75
N TRP A 53 1.90 -7.67 9.66
CA TRP A 53 2.25 -8.23 8.32
C TRP A 53 3.52 -7.54 7.82
N LEU A 54 3.72 -6.32 8.24
CA LEU A 54 4.93 -5.57 7.81
C LEU A 54 5.92 -5.51 8.99
N PRO A 55 7.20 -5.40 8.73
CA PRO A 55 8.22 -5.35 9.82
C PRO A 55 8.25 -3.98 10.52
N SER A 56 7.66 -3.00 9.90
CA SER A 56 7.65 -1.64 10.51
C SER A 56 6.36 -0.92 10.09
N GLU A 57 5.92 0.04 10.84
CA GLU A 57 4.68 0.76 10.47
C GLU A 57 4.97 1.62 9.22
N PRO A 58 4.19 1.50 8.16
CA PRO A 58 4.44 2.30 6.93
C PRO A 58 4.06 3.78 7.08
N ARG A 59 4.19 4.52 6.04
CA ARG A 59 3.84 5.97 6.08
C ARG A 59 3.68 6.48 4.65
N ALA A 60 4.15 5.73 3.68
CA ALA A 60 4.02 6.18 2.27
C ALA A 60 3.96 4.95 1.36
N TRP A 61 3.54 5.11 0.14
CA TRP A 61 3.47 3.98 -0.81
C TRP A 61 3.87 4.49 -2.19
N ARG A 62 4.43 3.64 -3.01
CA ARG A 62 4.88 4.09 -4.37
C ARG A 62 4.37 3.12 -5.45
N PRO A 63 3.38 3.48 -6.22
CA PRO A 63 2.87 2.60 -7.30
C PRO A 63 3.93 2.32 -8.37
N THR A 64 4.26 1.08 -8.59
CA THR A 64 5.30 0.75 -9.62
C THR A 64 4.60 0.29 -10.91
N PRO A 65 5.26 0.37 -12.03
CA PRO A 65 4.67 -0.04 -13.33
C PRO A 65 4.48 -1.57 -13.41
N ALA A 66 3.75 -2.12 -12.48
CA ALA A 66 3.52 -3.59 -12.50
C ALA A 66 2.93 -4.04 -11.15
N GLY A 67 3.08 -3.22 -10.14
CA GLY A 67 2.54 -3.59 -8.80
C GLY A 67 2.68 -2.41 -7.85
N ILE A 68 2.27 -2.57 -6.61
CA ILE A 68 2.38 -1.45 -5.63
C ILE A 68 3.42 -1.78 -4.58
N ALA A 69 4.05 -0.78 -4.00
CA ALA A 69 5.09 -1.02 -2.96
C ALA A 69 4.83 -0.13 -1.75
N LEU A 70 5.19 -0.59 -0.58
CA LEU A 70 4.97 0.23 0.66
C LEU A 70 6.34 0.65 1.22
N LEU A 71 6.47 1.89 1.61
CA LEU A 71 7.78 2.37 2.16
C LEU A 71 7.66 2.59 3.67
N GLU A 72 8.78 2.78 4.34
CA GLU A 72 8.76 2.99 5.81
C GLU A 72 9.10 4.45 6.13
N ARG A 73 9.06 5.33 5.15
CA ARG A 73 9.38 6.77 5.39
C ARG A 73 10.91 6.97 5.31
N GLY A 74 11.56 6.21 4.48
CA GLY A 74 13.04 6.35 4.35
C GLY A 74 13.49 5.81 2.99
N GLY A 75 12.62 5.11 2.31
CA GLY A 75 12.98 4.55 0.97
C GLY A 75 13.18 3.04 1.09
N LEU A 76 12.95 2.49 2.25
CA LEU A 76 13.12 1.02 2.42
C LEU A 76 11.81 0.30 2.07
N THR A 77 11.70 -0.21 0.87
CA THR A 77 10.46 -0.92 0.48
C THR A 77 10.17 -2.05 1.47
N LEU A 78 9.00 -2.05 2.03
CA LEU A 78 8.65 -3.12 3.02
C LEU A 78 7.97 -4.29 2.31
N MET A 79 7.04 -4.01 1.43
CA MET A 79 6.32 -5.11 0.74
C MET A 79 5.97 -4.71 -0.70
N LEU A 80 6.21 -5.59 -1.64
CA LEU A 80 5.88 -5.29 -3.06
C LEU A 80 4.55 -5.96 -3.41
N LEU A 81 3.48 -5.25 -3.30
CA LEU A 81 2.15 -5.83 -3.64
C LEU A 81 2.06 -5.96 -5.16
N GLY A 82 1.96 -7.16 -5.68
CA GLY A 82 1.89 -7.34 -7.15
C GLY A 82 0.44 -7.49 -7.61
N ARG A 83 0.10 -6.85 -8.70
CA ARG A 83 -1.30 -6.96 -9.23
C ARG A 83 -1.48 -8.36 -9.83
N GLN A 84 -2.49 -9.08 -9.42
CA GLN A 84 -2.72 -10.45 -9.96
C GLN A 84 -4.02 -10.51 -10.76
N GLY A 85 -5.01 -9.76 -10.36
CA GLY A 85 -6.32 -9.79 -11.08
C GLY A 85 -6.92 -8.39 -11.16
N GLU A 86 -6.10 -7.39 -11.43
CA GLU A 86 -6.63 -6.00 -11.55
C GLU A 86 -7.32 -5.59 -10.24
N GLY A 87 -6.82 -4.57 -9.59
CA GLY A 87 -7.46 -4.11 -8.33
C GLY A 87 -7.22 -5.13 -7.22
N ASP A 88 -6.83 -6.33 -7.57
CA ASP A 88 -6.57 -7.37 -6.54
C ASP A 88 -5.08 -7.67 -6.48
N TYR A 89 -4.39 -7.12 -5.51
CA TYR A 89 -2.92 -7.37 -5.39
C TYR A 89 -2.70 -8.43 -4.34
N ARG A 90 -1.74 -9.29 -4.55
CA ARG A 90 -1.47 -10.37 -3.56
C ARG A 90 0.04 -10.51 -3.39
N VAL A 91 0.48 -10.92 -2.23
CA VAL A 91 1.95 -11.08 -1.99
C VAL A 91 2.21 -12.37 -1.22
N GLN A 92 3.06 -13.22 -1.73
CA GLN A 92 3.36 -14.49 -1.03
C GLN A 92 3.87 -14.18 0.38
N LYS A 93 3.11 -14.50 1.39
CA LYS A 93 3.56 -14.23 2.78
C LYS A 93 4.58 -15.28 3.21
N GLY A 94 4.15 -16.49 3.43
CA GLY A 94 5.10 -17.56 3.85
C GLY A 94 4.38 -18.59 4.70
N ASP A 95 3.93 -18.20 5.87
CA ASP A 95 3.21 -19.17 6.76
C ASP A 95 1.95 -19.68 6.06
N GLY A 96 1.72 -19.24 4.85
CA GLY A 96 0.50 -19.70 4.11
C GLY A 96 -0.56 -18.59 4.16
N GLY A 97 -0.24 -17.49 4.77
CA GLY A 97 -1.22 -16.38 4.87
C GLY A 97 -1.66 -15.95 3.45
N GLN A 98 -2.14 -14.75 3.31
CA GLN A 98 -2.57 -14.25 1.97
C GLN A 98 -3.11 -12.83 2.11
N LEU A 99 -2.28 -11.86 1.89
CA LEU A 99 -2.76 -10.45 2.00
C LEU A 99 -3.45 -10.08 0.69
N VAL A 100 -4.56 -9.41 0.77
CA VAL A 100 -5.30 -9.02 -0.46
C VAL A 100 -5.75 -7.55 -0.38
N LEU A 101 -5.10 -6.67 -1.10
CA LEU A 101 -5.50 -5.23 -1.06
C LEU A 101 -6.45 -4.95 -2.21
N ARG A 102 -7.68 -4.57 -1.94
CA ARG A 102 -8.64 -4.29 -3.05
C ARG A 102 -9.50 -3.09 -2.68
N ARG A 103 -9.74 -2.22 -3.63
CA ARG A 103 -10.57 -1.00 -3.37
C ARG A 103 -11.75 -1.36 -2.47
N ALA A 104 -11.93 -0.62 -1.39
CA ALA A 104 -13.06 -0.91 -0.47
C ALA A 104 -14.38 -0.88 -1.25
N THR A 105 -15.28 -1.76 -0.94
CA THR A 105 -16.58 -1.77 -1.68
C THR A 105 -17.47 -0.61 -1.19
N PRO A 106 -17.52 -0.38 0.10
CA PRO A 106 -18.36 0.72 0.68
C PRO A 106 -17.95 2.09 0.14
N SER A 1 15.67 18.43 -13.35
CA SER A 1 15.26 19.83 -13.60
C SER A 1 13.82 19.86 -14.14
N SER A 2 13.36 18.75 -14.65
CA SER A 2 11.98 18.71 -15.20
C SER A 2 11.42 17.29 -15.05
N LEU A 3 11.58 16.70 -13.90
CA LEU A 3 11.05 15.32 -13.70
C LEU A 3 9.62 15.38 -13.16
N ILE A 4 8.93 14.28 -13.14
CA ILE A 4 7.53 14.29 -12.62
C ILE A 4 7.54 14.11 -11.10
N LEU A 5 6.43 14.36 -10.46
CA LEU A 5 6.39 14.21 -8.98
C LEU A 5 4.93 14.03 -8.52
N LEU A 6 4.02 13.92 -9.45
CA LEU A 6 2.59 13.73 -9.08
C LEU A 6 1.83 13.10 -10.24
N SER A 7 1.66 11.81 -10.21
CA SER A 7 0.93 11.11 -11.32
C SER A 7 -0.08 10.13 -10.72
N ALA A 8 -0.01 9.89 -9.44
CA ALA A 8 -0.97 8.93 -8.81
C ALA A 8 -2.19 9.70 -8.32
N SER A 9 -3.33 9.44 -8.90
CA SER A 9 -4.57 10.16 -8.46
C SER A 9 -5.77 9.20 -8.55
N ASP A 10 -5.97 8.60 -9.69
CA ASP A 10 -7.12 7.66 -9.85
C ASP A 10 -6.95 6.47 -8.89
N LEU A 11 -5.78 6.30 -8.36
CA LEU A 11 -5.54 5.17 -7.42
C LEU A 11 -6.02 5.55 -6.02
N ALA A 12 -5.79 6.77 -5.62
CA ALA A 12 -6.23 7.22 -4.26
C ALA A 12 -7.65 6.73 -4.00
N GLY A 13 -8.07 6.78 -2.75
CA GLY A 13 -9.44 6.32 -2.40
C GLY A 13 -9.39 5.55 -1.08
N GLN A 14 -10.23 4.57 -0.92
CA GLN A 14 -10.23 3.76 0.33
C GLN A 14 -9.92 2.31 -0.04
N TRP A 15 -9.20 1.61 0.79
CA TRP A 15 -8.86 0.20 0.46
C TRP A 15 -8.82 -0.63 1.74
N THR A 16 -8.68 -1.92 1.62
CA THR A 16 -8.62 -2.79 2.83
C THR A 16 -7.60 -3.90 2.61
N LEU A 17 -7.14 -4.53 3.66
CA LEU A 17 -6.14 -5.63 3.52
C LEU A 17 -6.77 -6.93 4.05
N GLN A 18 -6.32 -8.06 3.58
CA GLN A 18 -6.89 -9.35 4.07
C GLN A 18 -5.79 -10.42 4.03
N GLN A 19 -5.55 -11.08 5.13
CA GLN A 19 -4.48 -12.12 5.14
C GLN A 19 -4.97 -13.36 4.40
N ASP A 20 -6.25 -13.56 4.33
CA ASP A 20 -6.79 -14.75 3.61
C ASP A 20 -8.31 -14.68 3.58
N GLU A 21 -8.97 -15.46 4.40
CA GLU A 21 -10.46 -15.45 4.43
C GLU A 21 -10.93 -15.51 5.88
N ALA A 22 -10.16 -14.97 6.79
CA ALA A 22 -10.55 -15.00 8.23
C ALA A 22 -10.57 -13.56 8.76
N PRO A 23 -10.89 -13.36 10.03
CA PRO A 23 -10.96 -12.00 10.63
C PRO A 23 -9.61 -11.27 10.54
N ALA A 24 -9.30 -10.44 11.51
CA ALA A 24 -8.01 -9.69 11.47
C ALA A 24 -7.92 -8.86 10.19
N ILE A 25 -8.82 -7.91 10.04
CA ILE A 25 -8.81 -7.05 8.82
C ILE A 25 -8.18 -5.69 9.17
N CYS A 26 -7.83 -4.91 8.19
CA CYS A 26 -7.21 -3.58 8.48
C CYS A 26 -7.65 -2.56 7.43
N HIS A 27 -8.40 -1.56 7.83
CA HIS A 27 -8.82 -0.51 6.87
C HIS A 27 -7.58 0.26 6.44
N LEU A 28 -7.44 0.52 5.17
CA LEU A 28 -6.24 1.27 4.67
C LEU A 28 -6.69 2.51 3.92
N GLU A 29 -5.82 3.45 3.70
CA GLU A 29 -6.23 4.69 2.97
C GLU A 29 -5.04 5.24 2.19
N LEU A 30 -5.19 5.36 0.90
CA LEU A 30 -4.09 5.90 0.06
C LEU A 30 -4.25 7.42 -0.08
N ARG A 31 -3.52 8.17 0.69
CA ARG A 31 -3.64 9.66 0.61
C ARG A 31 -3.40 10.12 -0.84
N ASP A 32 -3.73 11.35 -1.13
CA ASP A 32 -3.53 11.89 -2.51
C ASP A 32 -2.46 12.98 -2.48
N SER A 33 -1.85 13.19 -1.34
CA SER A 33 -0.80 14.25 -1.25
C SER A 33 0.54 13.69 -1.71
N GLU A 34 1.38 14.51 -2.27
CA GLU A 34 2.70 14.03 -2.76
C GLU A 34 3.73 14.11 -1.62
N VAL A 35 4.75 13.30 -1.66
CA VAL A 35 5.78 13.32 -0.59
C VAL A 35 7.16 13.08 -1.20
N ALA A 36 8.05 14.03 -1.08
CA ALA A 36 9.41 13.86 -1.66
C ALA A 36 10.29 13.06 -0.68
N GLU A 37 10.05 13.20 0.59
CA GLU A 37 10.88 12.45 1.58
C GLU A 37 10.91 10.97 1.20
N ALA A 38 9.86 10.49 0.58
CA ALA A 38 9.82 9.06 0.18
C ALA A 38 9.58 8.95 -1.33
N SER A 39 9.42 10.06 -2.00
CA SER A 39 9.20 10.02 -3.46
C SER A 39 7.90 9.26 -3.77
N GLY A 40 6.87 9.54 -3.03
CA GLY A 40 5.57 8.84 -3.26
C GLY A 40 4.44 9.64 -2.62
N TYR A 41 3.42 8.98 -2.14
CA TYR A 41 2.28 9.71 -1.50
C TYR A 41 2.11 9.19 -0.07
N ASP A 42 1.60 10.01 0.79
CA ASP A 42 1.42 9.60 2.21
C ASP A 42 0.46 8.41 2.33
N LEU A 43 0.54 7.73 3.44
CA LEU A 43 -0.38 6.57 3.71
C LEU A 43 -1.10 6.82 5.04
N GLY A 44 -2.38 6.59 5.06
CA GLY A 44 -3.16 6.78 6.33
C GLY A 44 -3.92 5.49 6.63
N GLY A 45 -5.02 5.58 7.32
CA GLY A 45 -5.81 4.36 7.62
C GLY A 45 -5.41 3.81 8.99
N ASP A 46 -5.48 2.51 9.16
CA ASP A 46 -5.10 1.89 10.45
C ASP A 46 -3.69 1.32 10.34
N THR A 47 -2.87 1.91 9.52
CA THR A 47 -1.47 1.43 9.32
C THR A 47 -0.88 0.99 10.67
N ALA A 48 -1.37 1.53 11.75
CA ALA A 48 -0.83 1.15 13.09
C ALA A 48 -1.19 -0.31 13.39
N CYS A 49 -1.69 -1.04 12.41
CA CYS A 49 -2.05 -2.46 12.64
C CYS A 49 -1.19 -3.36 11.74
N LEU A 50 -0.63 -2.80 10.71
CA LEU A 50 0.22 -3.61 9.79
C LEU A 50 1.48 -4.07 10.53
N THR A 51 1.65 -3.67 11.76
CA THR A 51 2.85 -4.09 12.52
C THR A 51 2.83 -5.62 12.71
N ARG A 52 1.90 -6.28 12.08
CA ARG A 52 1.80 -7.77 12.20
C ARG A 52 2.28 -8.40 10.89
N TRP A 53 2.29 -7.63 9.82
CA TRP A 53 2.74 -8.17 8.50
C TRP A 53 3.97 -7.39 8.04
N LEU A 54 3.98 -6.11 8.28
CA LEU A 54 5.14 -5.28 7.85
C LEU A 54 6.11 -5.13 9.02
N PRO A 55 7.38 -4.86 8.78
CA PRO A 55 8.37 -4.71 9.88
C PRO A 55 8.28 -3.32 10.53
N SER A 56 7.57 -2.41 9.93
CA SER A 56 7.45 -1.05 10.52
C SER A 56 6.15 -0.41 10.01
N GLU A 57 5.67 0.59 10.69
CA GLU A 57 4.40 1.25 10.24
C GLU A 57 4.67 2.09 8.98
N PRO A 58 4.03 1.80 7.86
CA PRO A 58 4.25 2.56 6.60
C PRO A 58 3.58 3.93 6.62
N ARG A 59 4.35 4.96 6.44
CA ARG A 59 3.79 6.34 6.43
C ARG A 59 3.80 6.88 5.01
N ALA A 60 4.36 6.15 4.06
CA ALA A 60 4.39 6.64 2.65
C ALA A 60 3.72 5.63 1.73
N TRP A 61 3.79 5.87 0.45
CA TRP A 61 3.13 4.96 -0.54
C TRP A 61 3.61 5.37 -1.92
N ARG A 62 4.12 4.47 -2.71
CA ARG A 62 4.63 4.87 -4.07
C ARG A 62 4.29 3.82 -5.14
N PRO A 63 3.40 4.13 -6.08
CA PRO A 63 3.04 3.18 -7.17
C PRO A 63 4.27 2.77 -7.97
N THR A 64 4.43 1.51 -8.28
CA THR A 64 5.60 1.06 -9.07
C THR A 64 5.14 0.70 -10.49
N PRO A 65 6.03 0.73 -11.45
CA PRO A 65 5.68 0.41 -12.86
C PRO A 65 5.17 -1.03 -13.03
N ALA A 66 4.42 -1.52 -12.07
CA ALA A 66 3.90 -2.92 -12.19
C ALA A 66 3.03 -3.26 -10.99
N GLY A 67 3.03 -2.45 -9.96
CA GLY A 67 2.20 -2.76 -8.77
C GLY A 67 2.18 -1.58 -7.80
N ILE A 68 2.25 -1.86 -6.52
CA ILE A 68 2.24 -0.76 -5.51
C ILE A 68 3.30 -1.05 -4.46
N ALA A 69 3.99 -0.04 -3.99
CA ALA A 69 5.03 -0.24 -2.95
C ALA A 69 4.68 0.61 -1.73
N LEU A 70 4.90 0.10 -0.56
CA LEU A 70 4.60 0.86 0.69
C LEU A 70 5.93 1.28 1.32
N LEU A 71 6.05 2.51 1.76
CA LEU A 71 7.34 2.95 2.37
C LEU A 71 7.12 3.41 3.80
N GLU A 72 8.17 3.80 4.50
CA GLU A 72 8.03 4.26 5.92
C GLU A 72 8.55 5.70 6.06
N ARG A 73 8.59 6.46 4.99
CA ARG A 73 9.08 7.87 5.07
C ARG A 73 10.60 7.90 5.08
N GLY A 74 11.23 7.01 4.35
CA GLY A 74 12.72 7.00 4.32
C GLY A 74 13.18 6.36 3.02
N GLY A 75 12.28 5.80 2.26
CA GLY A 75 12.67 5.16 0.97
C GLY A 75 12.86 3.66 1.18
N LEU A 76 12.71 3.20 2.39
CA LEU A 76 12.88 1.75 2.66
C LEU A 76 11.59 1.02 2.27
N THR A 77 11.55 0.42 1.11
CA THR A 77 10.32 -0.30 0.69
C THR A 77 9.99 -1.40 1.69
N LEU A 78 8.84 -1.35 2.28
CA LEU A 78 8.45 -2.39 3.26
C LEU A 78 7.82 -3.58 2.53
N MET A 79 7.03 -3.32 1.52
CA MET A 79 6.40 -4.44 0.78
C MET A 79 6.04 -4.01 -0.64
N LEU A 80 6.21 -4.89 -1.59
CA LEU A 80 5.88 -4.56 -3.00
C LEU A 80 4.61 -5.32 -3.40
N LEU A 81 3.50 -4.63 -3.46
CA LEU A 81 2.22 -5.31 -3.85
C LEU A 81 2.17 -5.41 -5.38
N GLY A 82 2.02 -6.60 -5.90
CA GLY A 82 1.97 -6.76 -7.38
C GLY A 82 0.52 -6.89 -7.86
N ARG A 83 0.20 -6.27 -8.96
CA ARG A 83 -1.19 -6.35 -9.49
C ARG A 83 -1.45 -7.76 -10.03
N GLN A 84 -2.44 -8.44 -9.52
CA GLN A 84 -2.74 -9.83 -10.00
C GLN A 84 -3.98 -9.82 -10.89
N GLY A 85 -4.90 -8.93 -10.66
CA GLY A 85 -6.14 -8.89 -11.51
C GLY A 85 -6.71 -7.47 -11.55
N GLU A 86 -5.92 -6.51 -11.94
CA GLU A 86 -6.42 -5.10 -12.03
C GLU A 86 -7.27 -4.75 -10.80
N GLY A 87 -6.67 -4.12 -9.82
CA GLY A 87 -7.44 -3.74 -8.60
C GLY A 87 -7.16 -4.75 -7.48
N ASP A 88 -6.86 -5.96 -7.84
CA ASP A 88 -6.57 -7.01 -6.81
C ASP A 88 -5.06 -7.27 -6.79
N TYR A 89 -4.38 -6.78 -5.79
CA TYR A 89 -2.91 -7.00 -5.69
C TYR A 89 -2.64 -8.04 -4.61
N ARG A 90 -1.72 -8.93 -4.84
CA ARG A 90 -1.41 -9.98 -3.82
C ARG A 90 0.10 -10.12 -3.69
N VAL A 91 0.55 -10.48 -2.52
CA VAL A 91 2.02 -10.65 -2.30
C VAL A 91 2.27 -11.86 -1.40
N GLN A 92 3.28 -12.63 -1.69
CA GLN A 92 3.56 -13.83 -0.84
C GLN A 92 4.29 -13.41 0.43
N LYS A 93 3.67 -13.57 1.56
CA LYS A 93 4.33 -13.18 2.84
C LYS A 93 5.24 -14.31 3.32
N GLY A 94 5.05 -15.49 2.80
CA GLY A 94 5.91 -16.64 3.22
C GLY A 94 5.07 -17.92 3.22
N ASP A 95 3.81 -17.80 3.50
CA ASP A 95 2.93 -19.01 3.51
C ASP A 95 1.49 -18.60 3.19
N GLY A 96 0.54 -19.13 3.89
CA GLY A 96 -0.88 -18.77 3.62
C GLY A 96 -1.09 -17.28 3.86
N GLY A 97 -0.18 -16.64 4.54
CA GLY A 97 -0.32 -15.18 4.81
C GLY A 97 -0.40 -14.43 3.49
N GLN A 98 -1.58 -14.33 2.93
CA GLN A 98 -1.75 -13.61 1.64
C GLN A 98 -2.40 -12.27 1.88
N LEU A 99 -1.73 -11.21 1.54
CA LEU A 99 -2.29 -9.86 1.72
C LEU A 99 -3.02 -9.45 0.45
N VAL A 100 -4.28 -9.14 0.55
CA VAL A 100 -5.06 -8.74 -0.65
C VAL A 100 -5.54 -7.29 -0.52
N LEU A 101 -4.99 -6.40 -1.30
CA LEU A 101 -5.43 -4.97 -1.23
C LEU A 101 -6.49 -4.74 -2.31
N ARG A 102 -7.67 -4.34 -1.93
CA ARG A 102 -8.73 -4.10 -2.96
C ARG A 102 -9.65 -2.98 -2.49
N ARG A 103 -9.99 -2.07 -3.37
CA ARG A 103 -10.89 -0.94 -3.00
C ARG A 103 -12.04 -1.47 -2.14
N ALA A 104 -12.21 -0.95 -0.96
CA ALA A 104 -13.32 -1.45 -0.10
C ALA A 104 -14.62 -1.47 -0.90
N THR A 105 -14.68 -0.66 -1.91
CA THR A 105 -15.91 -0.61 -2.75
C THR A 105 -16.01 -1.91 -3.56
N PRO A 106 -17.21 -2.26 -4.00
CA PRO A 106 -17.43 -3.49 -4.80
C PRO A 106 -16.82 -3.40 -6.21
N SER A 1 16.29 14.57 -11.96
CA SER A 1 16.18 14.85 -13.42
C SER A 1 14.91 15.66 -13.67
N SER A 2 14.62 15.96 -14.91
CA SER A 2 13.39 16.74 -15.23
C SER A 2 12.21 15.79 -15.41
N LEU A 3 11.20 16.21 -16.13
CA LEU A 3 10.01 15.33 -16.34
C LEU A 3 9.31 15.08 -15.00
N ILE A 4 9.94 14.36 -14.12
CA ILE A 4 9.31 14.08 -12.79
C ILE A 4 7.88 13.60 -13.00
N LEU A 5 7.68 12.31 -13.04
CA LEU A 5 6.29 11.78 -13.24
C LEU A 5 5.41 12.23 -12.08
N LEU A 6 5.22 11.38 -11.10
CA LEU A 6 4.36 11.77 -9.94
C LEU A 6 2.94 12.06 -10.43
N SER A 7 2.51 11.35 -11.45
CA SER A 7 1.13 11.59 -11.97
C SER A 7 0.16 10.61 -11.30
N ALA A 8 0.41 10.24 -10.08
CA ALA A 8 -0.49 9.29 -9.38
C ALA A 8 -1.54 10.07 -8.58
N SER A 9 -2.78 10.02 -8.99
CA SER A 9 -3.85 10.76 -8.26
C SER A 9 -5.13 9.94 -8.28
N ASP A 10 -5.55 9.50 -9.43
CA ASP A 10 -6.81 8.70 -9.51
C ASP A 10 -6.67 7.44 -8.66
N LEU A 11 -5.52 7.23 -8.07
CA LEU A 11 -5.33 6.02 -7.23
C LEU A 11 -5.81 6.30 -5.82
N ALA A 12 -6.47 7.41 -5.62
CA ALA A 12 -6.98 7.74 -4.25
C ALA A 12 -8.28 6.98 -4.00
N GLY A 13 -8.72 6.96 -2.76
CA GLY A 13 -10.00 6.24 -2.45
C GLY A 13 -9.85 5.52 -1.11
N GLN A 14 -10.64 4.50 -0.88
CA GLN A 14 -10.56 3.74 0.39
C GLN A 14 -10.21 2.29 0.04
N TRP A 15 -9.45 1.63 0.86
CA TRP A 15 -9.08 0.22 0.55
C TRP A 15 -9.01 -0.58 1.85
N THR A 16 -8.87 -1.88 1.73
CA THR A 16 -8.79 -2.72 2.95
C THR A 16 -7.76 -3.83 2.72
N LEU A 17 -7.27 -4.44 3.77
CA LEU A 17 -6.27 -5.54 3.63
C LEU A 17 -6.94 -6.84 4.07
N GLN A 18 -6.52 -7.95 3.52
CA GLN A 18 -7.14 -9.25 3.91
C GLN A 18 -6.06 -10.34 3.96
N GLN A 19 -5.82 -10.88 5.12
CA GLN A 19 -4.79 -11.96 5.24
C GLN A 19 -5.49 -13.31 5.11
N ASP A 20 -5.13 -14.09 4.13
CA ASP A 20 -5.77 -15.43 3.96
C ASP A 20 -7.29 -15.33 4.12
N GLU A 21 -7.96 -16.46 4.04
CA GLU A 21 -9.44 -16.45 4.18
C GLU A 21 -9.81 -16.45 5.66
N ALA A 22 -9.06 -15.75 6.48
CA ALA A 22 -9.35 -15.70 7.94
C ALA A 22 -9.51 -14.24 8.38
N PRO A 23 -9.85 -14.01 9.63
CA PRO A 23 -10.03 -12.62 10.17
C PRO A 23 -8.77 -11.77 9.98
N ALA A 24 -8.49 -10.91 10.91
CA ALA A 24 -7.28 -10.05 10.80
C ALA A 24 -7.39 -9.11 9.59
N ILE A 25 -8.30 -8.16 9.66
CA ILE A 25 -8.47 -7.19 8.54
C ILE A 25 -7.96 -5.82 8.98
N CYS A 26 -7.73 -4.92 8.07
CA CYS A 26 -7.24 -3.58 8.47
C CYS A 26 -7.72 -2.52 7.48
N HIS A 27 -8.51 -1.58 7.94
CA HIS A 27 -9.00 -0.50 7.04
C HIS A 27 -7.80 0.35 6.61
N LEU A 28 -7.67 0.60 5.34
CA LEU A 28 -6.51 1.41 4.84
C LEU A 28 -7.05 2.61 4.05
N GLU A 29 -6.31 3.69 4.02
CA GLU A 29 -6.77 4.90 3.27
C GLU A 29 -5.62 5.45 2.43
N LEU A 30 -5.79 5.47 1.13
CA LEU A 30 -4.73 5.99 0.24
C LEU A 30 -4.94 7.49 0.01
N ARG A 31 -4.21 8.32 0.70
CA ARG A 31 -4.38 9.79 0.51
C ARG A 31 -3.83 10.20 -0.85
N ASP A 32 -4.16 11.39 -1.30
CA ASP A 32 -3.66 11.85 -2.63
C ASP A 32 -2.67 13.01 -2.42
N SER A 33 -2.26 13.24 -1.20
CA SER A 33 -1.29 14.34 -0.94
C SER A 33 0.11 13.90 -1.38
N GLU A 34 0.98 14.83 -1.65
CA GLU A 34 2.36 14.45 -2.08
C GLU A 34 3.28 14.39 -0.87
N VAL A 35 4.21 13.47 -0.87
CA VAL A 35 5.15 13.34 0.29
C VAL A 35 6.59 13.22 -0.24
N ALA A 36 7.36 14.27 -0.14
CA ALA A 36 8.76 14.22 -0.64
C ALA A 36 9.63 13.45 0.34
N GLU A 37 9.33 13.50 1.61
CA GLU A 37 10.16 12.76 2.60
C GLU A 37 10.24 11.29 2.20
N ALA A 38 9.17 10.77 1.65
CA ALA A 38 9.16 9.34 1.21
C ALA A 38 8.99 9.27 -0.29
N SER A 39 8.91 10.40 -0.93
CA SER A 39 8.75 10.42 -2.41
C SER A 39 7.51 9.61 -2.78
N GLY A 40 6.40 9.89 -2.15
CA GLY A 40 5.16 9.13 -2.46
C GLY A 40 3.94 9.91 -1.94
N TYR A 41 2.93 9.20 -1.48
CA TYR A 41 1.71 9.87 -0.97
C TYR A 41 1.46 9.44 0.48
N ASP A 42 0.82 10.27 1.25
CA ASP A 42 0.56 9.94 2.68
C ASP A 42 -0.28 8.65 2.80
N LEU A 43 -0.17 8.00 3.94
CA LEU A 43 -0.94 6.75 4.18
C LEU A 43 -1.75 6.86 5.48
N GLY A 44 -2.93 7.40 5.40
CA GLY A 44 -3.75 7.53 6.65
C GLY A 44 -4.44 6.19 6.95
N GLY A 45 -5.43 6.21 7.79
CA GLY A 45 -6.15 4.95 8.13
C GLY A 45 -5.50 4.32 9.37
N ASP A 46 -5.48 3.01 9.42
CA ASP A 46 -4.88 2.31 10.58
C ASP A 46 -3.56 1.68 10.14
N THR A 47 -2.48 2.37 10.33
CA THR A 47 -1.15 1.82 9.95
C THR A 47 -0.59 1.13 11.20
N ALA A 48 -1.21 1.41 12.32
CA ALA A 48 -0.74 0.80 13.59
C ALA A 48 -1.25 -0.64 13.72
N CYS A 49 -1.57 -1.25 12.60
CA CYS A 49 -2.07 -2.65 12.62
C CYS A 49 -1.39 -3.45 11.51
N LEU A 50 -0.31 -2.92 10.98
CA LEU A 50 0.41 -3.64 9.89
C LEU A 50 1.75 -4.17 10.43
N THR A 51 2.06 -3.86 11.66
CA THR A 51 3.34 -4.35 12.25
C THR A 51 3.30 -5.89 12.30
N ARG A 52 2.23 -6.47 11.83
CA ARG A 52 2.12 -7.95 11.84
C ARG A 52 2.52 -8.48 10.46
N TRP A 53 2.46 -7.65 9.46
CA TRP A 53 2.84 -8.08 8.07
C TRP A 53 4.06 -7.30 7.62
N LEU A 54 4.16 -6.05 8.02
CA LEU A 54 5.33 -5.21 7.63
C LEU A 54 6.27 -5.08 8.84
N PRO A 55 7.54 -4.78 8.65
CA PRO A 55 8.49 -4.64 9.78
C PRO A 55 8.41 -3.27 10.44
N SER A 56 7.65 -2.36 9.88
CA SER A 56 7.52 -1.01 10.48
C SER A 56 6.18 -0.40 10.09
N GLU A 57 5.72 0.57 10.83
CA GLU A 57 4.40 1.19 10.51
C GLU A 57 4.57 2.10 9.27
N PRO A 58 3.90 1.82 8.17
CA PRO A 58 4.02 2.66 6.94
C PRO A 58 3.30 3.98 7.04
N ARG A 59 4.01 5.06 6.90
CA ARG A 59 3.39 6.41 6.98
C ARG A 59 3.20 6.95 5.56
N ALA A 60 3.68 6.23 4.58
CA ALA A 60 3.54 6.71 3.18
C ALA A 60 3.64 5.52 2.21
N TRP A 61 3.29 5.73 0.98
CA TRP A 61 3.34 4.63 -0.03
C TRP A 61 3.71 5.25 -1.39
N ARG A 62 4.30 4.47 -2.27
CA ARG A 62 4.71 5.03 -3.60
C ARG A 62 4.27 4.09 -4.74
N PRO A 63 3.25 4.43 -5.49
CA PRO A 63 2.78 3.57 -6.62
C PRO A 63 3.91 3.32 -7.63
N THR A 64 4.25 2.08 -7.87
CA THR A 64 5.32 1.77 -8.84
C THR A 64 4.68 1.35 -10.18
N PRO A 65 5.39 1.47 -11.27
CA PRO A 65 4.86 1.09 -12.61
C PRO A 65 4.66 -0.42 -12.75
N ALA A 66 4.47 -1.11 -11.66
CA ALA A 66 4.27 -2.59 -11.73
C ALA A 66 3.71 -3.08 -10.39
N GLY A 67 3.08 -2.21 -9.65
CA GLY A 67 2.51 -2.63 -8.33
C GLY A 67 2.60 -1.47 -7.34
N ILE A 68 2.07 -1.64 -6.16
CA ILE A 68 2.13 -0.56 -5.14
C ILE A 68 3.24 -0.83 -4.14
N ALA A 69 3.88 0.21 -3.64
CA ALA A 69 4.98 0.00 -2.65
C ALA A 69 4.67 0.77 -1.36
N LEU A 70 5.00 0.21 -0.23
CA LEU A 70 4.73 0.89 1.08
C LEU A 70 6.04 1.41 1.66
N LEU A 71 6.08 2.66 2.06
CA LEU A 71 7.33 3.23 2.64
C LEU A 71 7.14 3.52 4.12
N GLU A 72 8.17 3.93 4.80
CA GLU A 72 8.07 4.22 6.27
C GLU A 72 8.47 5.68 6.54
N ARG A 73 8.34 6.54 5.56
CA ARG A 73 8.70 7.97 5.76
C ARG A 73 10.22 8.12 5.71
N GLY A 74 10.90 7.29 4.96
CA GLY A 74 12.38 7.40 4.88
C GLY A 74 12.86 6.89 3.51
N GLY A 75 11.96 6.41 2.70
CA GLY A 75 12.36 5.91 1.36
C GLY A 75 12.59 4.39 1.42
N LEU A 76 12.56 3.83 2.60
CA LEU A 76 12.79 2.36 2.73
C LEU A 76 11.50 1.61 2.37
N THR A 77 11.44 1.06 1.18
CA THR A 77 10.22 0.31 0.77
C THR A 77 9.98 -0.85 1.74
N LEU A 78 8.83 -0.90 2.33
CA LEU A 78 8.53 -2.01 3.29
C LEU A 78 8.01 -3.23 2.53
N MET A 79 7.18 -3.02 1.54
CA MET A 79 6.64 -4.19 0.79
C MET A 79 6.18 -3.75 -0.60
N LEU A 80 6.36 -4.60 -1.58
CA LEU A 80 5.94 -4.26 -2.97
C LEU A 80 4.68 -5.05 -3.31
N LEU A 81 3.54 -4.41 -3.29
CA LEU A 81 2.28 -5.13 -3.63
C LEU A 81 2.16 -5.23 -5.15
N GLY A 82 2.19 -6.43 -5.69
CA GLY A 82 2.10 -6.57 -7.17
C GLY A 82 0.63 -6.62 -7.60
N ARG A 83 0.29 -5.90 -8.63
CA ARG A 83 -1.12 -5.90 -9.12
C ARG A 83 -1.44 -7.26 -9.75
N GLN A 84 -2.38 -7.96 -9.19
CA GLN A 84 -2.77 -9.28 -9.74
C GLN A 84 -3.98 -9.08 -10.66
N GLY A 85 -4.75 -8.07 -10.38
CA GLY A 85 -5.95 -7.79 -11.22
C GLY A 85 -6.51 -6.42 -10.85
N GLU A 86 -6.63 -5.54 -11.81
CA GLU A 86 -7.15 -4.15 -11.57
C GLU A 86 -7.98 -4.06 -10.29
N GLY A 87 -7.39 -3.59 -9.23
CA GLY A 87 -8.12 -3.47 -7.93
C GLY A 87 -7.88 -4.71 -7.09
N ASP A 88 -6.85 -5.45 -7.38
CA ASP A 88 -6.55 -6.67 -6.60
C ASP A 88 -5.04 -6.92 -6.62
N TYR A 89 -4.36 -6.49 -5.59
CA TYR A 89 -2.89 -6.68 -5.54
C TYR A 89 -2.55 -7.69 -4.44
N ARG A 90 -1.59 -8.53 -4.68
CA ARG A 90 -1.21 -9.54 -3.64
C ARG A 90 0.30 -9.72 -3.65
N VAL A 91 0.86 -10.16 -2.56
CA VAL A 91 2.34 -10.36 -2.50
C VAL A 91 2.64 -11.68 -1.78
N GLN A 92 3.40 -12.54 -2.40
CA GLN A 92 3.73 -13.85 -1.76
C GLN A 92 4.32 -13.59 -0.37
N LYS A 93 3.58 -13.91 0.67
CA LYS A 93 4.09 -13.70 2.05
C LYS A 93 4.50 -15.06 2.64
N GLY A 94 4.13 -16.12 1.98
CA GLY A 94 4.50 -17.48 2.49
C GLY A 94 3.35 -18.45 2.20
N ASP A 95 3.56 -19.71 2.41
CA ASP A 95 2.48 -20.70 2.14
C ASP A 95 1.31 -20.44 3.08
N GLY A 96 1.40 -19.41 3.89
CA GLY A 96 0.29 -19.11 4.83
C GLY A 96 0.22 -17.60 5.06
N GLY A 97 -0.13 -16.86 4.05
CA GLY A 97 -0.24 -15.38 4.23
C GLY A 97 -0.55 -14.70 2.90
N GLN A 98 -1.78 -14.76 2.48
CA GLN A 98 -2.16 -14.12 1.19
C GLN A 98 -2.80 -12.76 1.46
N LEU A 99 -2.10 -11.71 1.15
CA LEU A 99 -2.65 -10.36 1.38
C LEU A 99 -3.49 -9.96 0.17
N VAL A 100 -4.55 -9.24 0.37
CA VAL A 100 -5.41 -8.84 -0.78
C VAL A 100 -5.88 -7.39 -0.60
N LEU A 101 -5.33 -6.48 -1.33
CA LEU A 101 -5.76 -5.05 -1.21
C LEU A 101 -6.85 -4.78 -2.25
N ARG A 102 -8.02 -4.38 -1.84
CA ARG A 102 -9.10 -4.12 -2.83
C ARG A 102 -9.97 -2.96 -2.33
N ARG A 103 -10.34 -2.08 -3.21
CA ARG A 103 -11.20 -0.92 -2.80
C ARG A 103 -12.31 -1.41 -1.87
N ALA A 104 -12.45 -0.81 -0.72
CA ALA A 104 -13.51 -1.26 0.23
C ALA A 104 -14.82 -1.41 -0.51
N THR A 105 -15.00 -0.65 -1.55
CA THR A 105 -16.26 -0.74 -2.33
C THR A 105 -16.09 -1.74 -3.48
N PRO A 106 -17.16 -2.21 -4.05
CA PRO A 106 -17.14 -3.18 -5.17
C PRO A 106 -16.59 -2.57 -6.47
N SER A 1 6.29 22.62 -21.57
CA SER A 1 5.08 22.47 -20.72
C SER A 1 5.50 22.18 -19.27
N SER A 2 6.74 22.44 -18.95
CA SER A 2 7.22 22.17 -17.56
C SER A 2 7.20 20.66 -17.30
N LEU A 3 7.99 20.20 -16.36
CA LEU A 3 8.02 18.75 -16.06
C LEU A 3 7.02 18.44 -14.94
N ILE A 4 7.38 17.56 -14.04
CA ILE A 4 6.46 17.22 -12.93
C ILE A 4 5.09 16.84 -13.49
N LEU A 5 5.06 16.12 -14.59
CA LEU A 5 3.76 15.73 -15.20
C LEU A 5 3.34 14.36 -14.66
N LEU A 6 3.97 13.91 -13.61
CA LEU A 6 3.61 12.57 -13.04
C LEU A 6 2.49 12.74 -12.02
N SER A 7 1.26 12.59 -12.44
CA SER A 7 0.12 12.74 -11.49
C SER A 7 -0.21 11.38 -10.88
N ALA A 8 0.33 11.09 -9.72
CA ALA A 8 0.05 9.77 -9.07
C ALA A 8 -1.17 9.91 -8.15
N SER A 9 -2.10 10.76 -8.49
CA SER A 9 -3.30 10.95 -7.63
C SER A 9 -4.42 10.02 -8.13
N ASP A 10 -4.25 9.45 -9.28
CA ASP A 10 -5.31 8.54 -9.83
C ASP A 10 -5.35 7.25 -9.00
N LEU A 11 -4.28 6.93 -8.32
CA LEU A 11 -4.26 5.70 -7.50
C LEU A 11 -4.81 6.00 -6.10
N ALA A 12 -4.58 7.19 -5.61
CA ALA A 12 -5.09 7.56 -4.26
C ALA A 12 -6.55 7.11 -4.12
N GLY A 13 -7.07 7.12 -2.93
CA GLY A 13 -8.49 6.70 -2.73
C GLY A 13 -8.61 5.93 -1.41
N GLN A 14 -9.54 5.01 -1.34
CA GLN A 14 -9.71 4.20 -0.10
C GLN A 14 -9.44 2.74 -0.43
N TRP A 15 -8.88 1.99 0.47
CA TRP A 15 -8.59 0.56 0.18
C TRP A 15 -8.72 -0.24 1.46
N THR A 16 -8.58 -1.54 1.36
CA THR A 16 -8.70 -2.39 2.57
C THR A 16 -7.72 -3.57 2.46
N LEU A 17 -7.41 -4.20 3.56
CA LEU A 17 -6.49 -5.37 3.53
C LEU A 17 -7.26 -6.62 3.95
N GLN A 18 -6.79 -7.79 3.60
CA GLN A 18 -7.51 -9.02 3.98
C GLN A 18 -6.56 -10.21 3.97
N GLN A 19 -6.48 -10.92 5.06
CA GLN A 19 -5.58 -12.12 5.11
C GLN A 19 -6.41 -13.37 4.80
N ASP A 20 -5.97 -14.17 3.86
CA ASP A 20 -6.72 -15.41 3.49
C ASP A 20 -8.22 -15.13 3.52
N GLU A 21 -8.93 -15.81 4.38
CA GLU A 21 -10.40 -15.59 4.47
C GLU A 21 -10.82 -15.74 5.93
N ALA A 22 -10.01 -15.26 6.84
CA ALA A 22 -10.36 -15.38 8.29
C ALA A 22 -10.52 -13.97 8.90
N PRO A 23 -11.30 -13.83 9.95
CA PRO A 23 -11.52 -12.51 10.61
C PRO A 23 -10.24 -11.68 10.69
N ALA A 24 -9.97 -10.90 9.67
CA ALA A 24 -8.73 -10.06 9.70
C ALA A 24 -8.75 -9.09 8.52
N ILE A 25 -9.58 -8.08 8.57
CA ILE A 25 -9.65 -7.09 7.46
C ILE A 25 -9.41 -5.69 8.02
N CYS A 26 -8.26 -5.12 7.76
CA CYS A 26 -7.96 -3.76 8.28
C CYS A 26 -8.24 -2.72 7.19
N HIS A 27 -8.85 -1.63 7.55
CA HIS A 27 -9.14 -0.57 6.55
C HIS A 27 -7.86 0.23 6.29
N LEU A 28 -7.60 0.59 5.06
CA LEU A 28 -6.35 1.35 4.75
C LEU A 28 -6.71 2.63 3.98
N GLU A 29 -5.74 3.47 3.74
CA GLU A 29 -6.03 4.75 3.00
C GLU A 29 -4.75 5.28 2.37
N LEU A 30 -4.77 5.47 1.08
CA LEU A 30 -3.57 5.98 0.38
C LEU A 30 -3.66 7.51 0.28
N ARG A 31 -2.91 8.21 1.10
CA ARG A 31 -2.97 9.70 1.06
C ARG A 31 -2.48 10.19 -0.30
N ASP A 32 -2.72 11.44 -0.62
CA ASP A 32 -2.28 12.00 -1.93
C ASP A 32 -1.20 13.05 -1.71
N SER A 33 -0.70 13.16 -0.50
CA SER A 33 0.36 14.17 -0.21
C SER A 33 1.71 13.63 -0.69
N GLU A 34 2.59 14.49 -1.10
CA GLU A 34 3.92 14.01 -1.57
C GLU A 34 4.89 13.94 -0.40
N VAL A 35 5.89 13.11 -0.48
CA VAL A 35 6.88 12.99 0.63
C VAL A 35 8.27 12.74 0.05
N ALA A 36 9.19 13.63 0.28
CA ALA A 36 10.57 13.44 -0.26
C ALA A 36 11.37 12.55 0.70
N GLU A 37 11.06 12.58 1.97
CA GLU A 37 11.81 11.73 2.93
C GLU A 37 11.79 10.28 2.47
N ALA A 38 10.72 9.86 1.83
CA ALA A 38 10.62 8.46 1.35
C ALA A 38 10.49 8.44 -0.18
N SER A 39 10.40 9.59 -0.78
CA SER A 39 10.27 9.65 -2.26
C SER A 39 8.97 8.99 -2.69
N GLY A 40 7.90 9.25 -1.99
CA GLY A 40 6.59 8.64 -2.36
C GLY A 40 5.45 9.46 -1.76
N TYR A 41 4.34 8.84 -1.45
CA TYR A 41 3.19 9.58 -0.86
C TYR A 41 2.89 9.02 0.53
N ASP A 42 2.36 9.85 1.39
CA ASP A 42 2.07 9.39 2.78
C ASP A 42 1.03 8.26 2.79
N LEU A 43 0.98 7.55 3.90
CA LEU A 43 0.00 6.45 4.07
C LEU A 43 -0.83 6.71 5.33
N GLY A 44 -2.12 6.60 5.24
CA GLY A 44 -3.01 6.82 6.42
C GLY A 44 -3.90 5.59 6.56
N GLY A 45 -4.91 5.66 7.38
CA GLY A 45 -5.82 4.49 7.55
C GLY A 45 -5.50 3.75 8.84
N ASP A 46 -5.67 2.45 8.85
CA ASP A 46 -5.38 1.66 10.08
C ASP A 46 -3.99 1.06 10.00
N THR A 47 -3.11 1.66 9.23
CA THR A 47 -1.72 1.12 9.08
C THR A 47 -1.20 0.63 10.44
N ALA A 48 -1.76 1.11 11.51
CA ALA A 48 -1.30 0.68 12.86
C ALA A 48 -1.72 -0.78 13.11
N CYS A 49 -2.36 -1.39 12.14
CA CYS A 49 -2.80 -2.81 12.32
C CYS A 49 -1.85 -3.72 11.54
N LEU A 50 -1.14 -3.17 10.59
CA LEU A 50 -0.20 -3.99 9.78
C LEU A 50 0.96 -4.48 10.64
N THR A 51 0.97 -4.13 11.90
CA THR A 51 2.09 -4.59 12.78
C THR A 51 2.02 -6.11 12.92
N ARG A 52 1.14 -6.74 12.20
CA ARG A 52 1.01 -8.23 12.27
C ARG A 52 1.49 -8.84 10.94
N TRP A 53 1.53 -8.05 9.89
CA TRP A 53 2.00 -8.56 8.57
C TRP A 53 3.29 -7.85 8.17
N LEU A 54 3.43 -6.61 8.57
CA LEU A 54 4.65 -5.83 8.22
C LEU A 54 5.57 -5.77 9.45
N PRO A 55 6.86 -5.55 9.27
CA PRO A 55 7.80 -5.48 10.42
C PRO A 55 7.73 -4.12 11.13
N SER A 56 7.12 -3.15 10.50
CA SER A 56 7.01 -1.81 11.12
C SER A 56 5.78 -1.09 10.54
N GLU A 57 5.27 -0.09 11.23
CA GLU A 57 4.09 0.64 10.71
C GLU A 57 4.50 1.49 9.49
N PRO A 58 3.92 1.27 8.32
CA PRO A 58 4.28 2.07 7.11
C PRO A 58 3.69 3.48 7.13
N ARG A 59 4.53 4.46 7.06
CA ARG A 59 4.04 5.88 7.06
C ARG A 59 4.14 6.46 5.65
N ALA A 60 4.75 5.73 4.72
CA ALA A 60 4.86 6.25 3.33
C ALA A 60 4.20 5.29 2.35
N TRP A 61 4.33 5.57 1.09
CA TRP A 61 3.69 4.72 0.04
C TRP A 61 4.24 5.17 -1.32
N ARG A 62 4.71 4.26 -2.13
CA ARG A 62 5.28 4.69 -3.45
C ARG A 62 4.99 3.67 -4.55
N PRO A 63 4.14 3.98 -5.52
CA PRO A 63 3.85 3.05 -6.65
C PRO A 63 5.12 2.65 -7.38
N THR A 64 5.22 1.41 -7.80
CA THR A 64 6.44 0.96 -8.54
C THR A 64 6.01 0.46 -9.93
N PRO A 65 6.91 0.44 -10.87
CA PRO A 65 6.60 -0.03 -12.26
C PRO A 65 6.15 -1.49 -12.30
N ALA A 66 5.44 -1.94 -11.28
CA ALA A 66 4.98 -3.36 -11.28
C ALA A 66 4.00 -3.59 -10.13
N GLY A 67 3.47 -2.54 -9.55
CA GLY A 67 2.49 -2.74 -8.44
C GLY A 67 2.57 -1.60 -7.43
N ILE A 68 2.61 -1.92 -6.16
CA ILE A 68 2.68 -0.87 -5.11
C ILE A 68 3.69 -1.27 -4.03
N ALA A 69 4.39 -0.30 -3.50
CA ALA A 69 5.39 -0.59 -2.43
C ALA A 69 5.04 0.27 -1.21
N LEU A 70 5.27 -0.25 -0.04
CA LEU A 70 4.96 0.53 1.20
C LEU A 70 6.28 0.87 1.89
N LEU A 71 6.43 2.06 2.42
CA LEU A 71 7.72 2.42 3.10
C LEU A 71 7.44 2.84 4.55
N GLU A 72 8.47 3.13 5.30
CA GLU A 72 8.28 3.53 6.73
C GLU A 72 8.84 4.94 6.97
N ARG A 73 9.00 5.74 5.94
CA ARG A 73 9.55 7.12 6.13
C ARG A 73 11.07 7.06 6.25
N GLY A 74 11.70 6.19 5.51
CA GLY A 74 13.18 6.09 5.57
C GLY A 74 13.71 5.52 4.25
N GLY A 75 12.83 5.00 3.42
CA GLY A 75 13.28 4.43 2.12
C GLY A 75 13.42 2.91 2.25
N LEU A 76 13.16 2.38 3.42
CA LEU A 76 13.27 0.92 3.61
C LEU A 76 11.97 0.25 3.18
N THR A 77 11.91 -0.24 1.97
CA THR A 77 10.65 -0.89 1.50
C THR A 77 10.25 -1.99 2.47
N LEU A 78 9.02 -1.96 2.92
CA LEU A 78 8.56 -3.01 3.87
C LEU A 78 7.95 -4.18 3.08
N MET A 79 7.25 -3.88 2.02
CA MET A 79 6.63 -4.98 1.22
C MET A 79 6.28 -4.49 -0.19
N LEU A 80 6.42 -5.35 -1.16
CA LEU A 80 6.09 -4.96 -2.56
C LEU A 80 4.82 -5.69 -2.99
N LEU A 81 3.71 -5.00 -3.00
CA LEU A 81 2.44 -5.64 -3.43
C LEU A 81 2.38 -5.63 -4.96
N GLY A 82 2.24 -6.78 -5.58
CA GLY A 82 2.21 -6.83 -7.07
C GLY A 82 0.77 -6.93 -7.57
N ARG A 83 0.48 -6.28 -8.67
CA ARG A 83 -0.91 -6.35 -9.24
C ARG A 83 -1.13 -7.73 -9.84
N GLN A 84 -2.13 -8.44 -9.40
CA GLN A 84 -2.38 -9.80 -9.97
C GLN A 84 -3.41 -9.69 -11.10
N GLY A 85 -4.28 -8.72 -11.03
CA GLY A 85 -5.30 -8.56 -12.11
C GLY A 85 -6.31 -7.48 -11.69
N GLU A 86 -6.36 -6.40 -12.41
CA GLU A 86 -7.31 -5.31 -12.06
C GLU A 86 -6.80 -4.56 -10.82
N GLY A 87 -7.68 -3.89 -10.12
CA GLY A 87 -7.23 -3.15 -8.90
C GLY A 87 -6.97 -4.14 -7.77
N ASP A 88 -6.59 -5.35 -8.10
CA ASP A 88 -6.31 -6.37 -7.06
C ASP A 88 -4.80 -6.64 -6.97
N TYR A 89 -4.27 -6.68 -5.78
CA TYR A 89 -2.81 -6.93 -5.61
C TYR A 89 -2.61 -8.01 -4.55
N ARG A 90 -1.64 -8.85 -4.72
CA ARG A 90 -1.40 -9.93 -3.72
C ARG A 90 0.10 -10.16 -3.60
N VAL A 91 0.53 -10.67 -2.47
CA VAL A 91 1.98 -10.93 -2.27
C VAL A 91 2.17 -12.20 -1.45
N GLN A 92 3.19 -12.96 -1.75
CA GLN A 92 3.43 -14.21 -0.99
C GLN A 92 3.96 -13.87 0.41
N LYS A 93 3.15 -14.02 1.42
CA LYS A 93 3.59 -13.70 2.80
C LYS A 93 4.15 -14.96 3.46
N GLY A 94 5.28 -15.43 3.01
CA GLY A 94 5.88 -16.66 3.61
C GLY A 94 5.30 -17.89 2.92
N ASP A 95 4.11 -18.28 3.26
CA ASP A 95 3.49 -19.48 2.63
C ASP A 95 2.13 -19.75 3.26
N GLY A 96 1.12 -19.02 2.86
CA GLY A 96 -0.24 -19.24 3.42
C GLY A 96 -0.95 -17.89 3.59
N GLY A 97 -0.41 -17.01 4.40
CA GLY A 97 -1.06 -15.69 4.60
C GLY A 97 -1.16 -14.95 3.28
N GLN A 98 -2.33 -14.90 2.71
CA GLN A 98 -2.52 -14.19 1.42
C GLN A 98 -3.14 -12.83 1.66
N LEU A 99 -2.39 -11.79 1.40
CA LEU A 99 -2.92 -10.42 1.59
C LEU A 99 -3.60 -9.98 0.31
N VAL A 100 -4.66 -9.21 0.42
CA VAL A 100 -5.38 -8.75 -0.81
C VAL A 100 -5.78 -7.28 -0.64
N LEU A 101 -5.16 -6.39 -1.37
CA LEU A 101 -5.51 -4.94 -1.26
C LEU A 101 -6.51 -4.59 -2.37
N ARG A 102 -7.72 -4.20 -2.02
CA ARG A 102 -8.72 -3.85 -3.07
C ARG A 102 -9.38 -2.51 -2.72
N ARG A 103 -9.47 -1.65 -3.69
CA ARG A 103 -10.10 -0.32 -3.45
C ARG A 103 -11.43 -0.50 -2.73
N ALA A 104 -11.66 0.26 -1.69
CA ALA A 104 -12.94 0.15 -0.95
C ALA A 104 -14.11 0.50 -1.87
N THR A 105 -15.20 -0.19 -1.76
CA THR A 105 -16.38 0.10 -2.62
C THR A 105 -17.65 0.14 -1.77
N PRO A 106 -17.68 1.01 -0.80
CA PRO A 106 -18.86 1.16 0.11
C PRO A 106 -20.07 1.78 -0.60
#